data_2ESE
#
_entry.id   2ESE
#
_cell.length_a   1.000
_cell.length_b   1.000
_cell.length_c   1.000
_cell.angle_alpha   90.00
_cell.angle_beta   90.00
_cell.angle_gamma   90.00
#
_symmetry.space_group_name_H-M   'P 1'
#
loop_
_entity.id
_entity.type
_entity.pdbx_description
1 polymer "5'-R(*GP*GP*AP*GP*AP*GP*GP*CP*UP*CP*UP*GP*GP*CP*AP*GP*CP*UP*UP*UP*UP*CP*C)-3'"
2 polymer Vts1p
#
loop_
_entity_poly.entity_id
_entity_poly.type
_entity_poly.pdbx_seq_one_letter_code
_entity_poly.pdbx_strand_id
1 'polyribonucleotide' GGAGAGGCUCUGGCAGCUUUUCC B
2 'polypeptide(L)'
;MGSSHHHHHHSSGLVPRGSHMPKSLTDPKLLKNIPMWLKSLRLHKYSDALSGTPWIELIYLDDETLEKKGVLALGARRKL
LKAFGIVIDYKERDLIDRSAY
;
A
#
# COMPACT_ATOMS: atom_id res chain seq x y z
N MET B 21 -8.68 6.20 -8.24
CA MET B 21 -7.80 7.39 -8.32
C MET B 21 -7.46 7.90 -6.92
N PRO B 22 -6.25 7.60 -6.41
CA PRO B 22 -5.76 8.13 -5.13
C PRO B 22 -5.36 9.61 -5.23
N LYS B 23 -5.16 10.26 -4.08
CA LYS B 23 -4.75 11.68 -3.96
C LYS B 23 -3.62 11.95 -2.96
N SER B 24 -3.26 10.97 -2.12
CA SER B 24 -2.25 11.11 -1.05
C SER B 24 -1.38 9.85 -0.93
N LEU B 25 -1.88 8.80 -0.26
CA LEU B 25 -1.22 7.53 0.11
C LEU B 25 -0.03 7.66 1.06
N THR B 26 0.78 8.70 0.91
CA THR B 26 1.92 9.18 1.74
C THR B 26 1.48 9.73 3.11
N ASP B 27 0.35 9.25 3.64
CA ASP B 27 -0.35 9.76 4.82
C ASP B 27 -0.17 8.77 5.98
N PRO B 28 0.30 9.20 7.16
CA PRO B 28 0.71 8.26 8.21
C PRO B 28 -0.45 7.51 8.85
N LYS B 29 -1.64 8.12 8.78
CA LYS B 29 -2.86 7.53 9.36
C LYS B 29 -3.32 6.37 8.49
N LEU B 30 -3.27 6.56 7.17
CA LEU B 30 -3.50 5.49 6.20
C LEU B 30 -2.38 4.45 6.25
N LEU B 31 -1.11 4.88 6.22
CA LEU B 31 0.02 3.97 6.23
C LEU B 31 0.03 3.06 7.49
N LYS B 32 -0.25 3.62 8.67
CA LYS B 32 -0.45 2.80 9.89
C LYS B 32 -1.72 1.93 9.88
N ASN B 33 -2.78 2.38 9.18
CA ASN B 33 -4.05 1.65 9.11
C ASN B 33 -4.37 1.17 7.68
N ILE B 34 -3.78 0.02 7.33
CA ILE B 34 -3.88 -0.56 5.97
C ILE B 34 -5.29 -0.57 5.35
N PRO B 35 -6.37 -0.93 6.09
CA PRO B 35 -7.74 -0.81 5.57
C PRO B 35 -8.09 0.58 5.01
N MET B 36 -7.65 1.66 5.67
CA MET B 36 -8.02 3.02 5.27
C MET B 36 -7.09 3.56 4.17
N TRP B 37 -5.84 3.06 4.08
CA TRP B 37 -4.99 3.28 2.92
C TRP B 37 -5.67 2.75 1.65
N LEU B 38 -6.20 1.52 1.74
CA LEU B 38 -6.89 0.80 0.69
C LEU B 38 -8.31 1.32 0.39
N LYS B 39 -8.98 1.95 1.37
CA LYS B 39 -10.22 2.71 1.14
C LYS B 39 -10.07 3.78 0.05
N SER B 40 -8.99 4.56 0.16
CA SER B 40 -8.65 5.57 -0.87
C SER B 40 -8.28 5.01 -2.26
N LEU B 41 -8.24 3.68 -2.43
CA LEU B 41 -7.85 2.96 -3.64
C LEU B 41 -8.96 2.06 -4.21
N ARG B 42 -10.15 2.05 -3.60
CA ARG B 42 -11.26 1.13 -3.99
C ARG B 42 -10.92 -0.36 -3.94
N LEU B 43 -9.83 -0.69 -3.24
CA LEU B 43 -9.38 -2.07 -3.05
C LEU B 43 -9.70 -2.59 -1.64
N HIS B 44 -10.44 -1.80 -0.84
CA HIS B 44 -10.82 -2.18 0.53
C HIS B 44 -11.65 -3.48 0.70
N LYS B 45 -11.87 -4.23 -0.39
CA LYS B 45 -12.45 -5.59 -0.29
C LYS B 45 -11.34 -6.61 -0.03
N TYR B 46 -10.14 -6.26 -0.53
CA TYR B 46 -8.95 -7.06 -0.35
C TYR B 46 -8.17 -6.61 0.91
N SER B 47 -8.77 -5.78 1.78
CA SER B 47 -8.11 -5.30 2.99
C SER B 47 -7.64 -6.41 3.93
N ASP B 48 -8.33 -7.55 3.99
CA ASP B 48 -7.90 -8.69 4.80
C ASP B 48 -6.81 -9.51 4.09
N ALA B 49 -6.80 -9.46 2.75
CA ALA B 49 -5.77 -10.13 1.96
C ALA B 49 -4.42 -9.37 2.03
N LEU B 50 -4.53 -8.06 2.23
CA LEU B 50 -3.37 -7.16 2.32
C LEU B 50 -3.00 -6.81 3.77
N SER B 51 -3.90 -7.11 4.71
CA SER B 51 -3.59 -7.07 6.15
C SER B 51 -2.62 -8.21 6.54
N GLY B 52 -2.18 -8.22 7.80
CA GLY B 52 -1.07 -9.09 8.24
C GLY B 52 0.28 -8.71 7.61
N THR B 53 0.33 -7.57 6.91
CA THR B 53 1.56 -7.07 6.28
C THR B 53 1.60 -5.55 6.49
N PRO B 54 2.64 -4.99 7.14
CA PRO B 54 2.73 -3.55 7.36
C PRO B 54 3.04 -2.81 6.08
N TRP B 55 2.75 -1.52 6.07
CA TRP B 55 2.86 -0.71 4.85
C TRP B 55 4.31 -0.70 4.34
N ILE B 56 5.24 -0.29 5.21
CA ILE B 56 6.70 -0.36 4.95
C ILE B 56 7.21 -1.58 4.13
N GLU B 57 6.48 -2.71 4.17
CA GLU B 57 6.88 -3.93 3.46
C GLU B 57 5.92 -4.28 2.33
N LEU B 58 4.61 -4.07 2.56
CA LEU B 58 3.60 -4.21 1.51
C LEU B 58 4.07 -3.51 0.23
N ILE B 59 4.33 -2.21 0.29
CA ILE B 59 4.86 -1.50 -0.87
C ILE B 59 5.96 -2.28 -1.66
N TYR B 60 6.84 -3.04 -0.98
CA TYR B 60 7.88 -3.82 -1.65
C TYR B 60 7.39 -5.10 -2.35
N LEU B 61 6.10 -5.44 -2.20
CA LEU B 61 5.49 -6.53 -2.94
C LEU B 61 5.70 -6.50 -4.44
N ASP B 62 5.59 -7.72 -4.93
CA ASP B 62 5.63 -8.00 -6.35
C ASP B 62 4.28 -8.52 -6.86
N ASP B 63 4.14 -8.52 -8.18
CA ASP B 63 2.93 -9.03 -8.85
C ASP B 63 2.58 -10.48 -8.44
N GLU B 64 3.63 -11.30 -8.33
CA GLU B 64 3.50 -12.67 -7.82
C GLU B 64 3.12 -12.71 -6.34
N THR B 65 3.71 -11.84 -5.52
CA THR B 65 3.30 -11.70 -4.12
C THR B 65 1.81 -11.35 -4.02
N LEU B 66 1.33 -10.41 -4.84
CA LEU B 66 -0.08 -10.00 -4.83
C LEU B 66 -1.03 -11.16 -5.15
N GLU B 67 -0.83 -11.98 -6.19
CA GLU B 67 -1.70 -13.11 -6.43
C GLU B 67 -1.64 -14.17 -5.31
N LYS B 68 -0.50 -14.28 -4.61
CA LYS B 68 -0.40 -15.12 -3.40
C LYS B 68 -1.00 -14.46 -2.13
N LYS B 69 -1.16 -13.13 -2.13
CA LYS B 69 -1.86 -12.43 -1.05
C LYS B 69 -3.38 -12.64 -1.15
N GLY B 70 -3.88 -12.79 -2.38
CA GLY B 70 -5.34 -12.80 -2.65
C GLY B 70 -5.77 -11.72 -3.65
N VAL B 71 -4.80 -11.13 -4.38
CA VAL B 71 -5.07 -10.01 -5.29
C VAL B 71 -5.08 -10.56 -6.73
N LEU B 72 -6.04 -11.44 -7.02
CA LEU B 72 -6.03 -12.23 -8.26
C LEU B 72 -6.36 -11.40 -9.51
N ALA B 73 -7.16 -10.34 -9.39
CA ALA B 73 -7.46 -9.48 -10.54
C ALA B 73 -6.20 -8.78 -11.07
N LEU B 74 -6.07 -8.69 -12.38
CA LEU B 74 -4.96 -7.96 -13.03
C LEU B 74 -5.00 -6.47 -12.69
N GLY B 75 -6.19 -5.87 -12.74
CA GLY B 75 -6.34 -4.43 -12.50
C GLY B 75 -5.94 -4.09 -11.07
N ALA B 76 -6.64 -4.69 -10.11
CA ALA B 76 -6.21 -4.66 -8.71
C ALA B 76 -4.68 -4.65 -8.54
N ARG B 77 -4.01 -5.77 -8.86
CA ARG B 77 -2.57 -5.94 -8.60
C ARG B 77 -1.71 -4.84 -9.21
N ARG B 78 -1.96 -4.48 -10.48
CA ARG B 78 -1.24 -3.40 -11.15
C ARG B 78 -1.37 -2.08 -10.40
N LYS B 79 -2.56 -1.80 -9.85
CA LYS B 79 -2.82 -0.56 -9.12
C LYS B 79 -2.21 -0.57 -7.72
N LEU B 80 -1.97 -1.75 -7.10
CA LEU B 80 -1.16 -1.83 -5.90
C LEU B 80 0.27 -1.40 -6.23
N LEU B 81 0.87 -1.94 -7.30
CA LEU B 81 2.26 -1.63 -7.67
C LEU B 81 2.49 -0.12 -7.89
N LYS B 82 1.49 0.52 -8.49
CA LYS B 82 1.47 2.00 -8.61
C LYS B 82 1.42 2.69 -7.24
N ALA B 83 0.37 2.40 -6.48
CA ALA B 83 0.18 2.96 -5.15
C ALA B 83 1.46 2.85 -4.28
N PHE B 84 2.04 1.66 -4.28
CA PHE B 84 3.29 1.23 -3.68
C PHE B 84 4.52 2.01 -4.18
N GLY B 85 4.68 2.23 -5.48
CA GLY B 85 5.86 2.94 -5.99
C GLY B 85 5.89 4.40 -5.53
N ILE B 86 4.70 4.96 -5.31
CA ILE B 86 4.58 6.31 -4.82
C ILE B 86 5.01 6.36 -3.36
N VAL B 87 4.23 5.78 -2.44
CA VAL B 87 4.69 5.76 -1.02
C VAL B 87 6.20 5.43 -0.85
N ILE B 88 6.71 4.29 -1.38
CA ILE B 88 8.18 4.02 -1.44
C ILE B 88 8.99 5.23 -1.80
N ASP B 89 8.54 5.97 -2.80
CA ASP B 89 9.27 7.16 -3.27
C ASP B 89 9.43 8.14 -2.12
N TYR B 90 8.31 8.51 -1.51
CA TYR B 90 8.32 9.36 -0.31
C TYR B 90 9.07 8.77 0.89
N LYS B 91 9.13 7.43 1.00
CA LYS B 91 9.95 6.76 2.02
C LYS B 91 11.43 6.98 1.75
N GLU B 92 11.79 6.81 0.49
CA GLU B 92 13.18 7.01 0.03
C GLU B 92 13.59 8.50 0.04
N ARG B 93 12.61 9.40 0.20
CA ARG B 93 12.86 10.84 0.36
C ARG B 93 12.74 11.29 1.81
N ASP B 94 12.05 10.50 2.64
CA ASP B 94 11.88 10.80 4.08
C ASP B 94 10.83 11.89 4.36
N LEU B 95 9.94 12.16 3.40
CA LEU B 95 8.89 13.20 3.55
C LEU B 95 7.73 12.75 4.45
N ILE B 96 7.74 11.47 4.78
CA ILE B 96 6.65 10.84 5.57
C ILE B 96 6.84 11.15 7.06
N ASP B 97 5.72 11.15 7.76
CA ASP B 97 5.72 11.43 9.19
C ASP B 97 6.15 10.19 9.98
N ARG B 98 6.82 10.44 11.08
CA ARG B 98 7.27 9.37 12.00
C ARG B 98 6.13 8.56 12.63
N SER B 99 4.91 9.10 12.54
CA SER B 99 3.71 8.38 13.02
C SER B 99 3.22 7.29 12.06
N ALA B 100 3.66 7.27 10.80
CA ALA B 100 3.32 6.19 9.87
C ALA B 100 3.98 4.85 10.27
N TYR B 101 5.19 4.97 10.82
CA TYR B 101 6.01 3.80 11.18
C TYR B 101 5.44 3.00 12.37
N MET B 21 -5.86 11.06 -7.33
CA MET B 21 -6.85 10.03 -6.92
C MET B 21 -6.74 9.70 -5.42
N PRO B 22 -5.64 9.12 -4.90
CA PRO B 22 -5.49 8.89 -3.45
C PRO B 22 -5.36 10.20 -2.66
N LYS B 23 -5.47 10.12 -1.33
CA LYS B 23 -5.22 11.25 -0.41
C LYS B 23 -3.80 11.80 -0.58
N SER B 24 -2.82 10.97 -0.20
CA SER B 24 -1.38 11.24 -0.27
C SER B 24 -0.54 9.95 -0.18
N LEU B 25 -1.08 8.90 0.47
CA LEU B 25 -0.53 7.57 0.75
C LEU B 25 0.69 7.57 1.69
N THR B 26 1.52 8.60 1.64
CA THR B 26 2.67 8.90 2.51
C THR B 26 2.25 9.39 3.92
N ASP B 27 1.03 9.06 4.33
CA ASP B 27 0.33 9.55 5.51
C ASP B 27 0.53 8.54 6.65
N PRO B 28 1.02 8.94 7.84
CA PRO B 28 1.44 7.97 8.85
C PRO B 28 0.28 7.19 9.47
N LYS B 29 -0.91 7.78 9.42
CA LYS B 29 -2.12 7.18 9.98
C LYS B 29 -2.59 6.04 9.07
N LEU B 30 -2.57 6.28 7.76
CA LEU B 30 -2.83 5.25 6.76
C LEU B 30 -1.70 4.21 6.76
N LEU B 31 -0.43 4.65 6.71
CA LEU B 31 0.70 3.74 6.67
C LEU B 31 0.72 2.79 7.89
N LYS B 32 0.45 3.30 9.10
CA LYS B 32 0.30 2.45 10.30
C LYS B 32 -0.99 1.60 10.31
N ASN B 33 -2.04 2.04 9.61
CA ASN B 33 -3.32 1.33 9.55
C ASN B 33 -3.67 0.90 8.12
N ILE B 34 -3.10 -0.24 7.72
CA ILE B 34 -3.21 -0.77 6.33
C ILE B 34 -4.63 -0.77 5.73
N PRO B 35 -5.71 -1.13 6.46
CA PRO B 35 -7.08 -1.00 5.95
C PRO B 35 -7.43 0.42 5.46
N MET B 36 -7.00 1.46 6.17
CA MET B 36 -7.35 2.84 5.84
C MET B 36 -6.45 3.41 4.73
N TRP B 37 -5.22 2.89 4.61
CA TRP B 37 -4.39 3.14 3.43
C TRP B 37 -5.08 2.64 2.16
N LEU B 38 -5.63 1.41 2.21
CA LEU B 38 -6.33 0.78 1.11
C LEU B 38 -7.73 1.37 0.84
N LYS B 39 -8.40 1.89 1.89
CA LYS B 39 -9.61 2.73 1.72
C LYS B 39 -9.39 3.90 0.78
N SER B 40 -8.24 4.57 0.93
CA SER B 40 -7.84 5.70 0.07
C SER B 40 -7.57 5.33 -1.41
N LEU B 41 -7.64 4.03 -1.76
CA LEU B 41 -7.48 3.51 -3.13
C LEU B 41 -8.76 2.84 -3.67
N ARG B 42 -9.80 2.70 -2.84
CA ARG B 42 -11.01 1.90 -3.19
C ARG B 42 -10.71 0.41 -3.46
N LEU B 43 -9.61 -0.06 -2.86
CA LEU B 43 -9.23 -1.48 -2.93
C LEU B 43 -9.38 -2.18 -1.57
N HIS B 44 -10.14 -1.54 -0.67
CA HIS B 44 -10.44 -2.07 0.68
C HIS B 44 -11.24 -3.40 0.72
N LYS B 45 -11.26 -4.13 -0.41
CA LYS B 45 -11.80 -5.49 -0.43
C LYS B 45 -10.77 -6.47 0.11
N TYR B 46 -9.50 -6.04 -0.02
CA TYR B 46 -8.36 -6.91 0.27
C TYR B 46 -7.61 -6.43 1.53
N SER B 47 -8.25 -5.58 2.34
CA SER B 47 -7.63 -5.01 3.54
C SER B 47 -7.00 -6.05 4.45
N ASP B 48 -7.72 -7.12 4.79
CA ASP B 48 -7.21 -8.15 5.70
C ASP B 48 -6.15 -9.04 5.02
N ALA B 49 -6.21 -9.11 3.70
CA ALA B 49 -5.27 -9.91 2.92
C ALA B 49 -3.90 -9.22 2.80
N LEU B 50 -3.92 -7.89 2.99
CA LEU B 50 -2.71 -7.07 2.92
C LEU B 50 -2.30 -6.55 4.31
N SER B 51 -3.22 -6.56 5.28
CA SER B 51 -2.92 -6.20 6.68
C SER B 51 -2.00 -7.21 7.40
N GLY B 52 -1.83 -8.42 6.83
CA GLY B 52 -0.81 -9.36 7.31
C GLY B 52 0.64 -8.94 6.96
N THR B 53 0.80 -7.80 6.28
CA THR B 53 2.12 -7.29 5.88
C THR B 53 2.19 -5.79 6.24
N PRO B 54 3.25 -5.30 6.94
CA PRO B 54 3.37 -3.89 7.26
C PRO B 54 3.67 -3.05 6.04
N TRP B 55 3.37 -1.77 6.12
CA TRP B 55 3.44 -0.87 4.95
C TRP B 55 4.87 -0.83 4.39
N ILE B 56 5.82 -0.50 5.27
CA ILE B 56 7.27 -0.55 4.97
C ILE B 56 7.74 -1.68 4.03
N GLU B 57 7.03 -2.80 4.00
CA GLU B 57 7.39 -3.95 3.17
C GLU B 57 6.33 -4.26 2.11
N LEU B 58 5.06 -3.94 2.41
CA LEU B 58 3.97 -4.07 1.46
C LEU B 58 4.34 -3.44 0.12
N ILE B 59 4.72 -2.18 0.19
CA ILE B 59 5.22 -1.48 -0.99
C ILE B 59 6.21 -2.29 -1.87
N TYR B 60 7.04 -3.17 -1.29
CA TYR B 60 8.01 -3.98 -2.04
C TYR B 60 7.46 -5.28 -2.64
N LEU B 61 6.16 -5.50 -2.50
CA LEU B 61 5.47 -6.61 -3.19
C LEU B 61 5.59 -6.52 -4.72
N ASP B 62 5.17 -7.61 -5.37
CA ASP B 62 5.19 -7.70 -6.83
C ASP B 62 3.84 -8.17 -7.37
N ASP B 63 3.66 -7.99 -8.68
CA ASP B 63 2.41 -8.36 -9.37
C ASP B 63 1.96 -9.80 -9.09
N GLU B 64 2.91 -10.72 -9.23
CA GLU B 64 2.67 -12.13 -8.93
C GLU B 64 2.33 -12.36 -7.47
N THR B 65 3.09 -11.74 -6.56
CA THR B 65 2.85 -11.92 -5.11
C THR B 65 1.50 -11.35 -4.71
N LEU B 66 1.05 -10.24 -5.31
CA LEU B 66 -0.32 -9.74 -5.11
C LEU B 66 -1.35 -10.80 -5.51
N GLU B 67 -1.22 -11.38 -6.71
CA GLU B 67 -2.10 -12.47 -7.16
C GLU B 67 -2.11 -13.65 -6.15
N LYS B 68 -0.98 -14.00 -5.53
CA LYS B 68 -0.92 -15.11 -4.56
C LYS B 68 -1.25 -14.71 -3.12
N LYS B 69 -1.44 -13.41 -2.88
CA LYS B 69 -1.77 -12.88 -1.54
C LYS B 69 -3.27 -12.61 -1.35
N GLY B 70 -4.07 -12.75 -2.40
CA GLY B 70 -5.51 -12.46 -2.35
C GLY B 70 -5.92 -11.24 -3.18
N VAL B 71 -4.99 -10.75 -4.01
CA VAL B 71 -5.23 -9.57 -4.87
C VAL B 71 -5.30 -10.09 -6.31
N LEU B 72 -6.29 -10.95 -6.54
CA LEU B 72 -6.37 -11.75 -7.78
C LEU B 72 -6.54 -10.91 -9.04
N ALA B 73 -7.23 -9.78 -8.93
CA ALA B 73 -7.53 -8.94 -10.08
C ALA B 73 -6.29 -8.18 -10.58
N LEU B 74 -6.17 -8.10 -11.91
CA LEU B 74 -5.10 -7.34 -12.55
C LEU B 74 -5.22 -5.84 -12.26
N GLY B 75 -6.44 -5.28 -12.40
CA GLY B 75 -6.67 -3.85 -12.18
C GLY B 75 -6.26 -3.42 -10.77
N ALA B 76 -6.94 -4.03 -9.79
CA ALA B 76 -6.51 -3.94 -8.38
C ALA B 76 -4.98 -3.87 -8.19
N ARG B 77 -4.29 -4.97 -8.50
CA ARG B 77 -2.86 -5.11 -8.18
C ARG B 77 -1.96 -4.08 -8.89
N ARG B 78 -2.25 -3.71 -10.15
CA ARG B 78 -1.51 -2.64 -10.82
C ARG B 78 -1.63 -1.30 -10.10
N LYS B 79 -2.79 -1.04 -9.47
CA LYS B 79 -2.96 0.17 -8.65
C LYS B 79 -2.26 0.07 -7.29
N LEU B 80 -2.03 -1.14 -6.75
CA LEU B 80 -1.15 -1.31 -5.60
C LEU B 80 0.28 -0.93 -6.00
N LEU B 81 0.79 -1.42 -7.14
CA LEU B 81 2.17 -1.14 -7.57
C LEU B 81 2.46 0.35 -7.75
N LYS B 82 1.47 1.07 -8.27
CA LYS B 82 1.51 2.56 -8.30
C LYS B 82 1.56 3.17 -6.90
N ALA B 83 0.55 2.85 -6.09
CA ALA B 83 0.46 3.34 -4.72
C ALA B 83 1.78 3.13 -3.95
N PHE B 84 2.33 1.92 -4.06
CA PHE B 84 3.60 1.42 -3.57
C PHE B 84 4.81 2.22 -4.09
N GLY B 85 4.91 2.51 -5.38
CA GLY B 85 6.07 3.23 -5.90
C GLY B 85 6.17 4.65 -5.35
N ILE B 86 5.01 5.22 -5.04
CA ILE B 86 4.93 6.56 -4.46
C ILE B 86 5.47 6.51 -3.03
N VAL B 87 4.73 5.90 -2.11
CA VAL B 87 5.27 5.76 -0.72
C VAL B 87 6.77 5.39 -0.65
N ILE B 88 7.20 4.28 -1.28
CA ILE B 88 8.66 3.98 -1.43
C ILE B 88 9.50 5.20 -1.75
N ASP B 89 9.02 6.00 -2.68
CA ASP B 89 9.75 7.19 -3.12
C ASP B 89 10.00 8.10 -1.92
N TYR B 90 8.92 8.47 -1.23
CA TYR B 90 9.00 9.23 0.02
C TYR B 90 9.79 8.54 1.15
N LYS B 91 9.85 7.20 1.16
CA LYS B 91 10.67 6.45 2.11
C LYS B 91 12.15 6.61 1.79
N GLU B 92 12.45 6.53 0.49
CA GLU B 92 13.81 6.75 -0.02
C GLU B 92 14.24 8.22 0.06
N ARG B 93 13.29 9.14 0.31
CA ARG B 93 13.58 10.55 0.55
C ARG B 93 13.54 10.91 2.03
N ASP B 94 12.85 10.08 2.84
CA ASP B 94 12.74 10.30 4.29
C ASP B 94 11.79 11.46 4.68
N LEU B 95 10.86 11.80 3.78
CA LEU B 95 9.87 12.88 4.02
C LEU B 95 8.72 12.45 4.93
N ILE B 96 8.64 11.14 5.16
CA ILE B 96 7.55 10.53 5.93
C ILE B 96 7.70 10.84 7.42
N ASP B 97 6.57 10.83 8.10
CA ASP B 97 6.53 11.12 9.53
C ASP B 97 6.97 9.91 10.35
N ARG B 98 7.59 10.21 11.48
CA ARG B 98 8.11 9.19 12.41
C ARG B 98 7.03 8.29 13.04
N SER B 99 5.77 8.75 13.00
CA SER B 99 4.63 7.96 13.50
C SER B 99 4.10 6.91 12.51
N ALA B 100 4.51 6.95 11.23
CA ALA B 100 4.14 5.90 10.27
C ALA B 100 4.83 4.57 10.59
N TYR B 101 6.06 4.67 11.12
CA TYR B 101 6.90 3.50 11.40
C TYR B 101 6.40 2.67 12.60
N MET B 21 -8.40 7.08 -8.94
CA MET B 21 -7.08 7.71 -8.70
C MET B 21 -6.73 7.72 -7.21
N PRO B 22 -5.46 7.47 -6.82
CA PRO B 22 -4.96 7.62 -5.45
C PRO B 22 -5.28 9.01 -4.87
N LYS B 23 -6.24 9.12 -3.94
CA LYS B 23 -6.57 10.37 -3.23
C LYS B 23 -5.36 10.88 -2.43
N SER B 24 -4.79 10.00 -1.62
CA SER B 24 -3.56 10.17 -0.84
C SER B 24 -2.85 8.81 -0.68
N LEU B 25 -1.53 8.83 -0.47
CA LEU B 25 -0.68 7.64 -0.27
C LEU B 25 0.33 7.89 0.86
N THR B 26 1.24 8.85 0.65
CA THR B 26 2.29 9.35 1.54
C THR B 26 1.72 10.18 2.72
N ASP B 27 0.89 9.54 3.53
CA ASP B 27 0.17 10.10 4.68
C ASP B 27 0.28 9.11 5.86
N PRO B 28 0.73 9.53 7.05
CA PRO B 28 1.08 8.58 8.11
C PRO B 28 -0.14 7.90 8.72
N LYS B 29 -1.31 8.53 8.61
CA LYS B 29 -2.56 8.00 9.17
C LYS B 29 -3.03 6.83 8.29
N LEU B 30 -2.97 7.03 6.98
CA LEU B 30 -3.21 5.95 6.02
C LEU B 30 -2.14 4.87 6.16
N LEU B 31 -0.86 5.24 6.14
CA LEU B 31 0.24 4.29 6.25
C LEU B 31 0.17 3.45 7.54
N LYS B 32 -0.21 4.07 8.68
CA LYS B 32 -0.44 3.33 9.94
C LYS B 32 -1.55 2.27 9.80
N ASN B 33 -2.72 2.64 9.25
CA ASN B 33 -3.82 1.70 9.09
C ASN B 33 -4.14 1.38 7.62
N ILE B 34 -3.59 0.23 7.19
CA ILE B 34 -3.75 -0.29 5.81
C ILE B 34 -5.17 -0.20 5.22
N PRO B 35 -6.26 -0.52 5.95
CA PRO B 35 -7.62 -0.30 5.45
C PRO B 35 -7.88 1.13 4.93
N MET B 36 -7.39 2.17 5.61
CA MET B 36 -7.64 3.56 5.22
C MET B 36 -6.69 4.01 4.10
N TRP B 37 -5.46 3.48 4.04
CA TRP B 37 -4.59 3.63 2.87
C TRP B 37 -5.30 3.12 1.60
N LEU B 38 -5.94 1.95 1.69
CA LEU B 38 -6.68 1.29 0.63
C LEU B 38 -8.06 1.90 0.33
N LYS B 39 -8.70 2.55 1.32
CA LYS B 39 -9.88 3.38 1.10
C LYS B 39 -9.66 4.45 0.02
N SER B 40 -8.53 5.16 0.13
CA SER B 40 -8.10 6.13 -0.89
C SER B 40 -7.80 5.59 -2.31
N LEU B 41 -7.93 4.28 -2.53
CA LEU B 41 -7.59 3.58 -3.80
C LEU B 41 -8.76 2.79 -4.43
N ARG B 42 -9.92 2.74 -3.76
CA ARG B 42 -11.05 1.86 -4.18
C ARG B 42 -10.73 0.35 -4.15
N LEU B 43 -9.64 0.03 -3.46
CA LEU B 43 -9.20 -1.36 -3.27
C LEU B 43 -9.64 -1.93 -1.90
N HIS B 44 -10.37 -1.11 -1.11
CA HIS B 44 -10.76 -1.47 0.27
C HIS B 44 -11.66 -2.71 0.45
N LYS B 45 -11.91 -3.50 -0.60
CA LYS B 45 -12.53 -4.83 -0.42
C LYS B 45 -11.44 -5.81 0.03
N TYR B 46 -10.25 -5.60 -0.51
CA TYR B 46 -9.14 -6.51 -0.34
C TYR B 46 -8.27 -6.12 0.86
N SER B 47 -8.77 -5.24 1.74
CA SER B 47 -8.05 -4.82 2.95
C SER B 47 -7.58 -5.98 3.83
N ASP B 48 -8.31 -7.09 3.88
CA ASP B 48 -7.91 -8.24 4.68
C ASP B 48 -6.85 -9.12 4.01
N ALA B 49 -6.93 -9.16 2.68
CA ALA B 49 -5.92 -9.85 1.87
C ALA B 49 -4.57 -9.13 1.93
N LEU B 50 -4.65 -7.82 2.19
CA LEU B 50 -3.47 -6.94 2.22
C LEU B 50 -3.04 -6.60 3.67
N SER B 51 -3.92 -6.89 4.62
CA SER B 51 -3.58 -6.87 6.05
C SER B 51 -2.61 -8.02 6.41
N GLY B 52 -2.13 -8.02 7.66
CA GLY B 52 -1.02 -8.90 8.07
C GLY B 52 0.34 -8.48 7.47
N THR B 53 0.37 -7.34 6.75
CA THR B 53 1.58 -6.84 6.10
C THR B 53 1.64 -5.32 6.36
N PRO B 54 2.54 -4.81 7.23
CA PRO B 54 2.63 -3.37 7.51
C PRO B 54 3.03 -2.60 6.25
N TRP B 55 2.71 -1.31 6.18
CA TRP B 55 2.88 -0.55 4.93
C TRP B 55 4.32 -0.60 4.43
N ILE B 56 5.27 -0.29 5.32
CA ILE B 56 6.73 -0.45 5.07
C ILE B 56 7.16 -1.68 4.24
N GLU B 57 6.33 -2.73 4.25
CA GLU B 57 6.64 -4.00 3.59
C GLU B 57 5.64 -4.31 2.48
N LEU B 58 4.39 -3.84 2.65
CA LEU B 58 3.39 -3.95 1.61
C LEU B 58 3.95 -3.42 0.31
N ILE B 59 4.34 -2.16 0.32
CA ILE B 59 5.01 -1.57 -0.83
C ILE B 59 6.09 -2.49 -1.49
N TYR B 60 6.84 -3.27 -0.69
CA TYR B 60 7.85 -4.21 -1.21
C TYR B 60 7.27 -5.54 -1.78
N LEU B 61 5.95 -5.62 -1.91
CA LEU B 61 5.28 -6.70 -2.63
C LEU B 61 5.77 -6.83 -4.10
N ASP B 62 5.24 -7.88 -4.72
CA ASP B 62 5.47 -8.13 -6.15
C ASP B 62 4.14 -8.60 -6.76
N ASP B 63 4.08 -8.68 -8.09
CA ASP B 63 2.89 -9.18 -8.79
C ASP B 63 2.49 -10.61 -8.36
N GLU B 64 3.49 -11.46 -8.18
CA GLU B 64 3.29 -12.82 -7.66
C GLU B 64 2.84 -12.83 -6.19
N THR B 65 3.45 -11.99 -5.35
CA THR B 65 3.04 -11.88 -3.95
C THR B 65 1.59 -11.41 -3.84
N LEU B 66 1.19 -10.43 -4.65
CA LEU B 66 -0.19 -9.94 -4.68
C LEU B 66 -1.19 -11.03 -5.07
N GLU B 67 -1.02 -11.82 -6.14
CA GLU B 67 -1.94 -12.89 -6.44
C GLU B 67 -1.99 -13.97 -5.33
N LYS B 68 -0.89 -14.20 -4.60
CA LYS B 68 -0.89 -15.08 -3.41
C LYS B 68 -1.46 -14.42 -2.14
N LYS B 69 -1.56 -13.09 -2.09
CA LYS B 69 -2.25 -12.39 -1.00
C LYS B 69 -3.77 -12.51 -1.14
N GLY B 70 -4.26 -12.61 -2.38
CA GLY B 70 -5.69 -12.53 -2.68
C GLY B 70 -6.05 -11.45 -3.72
N VAL B 71 -5.05 -10.93 -4.44
CA VAL B 71 -5.24 -9.81 -5.37
C VAL B 71 -5.26 -10.37 -6.80
N LEU B 72 -6.28 -11.19 -7.09
CA LEU B 72 -6.31 -11.97 -8.34
C LEU B 72 -6.68 -11.15 -9.58
N ALA B 73 -7.41 -10.04 -9.41
CA ALA B 73 -7.73 -9.15 -10.53
C ALA B 73 -6.47 -8.45 -11.07
N LEU B 74 -6.36 -8.36 -12.39
CA LEU B 74 -5.25 -7.65 -13.04
C LEU B 74 -5.21 -6.18 -12.65
N GLY B 75 -6.37 -5.51 -12.72
CA GLY B 75 -6.46 -4.07 -12.45
C GLY B 75 -6.00 -3.75 -11.05
N ALA B 76 -6.73 -4.31 -10.07
CA ALA B 76 -6.28 -4.31 -8.66
C ALA B 76 -4.75 -4.38 -8.52
N ARG B 77 -4.17 -5.51 -8.92
CA ARG B 77 -2.73 -5.76 -8.79
C ARG B 77 -1.85 -4.63 -9.33
N ARG B 78 -2.05 -4.23 -10.59
CA ARG B 78 -1.30 -3.12 -11.18
C ARG B 78 -1.42 -1.82 -10.38
N LYS B 79 -2.60 -1.57 -9.80
CA LYS B 79 -2.83 -0.36 -8.99
C LYS B 79 -2.06 -0.39 -7.68
N LEU B 80 -1.86 -1.57 -7.07
CA LEU B 80 -1.00 -1.68 -5.90
C LEU B 80 0.45 -1.34 -6.29
N LEU B 81 0.99 -1.93 -7.36
CA LEU B 81 2.39 -1.71 -7.77
C LEU B 81 2.73 -0.23 -7.97
N LYS B 82 1.77 0.50 -8.54
CA LYS B 82 1.87 1.97 -8.69
C LYS B 82 1.87 2.67 -7.34
N ALA B 83 0.80 2.47 -6.57
CA ALA B 83 0.66 3.07 -5.25
C ALA B 83 1.91 2.86 -4.37
N PHE B 84 2.38 1.62 -4.33
CA PHE B 84 3.60 1.10 -3.72
C PHE B 84 4.88 1.78 -4.22
N GLY B 85 5.06 1.99 -5.51
CA GLY B 85 6.30 2.61 -6.01
C GLY B 85 6.43 4.06 -5.58
N ILE B 86 5.28 4.73 -5.41
CA ILE B 86 5.26 6.11 -4.97
C ILE B 86 5.66 6.19 -3.50
N VAL B 87 4.84 5.68 -2.58
CA VAL B 87 5.28 5.66 -1.15
C VAL B 87 6.76 5.25 -0.97
N ILE B 88 7.21 4.07 -1.45
CA ILE B 88 8.66 3.72 -1.48
C ILE B 88 9.56 4.87 -1.86
N ASP B 89 9.14 5.60 -2.88
CA ASP B 89 9.92 6.73 -3.37
C ASP B 89 10.11 7.75 -2.25
N TYR B 90 9.00 8.21 -1.66
CA TYR B 90 9.04 9.05 -0.46
C TYR B 90 9.74 8.44 0.76
N LYS B 91 9.79 7.11 0.87
CA LYS B 91 10.54 6.42 1.93
C LYS B 91 12.04 6.52 1.67
N GLU B 92 12.40 6.35 0.41
CA GLU B 92 13.78 6.51 -0.04
C GLU B 92 14.23 7.99 -0.04
N ARG B 93 13.26 8.92 -0.01
CA ARG B 93 13.54 10.35 0.19
C ARG B 93 13.47 10.74 1.68
N ASP B 94 12.75 9.94 2.47
CA ASP B 94 12.61 10.17 3.93
C ASP B 94 11.67 11.35 4.27
N LEU B 95 10.78 11.72 3.33
CA LEU B 95 9.81 12.82 3.54
C LEU B 95 8.62 12.40 4.41
N ILE B 96 8.55 11.11 4.70
CA ILE B 96 7.43 10.53 5.46
C ILE B 96 7.59 10.82 6.95
N ASP B 97 6.44 10.95 7.60
CA ASP B 97 6.40 11.31 9.00
C ASP B 97 6.65 10.07 9.86
N ARG B 98 7.37 10.28 10.95
CA ARG B 98 7.74 9.20 11.90
C ARG B 98 6.53 8.53 12.57
N SER B 99 5.36 9.16 12.47
CA SER B 99 4.09 8.57 12.94
C SER B 99 3.51 7.50 11.99
N ALA B 100 3.96 7.44 10.73
CA ALA B 100 3.54 6.39 9.81
C ALA B 100 4.07 5.01 10.23
N TYR B 101 5.30 5.01 10.76
CA TYR B 101 6.00 3.79 11.16
C TYR B 101 5.28 3.04 12.29
N MET B 21 -8.24 6.40 -9.35
CA MET B 21 -7.13 7.38 -9.35
C MET B 21 -6.78 7.77 -7.91
N PRO B 22 -5.56 7.49 -7.42
CA PRO B 22 -5.11 7.90 -6.09
C PRO B 22 -5.14 9.41 -5.85
N LYS B 23 -5.15 9.83 -4.58
CA LYS B 23 -5.17 11.26 -4.17
C LYS B 23 -4.14 11.65 -3.09
N SER B 24 -3.53 10.68 -2.41
CA SER B 24 -2.54 10.91 -1.34
C SER B 24 -1.53 9.76 -1.24
N LEU B 25 -1.95 8.63 -0.67
CA LEU B 25 -1.21 7.42 -0.31
C LEU B 25 -0.11 7.62 0.73
N THR B 26 0.73 8.63 0.56
CA THR B 26 1.79 9.15 1.46
C THR B 26 1.27 9.77 2.77
N ASP B 27 0.04 9.43 3.18
CA ASP B 27 -0.73 10.04 4.26
C ASP B 27 -0.66 9.16 5.52
N PRO B 28 -0.28 9.66 6.70
CA PRO B 28 0.02 8.80 7.85
C PRO B 28 -1.23 8.11 8.40
N LYS B 29 -2.39 8.74 8.24
CA LYS B 29 -3.65 8.22 8.76
C LYS B 29 -4.11 7.01 7.94
N LEU B 30 -3.92 7.10 6.62
CA LEU B 30 -4.12 5.96 5.72
C LEU B 30 -3.04 4.90 5.92
N LEU B 31 -1.76 5.30 5.92
CA LEU B 31 -0.65 4.38 6.09
C LEU B 31 -0.76 3.55 7.39
N LYS B 32 -1.22 4.16 8.50
CA LYS B 32 -1.59 3.40 9.71
C LYS B 32 -2.78 2.47 9.47
N ASN B 33 -3.87 3.04 8.95
CA ASN B 33 -5.12 2.31 8.75
C ASN B 33 -5.24 1.72 7.33
N ILE B 34 -4.60 0.56 7.15
CA ILE B 34 -4.53 -0.12 5.82
C ILE B 34 -5.86 -0.17 5.02
N PRO B 35 -7.03 -0.48 5.63
CA PRO B 35 -8.32 -0.39 4.94
C PRO B 35 -8.60 0.99 4.29
N MET B 36 -8.25 2.09 4.96
CA MET B 36 -8.54 3.44 4.46
C MET B 36 -7.50 3.90 3.44
N TRP B 37 -6.27 3.39 3.52
CA TRP B 37 -5.29 3.53 2.42
C TRP B 37 -5.85 2.93 1.13
N LEU B 38 -6.40 1.73 1.22
CA LEU B 38 -7.01 0.99 0.12
C LEU B 38 -8.37 1.56 -0.34
N LYS B 39 -9.11 2.25 0.54
CA LYS B 39 -10.28 3.05 0.14
C LYS B 39 -9.94 4.10 -0.91
N SER B 40 -8.83 4.82 -0.72
CA SER B 40 -8.30 5.76 -1.73
C SER B 40 -7.93 5.12 -3.09
N LEU B 41 -7.89 3.79 -3.17
CA LEU B 41 -7.50 3.00 -4.35
C LEU B 41 -8.63 2.15 -4.94
N ARG B 42 -9.85 2.26 -4.41
CA ARG B 42 -11.00 1.43 -4.89
C ARG B 42 -10.77 -0.09 -4.84
N LEU B 43 -9.82 -0.46 -3.99
CA LEU B 43 -9.46 -1.88 -3.77
C LEU B 43 -9.84 -2.34 -2.36
N HIS B 44 -10.64 -1.53 -1.66
CA HIS B 44 -11.07 -1.81 -0.29
C HIS B 44 -11.92 -3.09 -0.06
N LYS B 45 -12.00 -3.95 -1.07
CA LYS B 45 -12.57 -5.30 -0.88
C LYS B 45 -11.49 -6.23 -0.35
N TYR B 46 -10.25 -5.90 -0.71
CA TYR B 46 -9.09 -6.70 -0.36
C TYR B 46 -8.41 -6.14 0.91
N SER B 47 -9.05 -5.20 1.61
CA SER B 47 -8.51 -4.66 2.87
C SER B 47 -8.16 -5.73 3.91
N ASP B 48 -8.93 -6.82 3.96
CA ASP B 48 -8.67 -7.91 4.88
C ASP B 48 -7.61 -8.87 4.34
N ALA B 49 -7.48 -8.97 3.00
CA ALA B 49 -6.44 -9.79 2.40
C ALA B 49 -5.06 -9.12 2.56
N LEU B 50 -5.07 -7.79 2.56
CA LEU B 50 -3.86 -6.98 2.66
C LEU B 50 -3.57 -6.52 4.11
N SER B 51 -4.52 -6.75 5.01
CA SER B 51 -4.29 -6.61 6.46
C SER B 51 -3.34 -7.72 6.97
N GLY B 52 -2.89 -7.59 8.22
CA GLY B 52 -1.81 -8.43 8.74
C GLY B 52 -0.42 -8.11 8.14
N THR B 53 -0.34 -7.04 7.34
CA THR B 53 0.93 -6.58 6.76
C THR B 53 1.00 -5.05 6.92
N PRO B 54 2.02 -4.49 7.61
CA PRO B 54 2.13 -3.04 7.80
C PRO B 54 2.48 -2.37 6.50
N TRP B 55 2.18 -1.08 6.40
CA TRP B 55 2.36 -0.33 5.15
C TRP B 55 3.84 -0.33 4.75
N ILE B 56 4.69 0.12 5.68
CA ILE B 56 6.17 0.02 5.57
C ILE B 56 6.73 -1.23 4.84
N GLU B 57 5.98 -2.34 4.83
CA GLU B 57 6.39 -3.57 4.15
C GLU B 57 5.43 -3.98 3.03
N LEU B 58 4.14 -3.63 3.15
CA LEU B 58 3.15 -3.88 2.11
C LEU B 58 3.68 -3.38 0.76
N ILE B 59 4.05 -2.12 0.74
CA ILE B 59 4.70 -1.56 -0.44
C ILE B 59 5.76 -2.49 -1.11
N TYR B 60 6.52 -3.26 -0.33
CA TYR B 60 7.54 -4.17 -0.86
C TYR B 60 7.01 -5.55 -1.32
N LEU B 61 5.70 -5.70 -1.37
CA LEU B 61 5.06 -6.87 -2.00
C LEU B 61 5.45 -7.01 -3.48
N ASP B 62 5.07 -8.15 -4.04
CA ASP B 62 5.34 -8.46 -5.45
C ASP B 62 4.07 -9.01 -6.10
N ASP B 63 4.05 -9.05 -7.43
CA ASP B 63 2.87 -9.52 -8.18
C ASP B 63 2.45 -10.95 -7.84
N GLU B 64 3.44 -11.82 -7.63
CA GLU B 64 3.18 -13.20 -7.19
C GLU B 64 2.69 -13.27 -5.74
N THR B 65 3.30 -12.53 -4.83
CA THR B 65 2.82 -12.47 -3.45
C THR B 65 1.41 -11.91 -3.39
N LEU B 66 1.11 -10.88 -4.20
CA LEU B 66 -0.23 -10.32 -4.30
C LEU B 66 -1.27 -11.39 -4.69
N GLU B 67 -1.12 -12.17 -5.77
CA GLU B 67 -2.07 -13.20 -6.10
C GLU B 67 -2.17 -14.31 -5.05
N LYS B 68 -1.06 -14.63 -4.35
CA LYS B 68 -1.09 -15.60 -3.23
C LYS B 68 -1.66 -15.03 -1.92
N LYS B 69 -1.81 -13.69 -1.86
CA LYS B 69 -2.38 -13.01 -0.69
C LYS B 69 -3.90 -12.75 -0.84
N GLY B 70 -4.42 -12.88 -2.06
CA GLY B 70 -5.85 -12.62 -2.35
C GLY B 70 -6.10 -11.52 -3.39
N VAL B 71 -5.05 -11.11 -4.11
CA VAL B 71 -5.14 -10.02 -5.09
C VAL B 71 -5.09 -10.61 -6.50
N LEU B 72 -6.12 -11.40 -6.82
CA LEU B 72 -6.11 -12.24 -8.02
C LEU B 72 -6.18 -11.46 -9.34
N ALA B 73 -6.89 -10.33 -9.39
CA ALA B 73 -7.04 -9.57 -10.62
C ALA B 73 -5.69 -8.97 -11.06
N LEU B 74 -5.44 -8.97 -12.37
CA LEU B 74 -4.26 -8.31 -12.94
C LEU B 74 -4.31 -6.80 -12.69
N GLY B 75 -5.49 -6.20 -12.85
CA GLY B 75 -5.66 -4.77 -12.66
C GLY B 75 -5.34 -4.36 -11.23
N ALA B 76 -6.13 -4.91 -10.29
CA ALA B 76 -5.81 -4.81 -8.86
C ALA B 76 -4.31 -4.79 -8.55
N ARG B 77 -3.61 -5.92 -8.76
CA ARG B 77 -2.21 -6.05 -8.38
C ARG B 77 -1.31 -4.95 -8.97
N ARG B 78 -1.44 -4.63 -10.26
CA ARG B 78 -0.65 -3.55 -10.87
C ARG B 78 -0.93 -2.19 -10.25
N LYS B 79 -2.16 -1.97 -9.80
CA LYS B 79 -2.52 -0.72 -9.09
C LYS B 79 -1.97 -0.68 -7.66
N LEU B 80 -1.71 -1.84 -7.02
CA LEU B 80 -0.95 -1.87 -5.77
C LEU B 80 0.49 -1.48 -6.04
N LEU B 81 1.16 -2.08 -7.04
CA LEU B 81 2.58 -1.84 -7.32
C LEU B 81 2.88 -0.37 -7.62
N LYS B 82 1.96 0.29 -8.33
CA LYS B 82 1.99 1.75 -8.51
C LYS B 82 1.85 2.50 -7.19
N ALA B 83 0.75 2.25 -6.47
CA ALA B 83 0.48 2.88 -5.18
C ALA B 83 1.70 2.79 -4.24
N PHE B 84 2.22 1.57 -4.13
CA PHE B 84 3.44 1.13 -3.45
C PHE B 84 4.69 1.89 -3.89
N GLY B 85 4.98 1.98 -5.19
CA GLY B 85 6.22 2.61 -5.67
C GLY B 85 6.29 4.10 -5.28
N ILE B 86 5.11 4.71 -5.16
CA ILE B 86 5.00 6.09 -4.73
C ILE B 86 5.34 6.16 -3.24
N VAL B 87 4.47 5.67 -2.36
CA VAL B 87 4.80 5.70 -0.91
C VAL B 87 6.28 5.32 -0.62
N ILE B 88 6.75 4.14 -1.09
CA ILE B 88 8.20 3.78 -1.02
C ILE B 88 9.12 4.95 -1.30
N ASP B 89 8.83 5.68 -2.38
CA ASP B 89 9.64 6.80 -2.79
C ASP B 89 9.70 7.83 -1.66
N TYR B 90 8.54 8.27 -1.21
CA TYR B 90 8.44 9.16 -0.04
C TYR B 90 9.06 8.59 1.25
N LYS B 91 9.07 7.25 1.39
CA LYS B 91 9.65 6.58 2.55
C LYS B 91 11.18 6.55 2.51
N GLU B 92 11.76 6.50 1.32
CA GLU B 92 13.21 6.65 1.15
C GLU B 92 13.67 8.11 1.07
N ARG B 93 12.76 9.01 0.70
CA ARG B 93 13.00 10.47 0.74
C ARG B 93 12.79 11.02 2.15
N ASP B 94 12.01 10.30 2.97
CA ASP B 94 11.76 10.67 4.36
C ASP B 94 10.80 11.89 4.49
N LEU B 95 9.94 12.05 3.47
CA LEU B 95 8.86 13.05 3.50
C LEU B 95 7.67 12.60 4.36
N ILE B 96 7.75 11.36 4.85
CA ILE B 96 6.75 10.81 5.78
C ILE B 96 6.64 11.70 7.01
N ASP B 97 5.41 11.82 7.52
CA ASP B 97 5.12 12.61 8.72
C ASP B 97 5.68 12.06 10.06
N ARG B 98 6.49 10.98 9.97
CA ARG B 98 6.90 10.18 11.12
C ARG B 98 5.81 9.65 12.08
N SER B 99 4.58 9.98 11.75
CA SER B 99 3.39 9.47 12.44
C SER B 99 2.72 8.30 11.70
N ALA B 100 3.12 8.06 10.45
CA ALA B 100 2.62 6.92 9.67
C ALA B 100 3.15 5.57 10.19
N TYR B 101 4.34 5.61 10.81
CA TYR B 101 5.05 4.40 11.24
C TYR B 101 4.30 3.58 12.31
N MET B 21 -8.37 10.58 -5.80
CA MET B 21 -6.89 10.48 -5.99
C MET B 21 -6.20 9.96 -4.71
N PRO B 22 -5.02 9.32 -4.83
CA PRO B 22 -4.22 8.86 -3.67
C PRO B 22 -3.89 9.92 -2.60
N LYS B 23 -3.89 11.22 -2.96
CA LYS B 23 -3.61 12.41 -2.14
C LYS B 23 -2.21 12.35 -1.50
N SER B 24 -2.07 11.72 -0.34
CA SER B 24 -0.83 11.54 0.41
C SER B 24 -0.76 10.11 0.96
N LEU B 25 -0.26 9.17 0.15
CA LEU B 25 0.00 7.79 0.58
C LEU B 25 1.11 7.72 1.64
N THR B 26 2.03 8.69 1.60
CA THR B 26 3.16 9.01 2.47
C THR B 26 2.77 9.45 3.90
N ASP B 27 1.53 9.19 4.32
CA ASP B 27 0.90 9.71 5.53
C ASP B 27 1.04 8.68 6.67
N PRO B 28 1.54 9.04 7.86
CA PRO B 28 1.91 8.04 8.87
C PRO B 28 0.71 7.27 9.41
N LYS B 29 -0.45 7.93 9.48
CA LYS B 29 -1.67 7.31 10.03
C LYS B 29 -2.23 6.26 9.06
N LEU B 30 -2.19 6.55 7.76
CA LEU B 30 -2.50 5.55 6.73
C LEU B 30 -1.41 4.46 6.71
N LEU B 31 -0.13 4.85 6.70
CA LEU B 31 0.97 3.90 6.64
C LEU B 31 0.95 2.90 7.83
N LYS B 32 0.75 3.35 9.07
CA LYS B 32 0.55 2.45 10.22
C LYS B 32 -0.79 1.70 10.22
N ASN B 33 -1.81 2.20 9.51
CA ASN B 33 -3.13 1.55 9.44
C ASN B 33 -3.52 1.17 7.99
N ILE B 34 -2.98 0.03 7.54
CA ILE B 34 -3.15 -0.43 6.14
C ILE B 34 -4.58 -0.37 5.58
N PRO B 35 -5.64 -0.73 6.32
CA PRO B 35 -7.02 -0.53 5.86
C PRO B 35 -7.33 0.90 5.39
N MET B 36 -6.86 1.92 6.12
CA MET B 36 -7.18 3.31 5.80
C MET B 36 -6.24 3.87 4.70
N TRP B 37 -5.04 3.31 4.56
CA TRP B 37 -4.20 3.56 3.38
C TRP B 37 -4.92 3.11 2.10
N LEU B 38 -5.51 1.91 2.14
CA LEU B 38 -6.25 1.29 1.05
C LEU B 38 -7.66 1.89 0.82
N LYS B 39 -8.28 2.46 1.86
CA LYS B 39 -9.49 3.28 1.72
C LYS B 39 -9.31 4.41 0.71
N SER B 40 -8.20 5.15 0.82
CA SER B 40 -7.85 6.21 -0.13
C SER B 40 -7.61 5.76 -1.59
N LEU B 41 -7.65 4.45 -1.89
CA LEU B 41 -7.41 3.86 -3.22
C LEU B 41 -8.62 3.09 -3.78
N ARG B 42 -9.72 2.98 -3.03
CA ARG B 42 -10.89 2.13 -3.41
C ARG B 42 -10.56 0.63 -3.60
N LEU B 43 -9.46 0.21 -2.99
CA LEU B 43 -9.06 -1.20 -2.95
C LEU B 43 -9.34 -1.86 -1.59
N HIS B 44 -10.04 -1.13 -0.70
CA HIS B 44 -10.37 -1.62 0.65
C HIS B 44 -11.28 -2.88 0.74
N LYS B 45 -11.37 -3.64 -0.36
CA LYS B 45 -11.99 -4.97 -0.31
C LYS B 45 -10.97 -5.98 0.19
N TYR B 46 -9.70 -5.65 -0.01
CA TYR B 46 -8.60 -6.54 0.27
C TYR B 46 -7.78 -6.06 1.47
N SER B 47 -8.32 -5.12 2.25
CA SER B 47 -7.61 -4.53 3.40
C SER B 47 -7.16 -5.56 4.42
N ASP B 48 -7.96 -6.59 4.70
CA ASP B 48 -7.59 -7.64 5.64
C ASP B 48 -6.56 -8.61 5.08
N ALA B 49 -6.60 -8.78 3.76
CA ALA B 49 -5.67 -9.63 3.05
C ALA B 49 -4.27 -9.00 2.99
N LEU B 50 -4.23 -7.68 3.21
CA LEU B 50 -2.98 -6.90 3.14
C LEU B 50 -2.55 -6.38 4.52
N SER B 51 -3.48 -6.31 5.48
CA SER B 51 -3.18 -5.96 6.87
C SER B 51 -2.22 -6.93 7.59
N GLY B 52 -2.06 -8.17 7.09
CA GLY B 52 -1.02 -9.09 7.56
C GLY B 52 0.42 -8.70 7.15
N THR B 53 0.57 -7.63 6.37
CA THR B 53 1.89 -7.15 5.92
C THR B 53 2.05 -5.65 6.29
N PRO B 54 3.14 -5.21 6.94
CA PRO B 54 3.35 -3.80 7.25
C PRO B 54 3.66 -3.01 6.00
N TRP B 55 3.43 -1.70 6.06
CA TRP B 55 3.53 -0.83 4.88
C TRP B 55 4.96 -0.87 4.32
N ILE B 56 5.93 -0.57 5.19
CA ILE B 56 7.38 -0.70 4.90
C ILE B 56 7.81 -1.88 4.00
N GLU B 57 7.02 -2.96 3.96
CA GLU B 57 7.33 -4.14 3.14
C GLU B 57 6.26 -4.40 2.09
N LEU B 58 5.00 -4.06 2.40
CA LEU B 58 3.91 -4.12 1.45
C LEU B 58 4.32 -3.52 0.10
N ILE B 59 4.73 -2.26 0.16
CA ILE B 59 5.25 -1.60 -1.03
C ILE B 59 6.20 -2.45 -1.91
N TYR B 60 7.01 -3.35 -1.33
CA TYR B 60 7.93 -4.21 -2.09
C TYR B 60 7.30 -5.51 -2.65
N LEU B 61 5.98 -5.63 -2.53
CA LEU B 61 5.22 -6.72 -3.16
C LEU B 61 5.41 -6.78 -4.69
N ASP B 62 4.88 -7.86 -5.26
CA ASP B 62 4.91 -8.08 -6.71
C ASP B 62 3.52 -8.49 -7.21
N ASP B 63 3.33 -8.43 -8.51
CA ASP B 63 2.05 -8.78 -9.15
C ASP B 63 1.59 -10.21 -8.83
N GLU B 64 2.53 -11.17 -8.86
CA GLU B 64 2.25 -12.56 -8.48
C GLU B 64 1.95 -12.69 -6.99
N THR B 65 2.73 -12.06 -6.11
CA THR B 65 2.52 -12.12 -4.66
C THR B 65 1.16 -11.53 -4.29
N LEU B 66 0.75 -10.43 -4.95
CA LEU B 66 -0.57 -9.85 -4.77
C LEU B 66 -1.67 -10.87 -5.13
N GLU B 67 -1.57 -11.53 -6.29
CA GLU B 67 -2.50 -12.60 -6.67
C GLU B 67 -2.56 -13.71 -5.61
N LYS B 68 -1.42 -14.11 -5.05
CA LYS B 68 -1.37 -15.20 -4.05
C LYS B 68 -1.80 -14.76 -2.64
N LYS B 69 -1.86 -13.44 -2.41
CA LYS B 69 -2.22 -12.87 -1.10
C LYS B 69 -3.72 -12.59 -0.95
N GLY B 70 -4.47 -12.60 -2.06
CA GLY B 70 -5.91 -12.25 -2.06
C GLY B 70 -6.27 -11.05 -2.93
N VAL B 71 -5.32 -10.59 -3.75
CA VAL B 71 -5.52 -9.45 -4.67
C VAL B 71 -5.62 -10.02 -6.08
N LEU B 72 -6.65 -10.85 -6.30
CA LEU B 72 -6.74 -11.70 -7.50
C LEU B 72 -6.83 -10.94 -8.83
N ALA B 73 -7.40 -9.73 -8.83
CA ALA B 73 -7.62 -8.98 -10.07
C ALA B 73 -6.32 -8.35 -10.63
N LEU B 74 -6.24 -8.30 -11.97
CA LEU B 74 -5.14 -7.61 -12.66
C LEU B 74 -5.18 -6.09 -12.42
N GLY B 75 -6.37 -5.50 -12.46
CA GLY B 75 -6.54 -4.07 -12.21
C GLY B 75 -6.08 -3.68 -10.81
N ALA B 76 -6.78 -4.22 -9.80
CA ALA B 76 -6.30 -4.15 -8.40
C ALA B 76 -4.77 -4.16 -8.26
N ARG B 77 -4.12 -5.29 -8.60
CA ARG B 77 -2.68 -5.45 -8.36
C ARG B 77 -1.82 -4.36 -9.00
N ARG B 78 -2.05 -3.94 -10.25
CA ARG B 78 -1.29 -2.83 -10.85
C ARG B 78 -1.46 -1.51 -10.09
N LYS B 79 -2.65 -1.27 -9.54
CA LYS B 79 -2.91 -0.05 -8.75
C LYS B 79 -2.16 -0.08 -7.42
N LEU B 80 -1.91 -1.26 -6.82
CA LEU B 80 -1.02 -1.36 -5.68
C LEU B 80 0.41 -0.97 -6.08
N LEU B 81 0.95 -1.52 -7.18
CA LEU B 81 2.34 -1.26 -7.58
C LEU B 81 2.66 0.22 -7.79
N LYS B 82 1.70 0.94 -8.34
CA LYS B 82 1.75 2.42 -8.44
C LYS B 82 1.83 3.08 -7.07
N ALA B 83 0.79 2.85 -6.26
CA ALA B 83 0.71 3.40 -4.90
C ALA B 83 2.00 3.16 -4.10
N PHE B 84 2.45 1.90 -4.13
CA PHE B 84 3.70 1.37 -3.60
C PHE B 84 4.94 2.09 -4.13
N GLY B 85 5.06 2.36 -5.42
CA GLY B 85 6.24 3.02 -5.96
C GLY B 85 6.40 4.45 -5.43
N ILE B 86 5.27 5.10 -5.13
CA ILE B 86 5.28 6.44 -4.56
C ILE B 86 5.80 6.37 -3.12
N VAL B 87 5.04 5.80 -2.20
CA VAL B 87 5.59 5.67 -0.81
C VAL B 87 7.08 5.23 -0.76
N ILE B 88 7.45 4.09 -1.37
CA ILE B 88 8.90 3.71 -1.55
C ILE B 88 9.79 4.89 -1.88
N ASP B 89 9.32 5.73 -2.80
CA ASP B 89 10.10 6.87 -3.26
C ASP B 89 10.44 7.79 -2.08
N TYR B 90 9.40 8.18 -1.34
CA TYR B 90 9.58 8.93 -0.09
C TYR B 90 10.37 8.18 1.00
N LYS B 91 10.32 6.85 1.01
CA LYS B 91 11.12 6.04 1.93
C LYS B 91 12.60 6.07 1.57
N GLU B 92 12.88 6.03 0.27
CA GLU B 92 14.25 6.14 -0.25
C GLU B 92 14.81 7.58 -0.11
N ARG B 93 13.91 8.54 0.18
CA ARG B 93 14.29 9.92 0.49
C ARG B 93 14.34 10.17 2.00
N ASP B 94 13.55 9.39 2.77
CA ASP B 94 13.48 9.53 4.23
C ASP B 94 12.65 10.75 4.68
N LEU B 95 11.70 11.19 3.84
CA LEU B 95 10.83 12.35 4.15
C LEU B 95 9.64 11.98 5.05
N ILE B 96 9.47 10.68 5.26
CA ILE B 96 8.32 10.15 6.02
C ILE B 96 8.49 10.37 7.53
N ASP B 97 7.38 10.40 8.23
CA ASP B 97 7.36 10.64 9.67
C ASP B 97 7.63 9.35 10.44
N ARG B 98 8.35 9.50 11.54
CA ARG B 98 8.73 8.36 12.41
C ARG B 98 7.52 7.64 13.04
N SER B 99 6.36 8.29 13.04
CA SER B 99 5.10 7.67 13.49
C SER B 99 4.47 6.72 12.47
N ALA B 100 4.92 6.73 11.20
CA ALA B 100 4.44 5.77 10.19
C ALA B 100 4.95 4.34 10.48
N TYR B 101 6.17 4.28 11.03
CA TYR B 101 6.88 3.01 11.26
C TYR B 101 6.21 2.12 12.33
N MET B 21 -2.54 9.75 -10.70
CA MET B 21 -1.39 9.12 -10.02
C MET B 21 -1.43 9.41 -8.51
N PRO B 22 -1.36 8.39 -7.64
CA PRO B 22 -1.26 8.57 -6.17
C PRO B 22 -0.16 9.54 -5.72
N LYS B 23 -0.38 10.21 -4.59
CA LYS B 23 0.62 11.10 -3.94
C LYS B 23 0.47 11.20 -2.42
N SER B 24 -0.76 11.22 -1.92
CA SER B 24 -1.14 11.22 -0.48
C SER B 24 -0.74 9.96 0.30
N LEU B 25 -0.13 8.97 -0.36
CA LEU B 25 0.29 7.69 0.21
C LEU B 25 1.40 7.85 1.26
N THR B 26 2.29 8.82 1.06
CA THR B 26 3.37 9.28 1.95
C THR B 26 2.89 9.93 3.27
N ASP B 27 1.75 9.48 3.81
CA ASP B 27 1.05 10.03 4.96
C ASP B 27 1.10 9.04 6.14
N PRO B 28 1.52 9.41 7.36
CA PRO B 28 1.81 8.46 8.42
C PRO B 28 0.55 7.80 8.97
N LYS B 29 -0.58 8.47 8.86
CA LYS B 29 -1.86 7.98 9.37
C LYS B 29 -2.38 6.87 8.47
N LEU B 30 -2.22 7.05 7.16
CA LEU B 30 -2.51 6.00 6.18
C LEU B 30 -1.47 4.88 6.30
N LEU B 31 -0.17 5.21 6.30
CA LEU B 31 0.89 4.21 6.40
C LEU B 31 0.75 3.33 7.66
N LYS B 32 0.46 3.92 8.83
CA LYS B 32 0.15 3.14 10.05
C LYS B 32 -1.19 2.38 10.00
N ASN B 33 -2.15 2.86 9.21
CA ASN B 33 -3.48 2.23 9.12
C ASN B 33 -3.79 1.76 7.68
N ILE B 34 -3.29 0.56 7.35
CA ILE B 34 -3.35 0.01 5.97
C ILE B 34 -4.74 0.09 5.27
N PRO B 35 -5.88 -0.18 5.95
CA PRO B 35 -7.21 0.04 5.36
C PRO B 35 -7.44 1.47 4.84
N MET B 36 -6.94 2.49 5.56
CA MET B 36 -7.13 3.89 5.17
C MET B 36 -6.16 4.32 4.07
N TRP B 37 -4.95 3.73 4.04
CA TRP B 37 -4.04 3.88 2.90
C TRP B 37 -4.69 3.40 1.60
N LEU B 38 -5.22 2.18 1.62
CA LEU B 38 -5.88 1.53 0.49
C LEU B 38 -7.24 2.17 0.13
N LYS B 39 -7.89 2.86 1.08
CA LYS B 39 -9.06 3.70 0.80
C LYS B 39 -8.82 4.68 -0.33
N SER B 40 -7.71 5.41 -0.24
CA SER B 40 -7.33 6.40 -1.27
C SER B 40 -7.03 5.80 -2.66
N LEU B 41 -6.85 4.47 -2.77
CA LEU B 41 -6.60 3.75 -4.02
C LEU B 41 -7.85 3.07 -4.58
N ARG B 42 -8.99 3.13 -3.87
CA ARG B 42 -10.25 2.47 -4.31
C ARG B 42 -10.16 0.93 -4.38
N LEU B 43 -9.16 0.41 -3.68
CA LEU B 43 -8.94 -1.05 -3.57
C LEU B 43 -9.16 -1.56 -2.13
N HIS B 44 -9.83 -0.73 -1.33
CA HIS B 44 -10.20 -1.05 0.05
C HIS B 44 -11.17 -2.24 0.25
N LYS B 45 -11.28 -3.11 -0.77
CA LYS B 45 -11.94 -4.41 -0.59
C LYS B 45 -10.96 -5.37 0.06
N TYR B 46 -9.69 -5.21 -0.33
CA TYR B 46 -8.61 -6.12 0.04
C TYR B 46 -7.86 -5.62 1.28
N SER B 47 -8.41 -4.61 1.98
CA SER B 47 -7.77 -4.03 3.16
C SER B 47 -7.44 -5.07 4.24
N ASP B 48 -8.29 -6.08 4.45
CA ASP B 48 -8.03 -7.14 5.43
C ASP B 48 -7.05 -8.18 4.90
N ALA B 49 -6.96 -8.34 3.57
CA ALA B 49 -6.02 -9.26 2.97
C ALA B 49 -4.59 -8.68 2.98
N LEU B 50 -4.51 -7.35 3.10
CA LEU B 50 -3.25 -6.62 3.11
C LEU B 50 -2.89 -6.07 4.51
N SER B 51 -3.86 -6.04 5.43
CA SER B 51 -3.61 -5.69 6.84
C SER B 51 -2.69 -6.69 7.58
N GLY B 52 -2.49 -7.89 7.04
CA GLY B 52 -1.48 -8.83 7.55
C GLY B 52 -0.02 -8.46 7.23
N THR B 53 0.20 -7.31 6.58
CA THR B 53 1.55 -6.87 6.17
C THR B 53 1.69 -5.37 6.48
N PRO B 54 2.59 -4.94 7.39
CA PRO B 54 2.77 -3.51 7.68
C PRO B 54 3.27 -2.76 6.45
N TRP B 55 3.00 -1.44 6.37
CA TRP B 55 3.26 -0.69 5.14
C TRP B 55 4.72 -0.82 4.68
N ILE B 56 5.67 -0.59 5.59
CA ILE B 56 7.11 -0.82 5.37
C ILE B 56 7.50 -2.02 4.49
N GLU B 57 6.65 -3.05 4.47
CA GLU B 57 6.90 -4.28 3.72
C GLU B 57 5.87 -4.49 2.63
N LEU B 58 4.65 -3.99 2.84
CA LEU B 58 3.60 -4.05 1.84
C LEU B 58 4.14 -3.52 0.50
N ILE B 59 4.63 -2.31 0.53
CA ILE B 59 5.31 -1.74 -0.62
C ILE B 59 6.30 -2.71 -1.34
N TYR B 60 7.00 -3.59 -0.63
CA TYR B 60 7.95 -4.54 -1.24
C TYR B 60 7.32 -5.77 -1.92
N LEU B 61 5.98 -5.84 -1.92
CA LEU B 61 5.25 -6.91 -2.62
C LEU B 61 5.49 -6.92 -4.13
N ASP B 62 5.01 -8.00 -4.75
CA ASP B 62 5.06 -8.16 -6.21
C ASP B 62 3.77 -8.78 -6.73
N ASP B 63 3.65 -8.82 -8.07
CA ASP B 63 2.40 -9.23 -8.73
C ASP B 63 1.94 -10.65 -8.39
N GLU B 64 2.89 -11.58 -8.30
CA GLU B 64 2.58 -12.95 -7.90
C GLU B 64 2.21 -13.08 -6.43
N THR B 65 2.94 -12.42 -5.53
CA THR B 65 2.60 -12.42 -4.11
C THR B 65 1.23 -11.77 -3.89
N LEU B 66 0.94 -10.70 -4.62
CA LEU B 66 -0.39 -10.07 -4.59
C LEU B 66 -1.52 -11.07 -4.94
N GLU B 67 -1.49 -11.78 -6.07
CA GLU B 67 -2.52 -12.74 -6.39
C GLU B 67 -2.61 -13.92 -5.39
N LYS B 68 -1.51 -14.30 -4.75
CA LYS B 68 -1.53 -15.34 -3.70
C LYS B 68 -1.98 -14.80 -2.33
N LYS B 69 -2.00 -13.47 -2.17
CA LYS B 69 -2.47 -12.81 -0.95
C LYS B 69 -3.96 -12.45 -0.98
N GLY B 70 -4.60 -12.54 -2.15
CA GLY B 70 -6.02 -12.18 -2.31
C GLY B 70 -6.25 -10.99 -3.26
N VAL B 71 -5.22 -10.59 -4.00
CA VAL B 71 -5.30 -9.44 -4.92
C VAL B 71 -5.33 -9.98 -6.35
N LEU B 72 -6.41 -10.71 -6.65
CA LEU B 72 -6.50 -11.50 -7.88
C LEU B 72 -6.52 -10.67 -9.16
N ALA B 73 -7.16 -9.50 -9.16
CA ALA B 73 -7.32 -8.70 -10.37
C ALA B 73 -5.98 -8.13 -10.88
N LEU B 74 -5.86 -8.06 -12.20
CA LEU B 74 -4.75 -7.35 -12.85
C LEU B 74 -4.79 -5.85 -12.49
N GLY B 75 -5.98 -5.26 -12.53
CA GLY B 75 -6.15 -3.83 -12.28
C GLY B 75 -5.64 -3.45 -10.89
N ALA B 76 -6.32 -4.01 -9.88
CA ALA B 76 -5.83 -3.97 -8.49
C ALA B 76 -4.30 -4.04 -8.37
N ARG B 77 -3.69 -5.21 -8.68
CA ARG B 77 -2.27 -5.44 -8.40
C ARG B 77 -1.34 -4.40 -9.02
N ARG B 78 -1.55 -4.03 -10.29
CA ARG B 78 -0.73 -3.01 -10.95
C ARG B 78 -0.80 -1.66 -10.24
N LYS B 79 -1.98 -1.30 -9.74
CA LYS B 79 -2.16 -0.06 -8.97
C LYS B 79 -1.47 -0.13 -7.60
N LEU B 80 -1.35 -1.31 -6.98
CA LEU B 80 -0.53 -1.47 -5.79
C LEU B 80 0.96 -1.22 -6.13
N LEU B 81 1.49 -1.85 -7.19
CA LEU B 81 2.91 -1.71 -7.53
C LEU B 81 3.35 -0.25 -7.77
N LYS B 82 2.45 0.50 -8.40
CA LYS B 82 2.60 1.96 -8.53
C LYS B 82 2.61 2.66 -7.17
N ALA B 83 1.52 2.47 -6.42
CA ALA B 83 1.37 3.07 -5.09
C ALA B 83 2.62 2.83 -4.19
N PHE B 84 3.02 1.56 -4.12
CA PHE B 84 4.20 1.00 -3.49
C PHE B 84 5.51 1.64 -3.95
N GLY B 85 5.74 1.81 -5.25
CA GLY B 85 7.00 2.39 -5.73
C GLY B 85 7.17 3.84 -5.29
N ILE B 86 6.05 4.54 -5.12
CA ILE B 86 6.07 5.92 -4.66
C ILE B 86 6.48 5.94 -3.19
N VAL B 87 5.62 5.48 -2.29
CA VAL B 87 6.02 5.45 -0.86
C VAL B 87 7.48 4.95 -0.63
N ILE B 88 7.87 3.74 -1.13
CA ILE B 88 9.30 3.31 -1.13
C ILE B 88 10.27 4.42 -1.48
N ASP B 89 9.92 5.18 -2.50
CA ASP B 89 10.80 6.24 -3.00
C ASP B 89 11.05 7.26 -1.89
N TYR B 90 9.97 7.75 -1.29
CA TYR B 90 10.04 8.60 -0.10
C TYR B 90 10.70 7.91 1.12
N LYS B 91 10.54 6.59 1.26
CA LYS B 91 11.17 5.84 2.35
C LYS B 91 12.69 5.83 2.19
N GLU B 92 13.12 5.65 0.95
CA GLU B 92 14.54 5.67 0.59
C GLU B 92 15.14 7.09 0.67
N ARG B 93 14.27 8.11 0.82
CA ARG B 93 14.68 9.50 1.05
C ARG B 93 14.56 9.92 2.51
N ASP B 94 13.71 9.21 3.27
CA ASP B 94 13.47 9.52 4.69
C ASP B 94 12.54 10.74 4.90
N LEU B 95 11.72 11.05 3.87
CA LEU B 95 10.69 12.10 3.97
C LEU B 95 9.45 11.63 4.76
N ILE B 96 9.44 10.35 5.12
CA ILE B 96 8.39 9.79 5.98
C ILE B 96 8.45 10.42 7.38
N ASP B 97 7.27 10.70 7.93
CA ASP B 97 7.17 11.15 9.31
C ASP B 97 7.44 9.98 10.26
N ARG B 98 8.05 10.33 11.38
CA ARG B 98 8.47 9.35 12.40
C ARG B 98 7.30 8.60 13.06
N SER B 99 6.08 9.09 12.80
CA SER B 99 4.85 8.47 13.30
C SER B 99 4.26 7.40 12.36
N ALA B 100 4.72 7.31 11.10
CA ALA B 100 4.26 6.24 10.18
C ALA B 100 4.81 4.87 10.59
N TYR B 101 6.04 4.88 11.11
CA TYR B 101 6.73 3.65 11.52
C TYR B 101 6.07 2.97 12.73
N MET B 21 -7.36 10.89 -7.23
CA MET B 21 -6.02 10.26 -7.37
C MET B 21 -5.33 10.15 -6.01
N PRO B 22 -4.51 9.10 -5.78
CA PRO B 22 -3.73 8.92 -4.54
C PRO B 22 -2.81 10.11 -4.20
N LYS B 23 -3.12 10.82 -3.11
CA LYS B 23 -2.36 11.97 -2.57
C LYS B 23 -1.97 11.87 -1.08
N SER B 24 -2.42 10.82 -0.40
CA SER B 24 -2.26 10.60 1.05
C SER B 24 -1.59 9.25 1.38
N LEU B 25 -0.96 8.57 0.42
CA LEU B 25 -0.31 7.28 0.65
C LEU B 25 0.86 7.38 1.64
N THR B 26 1.67 8.43 1.51
CA THR B 26 2.83 8.84 2.34
C THR B 26 2.48 9.32 3.78
N ASP B 27 1.28 9.00 4.29
CA ASP B 27 0.69 9.53 5.52
C ASP B 27 0.89 8.52 6.67
N PRO B 28 1.37 8.90 7.87
CA PRO B 28 1.77 7.93 8.89
C PRO B 28 0.60 7.15 9.48
N LYS B 29 -0.58 7.77 9.46
CA LYS B 29 -1.79 7.17 10.04
C LYS B 29 -2.30 6.06 9.13
N LEU B 30 -2.26 6.29 7.83
CA LEU B 30 -2.53 5.25 6.83
C LEU B 30 -1.41 4.21 6.81
N LEU B 31 -0.16 4.65 6.70
CA LEU B 31 0.98 3.73 6.64
C LEU B 31 1.03 2.78 7.86
N LYS B 32 0.79 3.29 9.08
CA LYS B 32 0.66 2.44 10.27
C LYS B 32 -0.58 1.53 10.27
N ASN B 33 -1.70 2.03 9.74
CA ASN B 33 -2.96 1.28 9.69
C ASN B 33 -3.33 0.81 8.26
N ILE B 34 -2.78 -0.36 7.89
CA ILE B 34 -2.89 -0.90 6.50
C ILE B 34 -4.31 -0.88 5.88
N PRO B 35 -5.40 -1.26 6.58
CA PRO B 35 -6.76 -1.10 6.07
C PRO B 35 -7.08 0.31 5.56
N MET B 36 -6.67 1.36 6.28
CA MET B 36 -7.02 2.74 5.93
C MET B 36 -6.11 3.30 4.83
N TRP B 37 -4.88 2.81 4.73
CA TRP B 37 -4.04 3.06 3.55
C TRP B 37 -4.75 2.55 2.28
N LEU B 38 -5.25 1.32 2.31
CA LEU B 38 -5.93 0.65 1.21
C LEU B 38 -7.34 1.21 0.93
N LYS B 39 -8.03 1.74 1.96
CA LYS B 39 -9.26 2.54 1.76
C LYS B 39 -9.08 3.69 0.78
N SER B 40 -7.95 4.39 0.89
CA SER B 40 -7.59 5.47 -0.05
C SER B 40 -7.52 5.03 -1.54
N LEU B 41 -7.27 3.74 -1.82
CA LEU B 41 -7.22 3.14 -3.16
C LEU B 41 -8.56 2.48 -3.59
N ARG B 42 -9.55 2.39 -2.69
CA ARG B 42 -10.77 1.57 -2.93
C ARG B 42 -10.50 0.08 -3.15
N LEU B 43 -9.33 -0.37 -2.68
CA LEU B 43 -8.95 -1.79 -2.69
C LEU B 43 -9.09 -2.43 -1.31
N HIS B 44 -9.77 -1.74 -0.39
CA HIS B 44 -10.07 -2.26 0.96
C HIS B 44 -10.87 -3.59 1.04
N LYS B 45 -11.10 -4.25 -0.10
CA LYS B 45 -11.61 -5.62 -0.08
C LYS B 45 -10.49 -6.57 0.36
N TYR B 46 -9.28 -6.21 -0.08
CA TYR B 46 -8.12 -7.04 0.10
C TYR B 46 -7.33 -6.63 1.36
N SER B 47 -7.92 -5.79 2.24
CA SER B 47 -7.24 -5.34 3.47
C SER B 47 -6.80 -6.47 4.40
N ASP B 48 -7.53 -7.59 4.42
CA ASP B 48 -7.13 -8.76 5.20
C ASP B 48 -6.10 -9.62 4.45
N ALA B 49 -6.09 -9.56 3.12
CA ALA B 49 -5.11 -10.28 2.32
C ALA B 49 -3.74 -9.59 2.45
N LEU B 50 -3.78 -8.26 2.56
CA LEU B 50 -2.58 -7.43 2.62
C LEU B 50 -2.16 -7.10 4.07
N SER B 51 -3.03 -7.39 5.03
CA SER B 51 -2.66 -7.39 6.45
C SER B 51 -1.65 -8.52 6.76
N GLY B 52 -1.02 -8.47 7.94
CA GLY B 52 0.13 -9.34 8.26
C GLY B 52 1.43 -8.94 7.55
N THR B 53 1.40 -7.84 6.76
CA THR B 53 2.61 -7.28 6.14
C THR B 53 2.65 -5.77 6.43
N PRO B 54 3.70 -5.24 7.09
CA PRO B 54 3.80 -3.81 7.39
C PRO B 54 4.04 -3.01 6.12
N TRP B 55 3.75 -1.71 6.17
CA TRP B 55 3.78 -0.86 4.99
C TRP B 55 5.20 -0.81 4.41
N ILE B 56 6.17 -0.44 5.24
CA ILE B 56 7.61 -0.55 4.94
C ILE B 56 8.06 -1.74 4.06
N GLU B 57 7.31 -2.85 4.07
CA GLU B 57 7.63 -4.02 3.25
C GLU B 57 6.58 -4.31 2.18
N LEU B 58 5.31 -3.99 2.47
CA LEU B 58 4.23 -4.12 1.51
C LEU B 58 4.63 -3.49 0.18
N ILE B 59 5.02 -2.23 0.23
CA ILE B 59 5.55 -1.56 -0.95
C ILE B 59 6.55 -2.41 -1.79
N TYR B 60 7.38 -3.25 -1.15
CA TYR B 60 8.36 -4.09 -1.84
C TYR B 60 7.83 -5.42 -2.38
N LEU B 61 6.51 -5.59 -2.34
CA LEU B 61 5.83 -6.72 -3.00
C LEU B 61 6.10 -6.77 -4.53
N ASP B 62 5.67 -7.88 -5.12
CA ASP B 62 5.78 -8.08 -6.57
C ASP B 62 4.44 -8.57 -7.12
N ASP B 63 4.29 -8.54 -8.44
CA ASP B 63 3.05 -8.96 -9.11
C ASP B 63 2.66 -10.42 -8.80
N GLU B 64 3.64 -11.33 -8.79
CA GLU B 64 3.40 -12.72 -8.43
C GLU B 64 3.10 -12.92 -6.94
N THR B 65 3.81 -12.23 -6.05
CA THR B 65 3.50 -12.27 -4.63
C THR B 65 2.10 -11.74 -4.37
N LEU B 66 1.70 -10.64 -5.02
CA LEU B 66 0.34 -10.12 -4.92
C LEU B 66 -0.72 -11.18 -5.28
N GLU B 67 -0.69 -11.83 -6.45
CA GLU B 67 -1.65 -12.85 -6.79
C GLU B 67 -1.64 -14.08 -5.85
N LYS B 68 -0.48 -14.44 -5.28
CA LYS B 68 -0.40 -15.51 -4.26
C LYS B 68 -0.84 -15.07 -2.86
N LYS B 69 -0.86 -13.76 -2.60
CA LYS B 69 -1.29 -13.19 -1.31
C LYS B 69 -2.82 -12.99 -1.23
N GLY B 70 -3.48 -12.97 -2.38
CA GLY B 70 -4.93 -12.74 -2.47
C GLY B 70 -5.34 -11.58 -3.38
N VAL B 71 -4.40 -11.05 -4.18
CA VAL B 71 -4.65 -9.90 -5.05
C VAL B 71 -4.87 -10.39 -6.48
N LEU B 72 -5.98 -11.12 -6.68
CA LEU B 72 -6.20 -11.85 -7.93
C LEU B 72 -6.55 -10.96 -9.12
N ALA B 73 -7.20 -9.81 -8.91
CA ALA B 73 -7.48 -8.88 -9.99
C ALA B 73 -6.20 -8.18 -10.49
N LEU B 74 -6.08 -8.05 -11.81
CA LEU B 74 -5.03 -7.23 -12.42
C LEU B 74 -5.13 -5.77 -12.01
N GLY B 75 -6.36 -5.23 -11.99
CA GLY B 75 -6.58 -3.82 -11.70
C GLY B 75 -6.01 -3.45 -10.33
N ALA B 76 -6.62 -4.02 -9.29
CA ALA B 76 -6.03 -4.02 -7.95
C ALA B 76 -4.49 -4.11 -7.96
N ARG B 77 -3.95 -5.26 -8.43
CA ARG B 77 -2.50 -5.50 -8.44
C ARG B 77 -1.66 -4.36 -9.00
N ARG B 78 -1.90 -3.90 -10.23
CA ARG B 78 -1.16 -2.79 -10.83
C ARG B 78 -1.30 -1.49 -10.01
N LYS B 79 -2.47 -1.25 -9.43
CA LYS B 79 -2.71 -0.06 -8.61
C LYS B 79 -1.95 -0.12 -7.27
N LEU B 80 -1.69 -1.32 -6.71
CA LEU B 80 -0.77 -1.46 -5.60
C LEU B 80 0.64 -1.06 -6.03
N LEU B 81 1.14 -1.57 -7.15
CA LEU B 81 2.53 -1.31 -7.60
C LEU B 81 2.81 0.19 -7.80
N LYS B 82 1.81 0.89 -8.34
CA LYS B 82 1.81 2.36 -8.39
C LYS B 82 1.88 2.99 -7.00
N ALA B 83 0.89 2.68 -6.17
CA ALA B 83 0.80 3.19 -4.81
C ALA B 83 2.13 3.02 -4.04
N PHE B 84 2.64 1.79 -4.07
CA PHE B 84 3.92 1.31 -3.57
C PHE B 84 5.12 2.10 -4.10
N GLY B 85 5.23 2.35 -5.40
CA GLY B 85 6.38 3.07 -5.95
C GLY B 85 6.47 4.50 -5.43
N ILE B 86 5.31 5.10 -5.14
CA ILE B 86 5.25 6.43 -4.58
C ILE B 86 5.79 6.39 -3.16
N VAL B 87 5.05 5.81 -2.22
CA VAL B 87 5.59 5.72 -0.82
C VAL B 87 7.08 5.34 -0.76
N ILE B 88 7.52 4.21 -1.36
CA ILE B 88 8.98 3.89 -1.49
C ILE B 88 9.82 5.10 -1.82
N ASP B 89 9.35 5.89 -2.78
CA ASP B 89 10.07 7.07 -3.24
C ASP B 89 10.29 8.02 -2.06
N TYR B 90 9.19 8.39 -1.42
CA TYR B 90 9.23 9.19 -0.18
C TYR B 90 10.01 8.54 0.97
N LYS B 91 10.09 7.20 1.03
CA LYS B 91 10.92 6.50 2.02
C LYS B 91 12.41 6.69 1.73
N GLU B 92 12.73 6.56 0.44
CA GLU B 92 14.09 6.73 -0.05
C GLU B 92 14.54 8.22 -0.02
N ARG B 93 13.57 9.13 0.19
CA ARG B 93 13.84 10.56 0.42
C ARG B 93 13.78 10.92 1.92
N ASP B 94 13.06 10.11 2.71
CA ASP B 94 12.86 10.38 4.15
C ASP B 94 11.97 11.61 4.43
N LEU B 95 11.01 11.88 3.52
CA LEU B 95 10.00 12.93 3.72
C LEU B 95 8.84 12.46 4.61
N ILE B 96 8.82 11.18 4.91
CA ILE B 96 7.76 10.56 5.71
C ILE B 96 7.98 10.91 7.19
N ASP B 97 6.87 10.86 7.93
CA ASP B 97 6.93 11.05 9.38
C ASP B 97 7.34 9.72 10.03
N ARG B 98 8.36 9.76 10.87
CA ARG B 98 8.87 8.56 11.57
C ARG B 98 7.83 7.88 12.48
N SER B 99 6.70 8.56 12.72
CA SER B 99 5.52 7.95 13.38
C SER B 99 4.77 6.92 12.52
N ALA B 100 5.03 6.89 11.20
CA ALA B 100 4.46 5.85 10.32
C ALA B 100 5.02 4.44 10.61
N TYR B 101 6.23 4.41 11.17
CA TYR B 101 7.01 3.18 11.32
C TYR B 101 6.52 2.30 12.49
N MET B 21 -7.17 8.92 -8.59
CA MET B 21 -5.77 9.38 -8.40
C MET B 21 -5.39 9.30 -6.91
N PRO B 22 -4.30 8.60 -6.53
CA PRO B 22 -3.78 8.55 -5.16
C PRO B 22 -3.58 9.95 -4.53
N LYS B 23 -4.43 10.32 -3.57
CA LYS B 23 -4.40 11.63 -2.88
C LYS B 23 -3.10 11.82 -2.07
N SER B 24 -2.84 10.86 -1.19
CA SER B 24 -1.59 10.67 -0.42
C SER B 24 -1.36 9.17 -0.20
N LEU B 25 -0.09 8.78 -0.02
CA LEU B 25 0.36 7.40 0.24
C LEU B 25 1.46 7.36 1.30
N THR B 26 2.42 8.27 1.19
CA THR B 26 3.53 8.60 2.10
C THR B 26 3.08 9.19 3.46
N ASP B 27 1.82 9.02 3.81
CA ASP B 27 1.12 9.66 4.94
C ASP B 27 1.18 8.76 6.17
N PRO B 28 1.67 9.21 7.34
CA PRO B 28 1.92 8.33 8.49
C PRO B 28 0.69 7.63 9.02
N LYS B 29 -0.46 8.28 8.91
CA LYS B 29 -1.71 7.77 9.51
C LYS B 29 -2.33 6.70 8.60
N LEU B 30 -2.12 6.83 7.29
CA LEU B 30 -2.43 5.74 6.34
C LEU B 30 -1.39 4.62 6.42
N LEU B 31 -0.09 4.98 6.42
CA LEU B 31 0.98 4.00 6.54
C LEU B 31 0.85 3.17 7.83
N LYS B 32 0.49 3.79 8.97
CA LYS B 32 0.12 3.06 10.19
C LYS B 32 -1.17 2.24 10.02
N ASN B 33 -2.23 2.87 9.50
CA ASN B 33 -3.55 2.23 9.38
C ASN B 33 -3.80 1.74 7.95
N ILE B 34 -3.30 0.54 7.66
CA ILE B 34 -3.37 -0.08 6.31
C ILE B 34 -4.77 -0.01 5.66
N PRO B 35 -5.90 -0.26 6.37
CA PRO B 35 -7.25 -0.04 5.85
C PRO B 35 -7.50 1.35 5.23
N MET B 36 -6.96 2.41 5.83
CA MET B 36 -7.16 3.77 5.35
C MET B 36 -6.19 4.13 4.22
N TRP B 37 -5.02 3.47 4.16
CA TRP B 37 -4.12 3.57 3.00
C TRP B 37 -4.78 3.03 1.72
N LEU B 38 -5.39 1.83 1.75
CA LEU B 38 -6.17 1.30 0.62
C LEU B 38 -7.43 2.11 0.32
N LYS B 39 -8.04 2.77 1.32
CA LYS B 39 -9.14 3.72 1.09
C LYS B 39 -8.80 4.80 0.06
N SER B 40 -7.58 5.30 0.14
CA SER B 40 -7.05 6.27 -0.83
C SER B 40 -6.76 5.72 -2.25
N LEU B 41 -6.92 4.42 -2.48
CA LEU B 41 -6.71 3.73 -3.77
C LEU B 41 -7.98 3.14 -4.40
N ARG B 42 -9.10 3.15 -3.68
CA ARG B 42 -10.33 2.41 -4.10
C ARG B 42 -10.17 0.88 -4.13
N LEU B 43 -9.15 0.41 -3.41
CA LEU B 43 -8.87 -1.03 -3.25
C LEU B 43 -9.11 -1.50 -1.80
N HIS B 44 -9.88 -0.69 -1.06
CA HIS B 44 -10.31 -1.02 0.31
C HIS B 44 -11.29 -2.21 0.44
N LYS B 45 -11.32 -3.08 -0.58
CA LYS B 45 -12.01 -4.38 -0.48
C LYS B 45 -11.02 -5.44 -0.03
N TYR B 46 -9.75 -5.23 -0.41
CA TYR B 46 -8.68 -6.17 -0.17
C TYR B 46 -7.76 -5.68 0.95
N SER B 47 -8.11 -4.54 1.56
CA SER B 47 -7.34 -3.99 2.68
C SER B 47 -7.19 -4.93 3.87
N ASP B 48 -8.13 -5.85 4.06
CA ASP B 48 -8.03 -6.87 5.11
C ASP B 48 -7.09 -8.01 4.72
N ALA B 49 -7.07 -8.30 3.41
CA ALA B 49 -6.13 -9.27 2.86
C ALA B 49 -4.68 -8.72 2.88
N LEU B 50 -4.58 -7.39 3.02
CA LEU B 50 -3.29 -6.68 3.06
C LEU B 50 -2.94 -6.19 4.48
N SER B 51 -3.94 -6.17 5.37
CA SER B 51 -3.73 -5.80 6.79
C SER B 51 -2.81 -6.76 7.56
N GLY B 52 -2.70 -8.02 7.08
CA GLY B 52 -1.72 -8.98 7.61
C GLY B 52 -0.24 -8.63 7.34
N THR B 53 0.02 -7.51 6.67
CA THR B 53 1.39 -7.08 6.32
C THR B 53 1.55 -5.58 6.66
N PRO B 54 2.59 -5.16 7.43
CA PRO B 54 2.80 -3.74 7.72
C PRO B 54 3.28 -2.99 6.49
N TRP B 55 3.14 -1.68 6.49
CA TRP B 55 3.38 -0.86 5.29
C TRP B 55 4.83 -1.02 4.81
N ILE B 56 5.79 -0.74 5.72
CA ILE B 56 7.23 -0.99 5.49
C ILE B 56 7.60 -2.22 4.65
N GLU B 57 6.75 -3.25 4.68
CA GLU B 57 6.98 -4.50 3.93
C GLU B 57 5.99 -4.67 2.79
N LEU B 58 4.75 -4.19 2.98
CA LEU B 58 3.73 -4.25 1.96
C LEU B 58 4.27 -3.73 0.63
N ILE B 59 4.74 -2.51 0.66
CA ILE B 59 5.44 -1.94 -0.49
C ILE B 59 6.42 -2.92 -1.22
N TYR B 60 7.16 -3.77 -0.49
CA TYR B 60 8.14 -4.69 -1.08
C TYR B 60 7.53 -5.93 -1.78
N LEU B 61 6.20 -6.05 -1.75
CA LEU B 61 5.50 -7.15 -2.43
C LEU B 61 5.75 -7.19 -3.95
N ASP B 62 5.29 -8.29 -4.57
CA ASP B 62 5.37 -8.48 -6.02
C ASP B 62 4.00 -8.88 -6.59
N ASP B 63 3.90 -8.83 -7.92
CA ASP B 63 2.64 -9.13 -8.62
C ASP B 63 2.13 -10.56 -8.38
N GLU B 64 3.04 -11.54 -8.36
CA GLU B 64 2.70 -12.91 -8.00
C GLU B 64 2.20 -13.00 -6.56
N THR B 65 2.91 -12.38 -5.61
CA THR B 65 2.49 -12.37 -4.22
C THR B 65 1.15 -11.65 -4.04
N LEU B 66 0.86 -10.58 -4.81
CA LEU B 66 -0.46 -9.97 -4.82
C LEU B 66 -1.54 -10.99 -5.22
N GLU B 67 -1.33 -11.71 -6.33
CA GLU B 67 -2.23 -12.79 -6.74
C GLU B 67 -2.41 -13.85 -5.62
N LYS B 68 -1.34 -14.20 -4.87
CA LYS B 68 -1.42 -15.21 -3.80
C LYS B 68 -1.93 -14.66 -2.46
N LYS B 69 -2.04 -13.33 -2.34
CA LYS B 69 -2.47 -12.67 -1.09
C LYS B 69 -3.96 -12.29 -1.08
N GLY B 70 -4.62 -12.38 -2.24
CA GLY B 70 -6.04 -12.00 -2.38
C GLY B 70 -6.27 -10.82 -3.33
N VAL B 71 -5.23 -10.46 -4.10
CA VAL B 71 -5.28 -9.31 -5.01
C VAL B 71 -5.29 -9.85 -6.44
N LEU B 72 -6.34 -10.63 -6.73
CA LEU B 72 -6.39 -11.45 -7.96
C LEU B 72 -6.44 -10.63 -9.27
N ALA B 73 -7.07 -9.45 -9.24
CA ALA B 73 -7.24 -8.67 -10.46
C ALA B 73 -5.93 -8.04 -10.95
N LEU B 74 -5.80 -7.93 -12.28
CA LEU B 74 -4.69 -7.20 -12.90
C LEU B 74 -4.72 -5.71 -12.51
N GLY B 75 -5.90 -5.10 -12.57
CA GLY B 75 -6.06 -3.68 -12.26
C GLY B 75 -5.59 -3.37 -10.86
N ALA B 76 -6.31 -3.93 -9.88
CA ALA B 76 -5.85 -3.93 -8.47
C ALA B 76 -4.32 -4.04 -8.29
N ARG B 77 -3.74 -5.20 -8.64
CA ARG B 77 -2.33 -5.49 -8.31
C ARG B 77 -1.34 -4.49 -8.89
N ARG B 78 -1.47 -4.10 -10.16
CA ARG B 78 -0.61 -3.08 -10.76
C ARG B 78 -0.71 -1.73 -10.04
N LYS B 79 -1.90 -1.38 -9.56
CA LYS B 79 -2.11 -0.14 -8.79
C LYS B 79 -1.45 -0.20 -7.42
N LEU B 80 -1.34 -1.38 -6.79
CA LEU B 80 -0.51 -1.55 -5.60
C LEU B 80 0.96 -1.28 -5.93
N LEU B 81 1.51 -1.88 -6.99
CA LEU B 81 2.94 -1.75 -7.32
C LEU B 81 3.36 -0.29 -7.55
N LYS B 82 2.47 0.47 -8.17
CA LYS B 82 2.64 1.93 -8.31
C LYS B 82 2.68 2.63 -6.95
N ALA B 83 1.60 2.44 -6.18
CA ALA B 83 1.49 3.02 -4.85
C ALA B 83 2.73 2.73 -3.98
N PHE B 84 3.15 1.47 -3.98
CA PHE B 84 4.34 0.87 -3.37
C PHE B 84 5.65 1.50 -3.84
N GLY B 85 5.87 1.68 -5.13
CA GLY B 85 7.14 2.24 -5.62
C GLY B 85 7.34 3.68 -5.16
N ILE B 86 6.22 4.40 -4.97
CA ILE B 86 6.27 5.76 -4.48
C ILE B 86 6.69 5.75 -3.02
N VAL B 87 5.83 5.28 -2.12
CA VAL B 87 6.25 5.20 -0.69
C VAL B 87 7.70 4.68 -0.48
N ILE B 88 8.06 3.48 -0.99
CA ILE B 88 9.49 3.02 -1.01
C ILE B 88 10.46 4.14 -1.35
N ASP B 89 10.14 4.91 -2.38
CA ASP B 89 11.02 6.00 -2.82
C ASP B 89 11.23 6.98 -1.67
N TYR B 90 10.12 7.47 -1.12
CA TYR B 90 10.14 8.33 0.07
C TYR B 90 10.78 7.69 1.32
N LYS B 91 10.72 6.36 1.43
CA LYS B 91 11.41 5.63 2.50
C LYS B 91 12.93 5.66 2.29
N GLU B 92 13.31 5.44 1.04
CA GLU B 92 14.72 5.50 0.63
C GLU B 92 15.27 6.95 0.64
N ARG B 93 14.38 7.94 0.77
CA ARG B 93 14.76 9.35 0.92
C ARG B 93 14.62 9.85 2.37
N ASP B 94 13.79 9.16 3.16
CA ASP B 94 13.56 9.52 4.57
C ASP B 94 12.68 10.79 4.75
N LEU B 95 11.85 11.09 3.75
CA LEU B 95 10.90 12.22 3.82
C LEU B 95 9.64 11.90 4.65
N ILE B 96 9.48 10.62 4.94
CA ILE B 96 8.31 10.11 5.69
C ILE B 96 8.39 10.53 7.16
N ASP B 97 7.22 10.64 7.76
CA ASP B 97 7.11 11.05 9.16
C ASP B 97 7.46 9.88 10.07
N ARG B 98 8.15 10.22 11.17
CA ARG B 98 8.58 9.23 12.17
C ARG B 98 7.43 8.47 12.83
N SER B 99 6.21 9.03 12.76
CA SER B 99 5.00 8.38 13.27
C SER B 99 4.40 7.32 12.33
N ALA B 100 4.83 7.25 11.06
CA ALA B 100 4.38 6.20 10.14
C ALA B 100 4.91 4.81 10.55
N TYR B 101 6.13 4.83 11.08
CA TYR B 101 6.85 3.61 11.46
C TYR B 101 6.22 2.87 12.66
N MET B 21 -8.33 9.40 -8.18
CA MET B 21 -6.92 9.67 -7.78
C MET B 21 -6.72 9.39 -6.29
N PRO B 22 -5.62 8.72 -5.89
CA PRO B 22 -5.29 8.48 -4.48
C PRO B 22 -4.94 9.78 -3.73
N LYS B 23 -4.81 9.65 -2.40
CA LYS B 23 -4.19 10.66 -1.52
C LYS B 23 -2.69 10.74 -1.85
N SER B 24 -1.89 11.47 -1.05
CA SER B 24 -0.42 11.43 -1.16
C SER B 24 0.18 10.03 -0.93
N LEU B 25 -0.57 9.10 -0.33
CA LEU B 25 -0.24 7.73 0.10
C LEU B 25 0.85 7.64 1.19
N THR B 26 1.75 8.61 1.24
CA THR B 26 2.82 8.90 2.21
C THR B 26 2.30 9.40 3.58
N ASP B 27 1.01 9.20 3.85
CA ASP B 27 0.24 9.77 4.96
C ASP B 27 0.26 8.78 6.15
N PRO B 28 0.61 9.19 7.38
CA PRO B 28 0.84 8.23 8.46
C PRO B 28 -0.43 7.57 8.97
N LYS B 29 -1.57 8.24 8.79
CA LYS B 29 -2.86 7.74 9.26
C LYS B 29 -3.30 6.58 8.36
N LEU B 30 -3.07 6.73 7.06
CA LEU B 30 -3.27 5.65 6.09
C LEU B 30 -2.19 4.58 6.22
N LEU B 31 -0.90 4.98 6.23
CA LEU B 31 0.21 4.03 6.35
C LEU B 31 0.11 3.16 7.61
N LYS B 32 -0.31 3.74 8.74
CA LYS B 32 -0.67 2.95 9.94
C LYS B 32 -1.88 2.04 9.69
N ASN B 33 -2.99 2.64 9.22
CA ASN B 33 -4.26 1.92 9.03
C ASN B 33 -4.43 1.43 7.59
N ILE B 34 -3.83 0.26 7.30
CA ILE B 34 -3.79 -0.30 5.93
C ILE B 34 -5.15 -0.32 5.17
N PRO B 35 -6.29 -0.67 5.79
CA PRO B 35 -7.60 -0.52 5.16
C PRO B 35 -7.87 0.89 4.59
N MET B 36 -7.51 1.95 5.33
CA MET B 36 -7.80 3.33 4.91
C MET B 36 -6.78 3.83 3.87
N TRP B 37 -5.56 3.29 3.86
CA TRP B 37 -4.64 3.48 2.74
C TRP B 37 -5.24 2.96 1.44
N LEU B 38 -5.78 1.74 1.48
CA LEU B 38 -6.39 1.05 0.36
C LEU B 38 -7.77 1.62 -0.05
N LYS B 39 -8.51 2.21 0.90
CA LYS B 39 -9.72 3.00 0.60
C LYS B 39 -9.48 4.09 -0.43
N SER B 40 -8.40 4.86 -0.26
CA SER B 40 -8.03 5.92 -1.21
C SER B 40 -7.75 5.44 -2.65
N LEU B 41 -7.43 4.16 -2.85
CA LEU B 41 -7.21 3.53 -4.15
C LEU B 41 -8.49 2.88 -4.74
N ARG B 42 -9.56 2.80 -3.95
CA ARG B 42 -10.76 1.99 -4.30
C ARG B 42 -10.50 0.48 -4.41
N LEU B 43 -9.37 0.05 -3.84
CA LEU B 43 -8.98 -1.37 -3.80
C LEU B 43 -9.27 -2.01 -2.43
N HIS B 44 -10.09 -1.33 -1.62
CA HIS B 44 -10.52 -1.84 -0.29
C HIS B 44 -11.35 -3.14 -0.30
N LYS B 45 -11.32 -3.88 -1.43
CA LYS B 45 -11.86 -5.23 -1.46
C LYS B 45 -10.87 -6.21 -0.79
N TYR B 46 -9.62 -5.77 -0.81
CA TYR B 46 -8.50 -6.58 -0.35
C TYR B 46 -7.92 -6.10 0.98
N SER B 47 -8.60 -5.18 1.69
CA SER B 47 -8.10 -4.61 2.95
C SER B 47 -7.67 -5.66 3.97
N ASP B 48 -8.44 -6.74 4.11
CA ASP B 48 -8.12 -7.80 5.06
C ASP B 48 -7.02 -8.75 4.54
N ALA B 49 -6.91 -8.87 3.21
CA ALA B 49 -5.87 -9.70 2.61
C ALA B 49 -4.49 -9.03 2.69
N LEU B 50 -4.51 -7.70 2.84
CA LEU B 50 -3.29 -6.90 2.90
C LEU B 50 -3.02 -6.34 4.31
N SER B 51 -4.01 -6.40 5.21
CA SER B 51 -3.83 -6.04 6.63
C SER B 51 -2.84 -6.96 7.38
N GLY B 52 -2.59 -8.17 6.86
CA GLY B 52 -1.55 -9.06 7.40
C GLY B 52 -0.10 -8.62 7.11
N THR B 53 0.09 -7.47 6.46
CA THR B 53 1.43 -6.98 6.08
C THR B 53 1.52 -5.48 6.40
N PRO B 54 2.40 -5.00 7.32
CA PRO B 54 2.53 -3.58 7.61
C PRO B 54 2.98 -2.80 6.36
N TRP B 55 2.64 -1.52 6.28
CA TRP B 55 2.89 -0.73 5.06
C TRP B 55 4.37 -0.80 4.62
N ILE B 56 5.28 -0.54 5.58
CA ILE B 56 6.74 -0.69 5.38
C ILE B 56 7.21 -1.87 4.50
N GLU B 57 6.41 -2.93 4.44
CA GLU B 57 6.74 -4.15 3.71
C GLU B 57 5.75 -4.39 2.58
N LEU B 58 4.50 -3.95 2.76
CA LEU B 58 3.49 -4.03 1.74
C LEU B 58 4.02 -3.47 0.42
N ILE B 59 4.47 -2.23 0.47
CA ILE B 59 5.14 -1.63 -0.68
C ILE B 59 6.17 -2.55 -1.41
N TYR B 60 6.87 -3.42 -0.68
CA TYR B 60 7.87 -4.34 -1.28
C TYR B 60 7.30 -5.63 -1.88
N LEU B 61 5.97 -5.75 -1.92
CA LEU B 61 5.29 -6.85 -2.61
C LEU B 61 5.59 -6.86 -4.13
N ASP B 62 5.20 -7.98 -4.76
CA ASP B 62 5.41 -8.18 -6.19
C ASP B 62 4.11 -8.69 -6.85
N ASP B 63 4.12 -8.69 -8.18
CA ASP B 63 2.96 -9.15 -8.98
C ASP B 63 2.48 -10.55 -8.58
N GLU B 64 3.42 -11.50 -8.54
CA GLU B 64 3.11 -12.87 -8.17
C GLU B 64 2.64 -12.99 -6.72
N THR B 65 3.31 -12.31 -5.79
CA THR B 65 2.95 -12.34 -4.38
C THR B 65 1.56 -11.74 -4.16
N LEU B 66 1.21 -10.67 -4.87
CA LEU B 66 -0.14 -10.09 -4.81
C LEU B 66 -1.19 -11.11 -5.27
N GLU B 67 -0.96 -11.78 -6.41
CA GLU B 67 -1.82 -12.87 -6.87
C GLU B 67 -1.99 -13.97 -5.81
N LYS B 68 -0.91 -14.35 -5.11
CA LYS B 68 -0.96 -15.39 -4.07
C LYS B 68 -1.52 -14.91 -2.73
N LYS B 69 -1.58 -13.59 -2.53
CA LYS B 69 -2.06 -12.99 -1.28
C LYS B 69 -3.58 -12.71 -1.29
N GLY B 70 -4.22 -12.84 -2.46
CA GLY B 70 -5.65 -12.56 -2.60
C GLY B 70 -5.95 -11.35 -3.49
N VAL B 71 -4.95 -10.86 -4.22
CA VAL B 71 -5.10 -9.69 -5.10
C VAL B 71 -5.18 -10.20 -6.54
N LEU B 72 -6.25 -10.95 -6.82
CA LEU B 72 -6.33 -11.74 -8.06
C LEU B 72 -6.55 -10.89 -9.32
N ALA B 73 -7.18 -9.73 -9.23
CA ALA B 73 -7.40 -8.87 -10.38
C ALA B 73 -6.09 -8.23 -10.86
N LEU B 74 -5.93 -8.16 -12.19
CA LEU B 74 -4.85 -7.38 -12.80
C LEU B 74 -4.93 -5.91 -12.39
N GLY B 75 -6.12 -5.32 -12.51
CA GLY B 75 -6.32 -3.90 -12.29
C GLY B 75 -5.82 -3.49 -10.91
N ALA B 76 -6.50 -4.02 -9.90
CA ALA B 76 -5.99 -3.99 -8.52
C ALA B 76 -4.45 -4.09 -8.40
N ARG B 77 -3.90 -5.28 -8.71
CA ARG B 77 -2.47 -5.56 -8.59
C ARG B 77 -1.56 -4.49 -9.18
N ARG B 78 -1.75 -4.11 -10.44
CA ARG B 78 -0.94 -3.06 -11.09
C ARG B 78 -0.98 -1.75 -10.30
N LYS B 79 -2.16 -1.38 -9.77
CA LYS B 79 -2.31 -0.13 -9.01
C LYS B 79 -1.69 -0.21 -7.61
N LEU B 80 -1.53 -1.40 -7.02
CA LEU B 80 -0.72 -1.55 -5.82
C LEU B 80 0.73 -1.22 -6.15
N LEU B 81 1.29 -1.76 -7.24
CA LEU B 81 2.70 -1.52 -7.61
C LEU B 81 3.02 -0.04 -7.81
N LYS B 82 2.06 0.68 -8.40
CA LYS B 82 2.11 2.15 -8.49
C LYS B 82 2.12 2.81 -7.11
N ALA B 83 1.05 2.56 -6.34
CA ALA B 83 0.89 3.11 -5.00
C ALA B 83 2.15 2.92 -4.12
N PHE B 84 2.66 1.69 -4.13
CA PHE B 84 3.89 1.19 -3.51
C PHE B 84 5.14 1.92 -3.97
N GLY B 85 5.37 2.09 -5.27
CA GLY B 85 6.59 2.74 -5.74
C GLY B 85 6.66 4.20 -5.28
N ILE B 86 5.50 4.83 -5.10
CA ILE B 86 5.42 6.18 -4.59
C ILE B 86 5.87 6.18 -3.13
N VAL B 87 5.05 5.66 -2.22
CA VAL B 87 5.48 5.62 -0.80
C VAL B 87 6.97 5.19 -0.60
N ILE B 88 7.40 4.02 -1.11
CA ILE B 88 8.85 3.66 -1.13
C ILE B 88 9.75 4.83 -1.46
N ASP B 89 9.36 5.57 -2.48
CA ASP B 89 10.18 6.69 -2.98
C ASP B 89 10.43 7.70 -1.86
N TYR B 90 9.34 8.09 -1.21
CA TYR B 90 9.41 8.91 0.01
C TYR B 90 10.08 8.22 1.21
N LYS B 91 9.99 6.89 1.33
CA LYS B 91 10.63 6.13 2.41
C LYS B 91 12.15 6.17 2.27
N GLU B 92 12.60 6.06 1.02
CA GLU B 92 14.02 6.20 0.66
C GLU B 92 14.53 7.65 0.84
N ARG B 93 13.61 8.58 1.17
CA ARG B 93 13.96 9.99 1.44
C ARG B 93 13.75 10.38 2.91
N ASP B 94 12.86 9.66 3.61
CA ASP B 94 12.53 9.94 5.03
C ASP B 94 11.45 11.05 5.18
N LEU B 95 10.72 11.34 4.09
CA LEU B 95 9.62 12.32 4.11
C LEU B 95 8.35 11.77 4.77
N ILE B 96 8.38 10.49 5.12
CA ILE B 96 7.32 9.88 5.94
C ILE B 96 7.31 10.52 7.33
N ASP B 97 6.11 10.66 7.89
CA ASP B 97 5.98 11.05 9.28
C ASP B 97 6.33 9.86 10.20
N ARG B 98 6.93 10.21 11.32
CA ARG B 98 7.40 9.22 12.31
C ARG B 98 6.28 8.42 13.01
N SER B 99 5.03 8.87 12.83
CA SER B 99 3.85 8.13 13.33
C SER B 99 3.33 7.06 12.36
N ALA B 100 3.76 7.08 11.08
CA ALA B 100 3.37 6.05 10.12
C ALA B 100 3.96 4.67 10.49
N TYR B 101 5.21 4.70 10.94
CA TYR B 101 5.95 3.51 11.34
C TYR B 101 5.25 2.72 12.47
N MET B 21 -7.56 10.02 -7.17
CA MET B 21 -6.13 10.45 -7.21
C MET B 21 -5.59 10.62 -5.79
N PRO B 22 -4.58 9.82 -5.38
CA PRO B 22 -3.88 9.98 -4.09
C PRO B 22 -3.28 11.38 -3.89
N LYS B 23 -2.97 11.71 -2.62
CA LYS B 23 -2.39 13.00 -2.20
C LYS B 23 -1.22 12.83 -1.22
N SER B 24 -1.38 11.94 -0.24
CA SER B 24 -0.41 11.65 0.82
C SER B 24 -0.43 10.15 1.17
N LEU B 25 0.09 9.30 0.28
CA LEU B 25 0.33 7.88 0.59
C LEU B 25 1.47 7.72 1.61
N THR B 26 2.40 8.67 1.61
CA THR B 26 3.55 8.88 2.51
C THR B 26 3.17 9.33 3.94
N ASP B 27 1.91 9.19 4.33
CA ASP B 27 1.31 9.75 5.54
C ASP B 27 1.42 8.73 6.68
N PRO B 28 1.92 9.07 7.88
CA PRO B 28 2.25 8.08 8.89
C PRO B 28 1.03 7.39 9.49
N LYS B 29 -0.11 8.08 9.45
CA LYS B 29 -1.37 7.58 10.01
C LYS B 29 -1.95 6.50 9.09
N LEU B 30 -1.91 6.76 7.78
CA LEU B 30 -2.26 5.75 6.78
C LEU B 30 -1.21 4.63 6.74
N LEU B 31 0.07 4.97 6.71
CA LEU B 31 1.14 3.97 6.66
C LEU B 31 1.07 3.02 7.87
N LYS B 32 0.87 3.53 9.09
CA LYS B 32 0.60 2.68 10.27
C LYS B 32 -0.74 1.92 10.22
N ASN B 33 -1.74 2.46 9.52
CA ASN B 33 -3.08 1.86 9.45
C ASN B 33 -3.47 1.48 8.01
N ILE B 34 -2.98 0.30 7.60
CA ILE B 34 -3.14 -0.18 6.19
C ILE B 34 -4.57 -0.09 5.61
N PRO B 35 -5.66 -0.41 6.35
CA PRO B 35 -7.03 -0.18 5.88
C PRO B 35 -7.32 1.27 5.43
N MET B 36 -6.77 2.26 6.14
CA MET B 36 -7.01 3.67 5.84
C MET B 36 -6.09 4.16 4.71
N TRP B 37 -4.89 3.60 4.60
CA TRP B 37 -4.03 3.80 3.42
C TRP B 37 -4.74 3.36 2.13
N LEU B 38 -5.26 2.13 2.13
CA LEU B 38 -5.96 1.50 1.02
C LEU B 38 -7.31 2.14 0.70
N LYS B 39 -7.93 2.80 1.69
CA LYS B 39 -9.12 3.64 1.47
C LYS B 39 -8.95 4.65 0.34
N SER B 40 -7.80 5.32 0.33
CA SER B 40 -7.48 6.34 -0.69
C SER B 40 -7.29 5.79 -2.11
N LEU B 41 -7.09 4.46 -2.26
CA LEU B 41 -6.97 3.78 -3.56
C LEU B 41 -8.31 3.19 -4.06
N ARG B 42 -9.36 3.20 -3.20
CA ARG B 42 -10.65 2.52 -3.52
C ARG B 42 -10.53 1.00 -3.68
N LEU B 43 -9.45 0.45 -3.12
CA LEU B 43 -9.24 -1.00 -3.07
C LEU B 43 -9.39 -1.55 -1.64
N HIS B 44 -10.01 -0.73 -0.78
CA HIS B 44 -10.28 -1.09 0.64
C HIS B 44 -11.27 -2.25 0.87
N LYS B 45 -11.46 -3.08 -0.17
CA LYS B 45 -12.17 -4.36 -0.02
C LYS B 45 -11.18 -5.43 0.43
N TYR B 46 -9.92 -5.23 0.02
CA TYR B 46 -8.83 -6.14 0.33
C TYR B 46 -8.08 -5.74 1.61
N SER B 47 -8.62 -4.78 2.38
CA SER B 47 -7.95 -4.28 3.59
C SER B 47 -7.48 -5.39 4.53
N ASP B 48 -8.25 -6.45 4.72
CA ASP B 48 -7.86 -7.55 5.61
C ASP B 48 -6.85 -8.50 4.96
N ALA B 49 -6.83 -8.56 3.62
CA ALA B 49 -5.86 -9.38 2.91
C ALA B 49 -4.47 -8.70 2.90
N LEU B 50 -4.47 -7.38 3.15
CA LEU B 50 -3.25 -6.58 3.10
C LEU B 50 -2.83 -6.08 4.50
N SER B 51 -3.76 -6.09 5.47
CA SER B 51 -3.46 -5.77 6.88
C SER B 51 -2.55 -6.81 7.56
N GLY B 52 -2.39 -8.00 6.96
CA GLY B 52 -1.41 -9.00 7.45
C GLY B 52 0.06 -8.68 7.12
N THR B 53 0.32 -7.56 6.43
CA THR B 53 1.70 -7.15 6.06
C THR B 53 1.88 -5.67 6.42
N PRO B 54 2.97 -5.25 7.11
CA PRO B 54 3.20 -3.84 7.42
C PRO B 54 3.57 -3.05 6.18
N TRP B 55 3.36 -1.75 6.24
CA TRP B 55 3.52 -0.88 5.07
C TRP B 55 4.97 -0.94 4.55
N ILE B 56 5.92 -0.65 5.46
CA ILE B 56 7.36 -0.80 5.21
C ILE B 56 7.80 -1.97 4.31
N GLU B 57 7.01 -3.06 4.25
CA GLU B 57 7.33 -4.23 3.43
C GLU B 57 6.27 -4.46 2.35
N LEU B 58 5.01 -4.08 2.62
CA LEU B 58 3.94 -4.15 1.65
C LEU B 58 4.38 -3.57 0.31
N ILE B 59 4.83 -2.34 0.36
CA ILE B 59 5.40 -1.68 -0.81
C ILE B 59 6.35 -2.56 -1.66
N TYR B 60 7.13 -3.45 -1.04
CA TYR B 60 8.10 -4.31 -1.76
C TYR B 60 7.51 -5.60 -2.34
N LEU B 61 6.20 -5.78 -2.22
CA LEU B 61 5.48 -6.88 -2.88
C LEU B 61 5.64 -6.85 -4.41
N ASP B 62 5.23 -7.94 -5.04
CA ASP B 62 5.27 -8.07 -6.49
C ASP B 62 3.90 -8.50 -7.05
N ASP B 63 3.76 -8.35 -8.37
CA ASP B 63 2.50 -8.66 -9.07
C ASP B 63 1.98 -10.08 -8.76
N GLU B 64 2.88 -11.06 -8.86
CA GLU B 64 2.55 -12.44 -8.54
C GLU B 64 2.21 -12.62 -7.06
N THR B 65 2.99 -12.02 -6.17
CA THR B 65 2.78 -12.16 -4.73
C THR B 65 1.44 -11.56 -4.32
N LEU B 66 1.05 -10.42 -4.92
CA LEU B 66 -0.29 -9.85 -4.71
C LEU B 66 -1.39 -10.85 -5.11
N GLU B 67 -1.30 -11.45 -6.31
CA GLU B 67 -2.25 -12.48 -6.73
C GLU B 67 -2.35 -13.62 -5.69
N LYS B 68 -1.23 -14.05 -5.13
CA LYS B 68 -1.21 -15.13 -4.12
C LYS B 68 -1.61 -14.69 -2.71
N LYS B 69 -1.74 -13.36 -2.50
CA LYS B 69 -2.13 -12.79 -1.21
C LYS B 69 -3.64 -12.48 -1.07
N GLY B 70 -4.39 -12.63 -2.16
CA GLY B 70 -5.82 -12.29 -2.18
C GLY B 70 -6.13 -11.05 -3.04
N VAL B 71 -5.18 -10.67 -3.90
CA VAL B 71 -5.33 -9.49 -4.77
C VAL B 71 -5.40 -10.02 -6.21
N LEU B 72 -6.43 -10.84 -6.43
CA LEU B 72 -6.53 -11.66 -7.64
C LEU B 72 -6.64 -10.86 -8.94
N ALA B 73 -7.27 -9.69 -8.90
CA ALA B 73 -7.46 -8.86 -10.09
C ALA B 73 -6.14 -8.20 -10.55
N LEU B 74 -5.96 -8.17 -11.87
CA LEU B 74 -4.88 -7.38 -12.49
C LEU B 74 -4.99 -5.90 -12.13
N GLY B 75 -6.20 -5.36 -12.25
CA GLY B 75 -6.44 -3.93 -12.03
C GLY B 75 -6.04 -3.52 -10.62
N ALA B 76 -6.75 -4.06 -9.63
CA ALA B 76 -6.32 -3.94 -8.23
C ALA B 76 -4.80 -3.95 -8.02
N ARG B 77 -4.13 -5.08 -8.30
CA ARG B 77 -2.73 -5.26 -7.94
C ARG B 77 -1.78 -4.29 -8.63
N ARG B 78 -2.02 -3.91 -9.89
CA ARG B 78 -1.22 -2.89 -10.58
C ARG B 78 -1.32 -1.54 -9.87
N LYS B 79 -2.51 -1.17 -9.39
CA LYS B 79 -2.72 0.09 -8.65
C LYS B 79 -1.99 0.09 -7.30
N LEU B 80 -1.82 -1.10 -6.68
CA LEU B 80 -0.95 -1.24 -5.51
C LEU B 80 0.51 -0.95 -5.88
N LEU B 81 1.03 -1.50 -6.99
CA LEU B 81 2.43 -1.30 -7.39
C LEU B 81 2.80 0.18 -7.58
N LYS B 82 1.84 0.92 -8.11
CA LYS B 82 1.96 2.39 -8.23
C LYS B 82 2.06 3.05 -6.85
N ALA B 83 1.04 2.82 -6.03
CA ALA B 83 0.99 3.36 -4.67
C ALA B 83 2.26 3.08 -3.88
N PHE B 84 2.70 1.82 -3.93
CA PHE B 84 3.93 1.24 -3.40
C PHE B 84 5.20 1.92 -3.92
N GLY B 85 5.32 2.19 -5.22
CA GLY B 85 6.53 2.81 -5.75
C GLY B 85 6.71 4.23 -5.24
N ILE B 86 5.59 4.91 -4.96
CA ILE B 86 5.63 6.26 -4.43
C ILE B 86 6.13 6.23 -2.99
N VAL B 87 5.36 5.69 -2.05
CA VAL B 87 5.88 5.58 -0.67
C VAL B 87 7.37 5.12 -0.59
N ILE B 88 7.73 3.95 -1.17
CA ILE B 88 9.17 3.57 -1.32
C ILE B 88 10.07 4.73 -1.68
N ASP B 89 9.63 5.53 -2.64
CA ASP B 89 10.43 6.62 -3.16
C ASP B 89 10.81 7.58 -2.03
N TYR B 90 9.78 8.00 -1.28
CA TYR B 90 9.99 8.76 -0.04
C TYR B 90 10.76 8.01 1.05
N LYS B 91 10.63 6.68 1.13
CA LYS B 91 11.35 5.87 2.13
C LYS B 91 12.85 5.83 1.82
N GLU B 92 13.17 5.76 0.53
CA GLU B 92 14.55 5.84 0.05
C GLU B 92 15.15 7.24 0.22
N ARG B 93 14.29 8.22 0.55
CA ARG B 93 14.72 9.59 0.87
C ARG B 93 14.70 9.86 2.38
N ASP B 94 13.91 9.07 3.12
CA ASP B 94 13.78 9.21 4.58
C ASP B 94 12.84 10.38 5.00
N LEU B 95 11.96 10.81 4.09
CA LEU B 95 10.99 11.89 4.37
C LEU B 95 9.79 11.43 5.19
N ILE B 96 9.73 10.12 5.45
CA ILE B 96 8.69 9.53 6.30
C ILE B 96 8.78 10.07 7.74
N ASP B 97 7.63 10.29 8.35
CA ASP B 97 7.58 10.63 9.77
C ASP B 97 7.83 9.37 10.62
N ARG B 98 8.49 9.59 11.74
CA ARG B 98 8.84 8.52 12.68
C ARG B 98 7.64 7.81 13.32
N SER B 99 6.46 8.44 13.23
CA SER B 99 5.20 7.82 13.70
C SER B 99 4.61 6.78 12.74
N ALA B 100 5.05 6.73 11.47
CA ALA B 100 4.59 5.70 10.53
C ALA B 100 5.12 4.29 10.88
N TYR B 101 6.28 4.28 11.56
CA TYR B 101 6.99 3.04 11.88
C TYR B 101 6.29 2.23 12.99
N MET B 21 -7.09 10.83 -8.66
CA MET B 21 -5.84 10.02 -8.48
C MET B 21 -5.39 10.02 -7.00
N PRO B 22 -4.76 8.94 -6.51
CA PRO B 22 -4.17 8.90 -5.17
C PRO B 22 -2.97 9.86 -5.05
N LYS B 23 -2.73 10.37 -3.83
CA LYS B 23 -1.55 11.20 -3.48
C LYS B 23 -1.18 11.09 -2.00
N SER B 24 -2.19 11.13 -1.13
CA SER B 24 -2.12 10.92 0.34
C SER B 24 -1.58 9.56 0.78
N LEU B 25 -1.12 8.70 -0.13
CA LEU B 25 -0.49 7.41 0.17
C LEU B 25 0.76 7.56 1.05
N THR B 26 1.56 8.59 0.77
CA THR B 26 2.79 9.04 1.45
C THR B 26 2.59 9.59 2.88
N ASP B 27 1.49 9.25 3.54
CA ASP B 27 1.01 9.87 4.79
C ASP B 27 1.18 8.87 5.95
N PRO B 28 1.81 9.24 7.07
CA PRO B 28 2.20 8.29 8.10
C PRO B 28 1.01 7.70 8.87
N LYS B 29 -0.09 8.46 8.90
CA LYS B 29 -1.31 8.05 9.62
C LYS B 29 -2.04 6.95 8.83
N LEU B 30 -2.05 7.10 7.51
CA LEU B 30 -2.51 6.05 6.60
C LEU B 30 -1.54 4.87 6.58
N LEU B 31 -0.25 5.14 6.42
CA LEU B 31 0.77 4.09 6.41
C LEU B 31 0.76 3.27 7.71
N LYS B 32 0.49 3.87 8.87
CA LYS B 32 0.20 3.13 10.11
C LYS B 32 -1.08 2.27 9.98
N ASN B 33 -2.19 2.90 9.59
CA ASN B 33 -3.49 2.25 9.53
C ASN B 33 -3.83 1.75 8.11
N ILE B 34 -3.35 0.55 7.79
CA ILE B 34 -3.44 -0.01 6.41
C ILE B 34 -4.83 0.07 5.73
N PRO B 35 -5.97 -0.19 6.40
CA PRO B 35 -7.32 0.03 5.84
C PRO B 35 -7.59 1.47 5.38
N MET B 36 -7.03 2.46 6.08
CA MET B 36 -7.23 3.87 5.76
C MET B 36 -6.33 4.33 4.62
N TRP B 37 -5.12 3.74 4.51
CA TRP B 37 -4.28 3.90 3.32
C TRP B 37 -5.01 3.45 2.04
N LEU B 38 -5.53 2.23 2.06
CA LEU B 38 -6.23 1.59 0.94
C LEU B 38 -7.59 2.24 0.60
N LYS B 39 -8.17 2.98 1.55
CA LYS B 39 -9.32 3.85 1.29
C LYS B 39 -9.14 4.74 0.06
N SER B 40 -8.01 5.43 0.08
CA SER B 40 -7.60 6.34 -1.03
C SER B 40 -7.41 5.72 -2.44
N LEU B 41 -7.71 4.44 -2.62
CA LEU B 41 -7.51 3.64 -3.84
C LEU B 41 -8.79 2.91 -4.28
N ARG B 42 -9.79 2.80 -3.38
CA ARG B 42 -11.03 2.06 -3.65
C ARG B 42 -10.83 0.57 -3.88
N LEU B 43 -9.71 0.12 -3.32
CA LEU B 43 -9.42 -1.30 -3.14
C LEU B 43 -9.67 -1.70 -1.68
N HIS B 44 -10.31 -0.81 -0.91
CA HIS B 44 -10.61 -1.04 0.52
C HIS B 44 -11.59 -2.20 0.82
N LYS B 45 -11.85 -3.06 -0.17
CA LYS B 45 -12.51 -4.35 0.09
C LYS B 45 -11.46 -5.35 0.57
N TYR B 46 -10.26 -5.20 0.01
CA TYR B 46 -9.16 -6.13 0.22
C TYR B 46 -8.31 -5.69 1.42
N SER B 47 -8.81 -4.74 2.23
CA SER B 47 -8.10 -4.27 3.43
C SER B 47 -7.60 -5.40 4.30
N ASP B 48 -8.33 -6.50 4.49
CA ASP B 48 -7.88 -7.60 5.33
C ASP B 48 -6.84 -8.49 4.65
N ALA B 49 -6.82 -8.52 3.31
CA ALA B 49 -5.85 -9.30 2.58
C ALA B 49 -4.47 -8.61 2.61
N LEU B 50 -4.51 -7.29 2.82
CA LEU B 50 -3.32 -6.45 2.76
C LEU B 50 -2.91 -5.94 4.16
N SER B 51 -3.84 -5.95 5.12
CA SER B 51 -3.56 -5.60 6.52
C SER B 51 -2.75 -6.67 7.28
N GLY B 52 -2.60 -7.87 6.72
CA GLY B 52 -1.67 -8.87 7.25
C GLY B 52 -0.19 -8.54 7.03
N THR B 53 0.11 -7.38 6.44
CA THR B 53 1.50 -6.97 6.13
C THR B 53 1.66 -5.47 6.49
N PRO B 54 2.74 -5.03 7.17
CA PRO B 54 2.94 -3.61 7.45
C PRO B 54 3.33 -2.85 6.20
N TRP B 55 3.11 -1.54 6.23
CA TRP B 55 3.27 -0.70 5.04
C TRP B 55 4.72 -0.76 4.52
N ILE B 56 5.67 -0.44 5.42
CA ILE B 56 7.12 -0.58 5.17
C ILE B 56 7.56 -1.77 4.31
N GLU B 57 6.78 -2.86 4.30
CA GLU B 57 7.13 -4.06 3.54
C GLU B 57 6.10 -4.35 2.44
N LEU B 58 4.83 -3.97 2.68
CA LEU B 58 3.78 -4.06 1.66
C LEU B 58 4.29 -3.52 0.32
N ILE B 59 4.68 -2.26 0.36
CA ILE B 59 5.26 -1.61 -0.82
C ILE B 59 6.32 -2.47 -1.59
N TYR B 60 7.09 -3.33 -0.90
CA TYR B 60 8.12 -4.18 -1.54
C TYR B 60 7.61 -5.52 -2.09
N LEU B 61 6.30 -5.75 -2.03
CA LEU B 61 5.67 -6.93 -2.67
C LEU B 61 5.91 -6.99 -4.20
N ASP B 62 5.52 -8.12 -4.79
CA ASP B 62 5.62 -8.34 -6.23
C ASP B 62 4.28 -8.79 -6.82
N ASP B 63 4.20 -8.74 -8.15
CA ASP B 63 2.99 -9.10 -8.89
C ASP B 63 2.43 -10.50 -8.53
N GLU B 64 3.31 -11.49 -8.54
CA GLU B 64 2.96 -12.86 -8.18
C GLU B 64 2.62 -12.98 -6.69
N THR B 65 3.36 -12.30 -5.83
CA THR B 65 3.07 -12.30 -4.39
C THR B 65 1.69 -11.69 -4.11
N LEU B 66 1.30 -10.61 -4.82
CA LEU B 66 -0.05 -10.06 -4.71
C LEU B 66 -1.11 -11.12 -5.03
N GLU B 67 -1.05 -11.81 -6.18
CA GLU B 67 -2.05 -12.79 -6.54
C GLU B 67 -2.14 -13.97 -5.54
N LYS B 68 -1.02 -14.33 -4.90
CA LYS B 68 -1.01 -15.34 -3.83
C LYS B 68 -1.46 -14.79 -2.46
N LYS B 69 -1.55 -13.46 -2.31
CA LYS B 69 -2.02 -12.84 -1.06
C LYS B 69 -3.55 -12.61 -1.02
N GLY B 70 -4.21 -12.78 -2.18
CA GLY B 70 -5.65 -12.51 -2.31
C GLY B 70 -5.97 -11.37 -3.29
N VAL B 71 -4.99 -10.97 -4.10
CA VAL B 71 -5.13 -9.80 -5.00
C VAL B 71 -5.20 -10.33 -6.43
N LEU B 72 -6.25 -11.12 -6.68
CA LEU B 72 -6.34 -11.92 -7.90
C LEU B 72 -6.48 -11.08 -9.18
N ALA B 73 -7.20 -9.96 -9.13
CA ALA B 73 -7.47 -9.17 -10.33
C ALA B 73 -6.20 -8.48 -10.83
N LEU B 74 -6.04 -8.42 -12.15
CA LEU B 74 -4.96 -7.65 -12.78
C LEU B 74 -5.06 -6.16 -12.42
N GLY B 75 -6.27 -5.60 -12.44
CA GLY B 75 -6.46 -4.17 -12.17
C GLY B 75 -6.01 -3.79 -10.77
N ALA B 76 -6.73 -4.32 -9.77
CA ALA B 76 -6.28 -4.23 -8.37
C ALA B 76 -4.74 -4.29 -8.22
N ARG B 77 -4.14 -5.37 -8.73
CA ARG B 77 -2.70 -5.61 -8.63
C ARG B 77 -1.85 -4.43 -9.08
N ARG B 78 -1.97 -3.98 -10.34
CA ARG B 78 -1.21 -2.83 -10.84
C ARG B 78 -1.41 -1.57 -10.00
N LYS B 79 -2.64 -1.35 -9.51
CA LYS B 79 -2.97 -0.17 -8.70
C LYS B 79 -2.22 -0.17 -7.36
N LEU B 80 -2.02 -1.34 -6.74
CA LEU B 80 -1.13 -1.46 -5.58
C LEU B 80 0.32 -1.13 -5.97
N LEU B 81 0.87 -1.74 -7.03
CA LEU B 81 2.29 -1.58 -7.38
C LEU B 81 2.69 -0.12 -7.68
N LYS B 82 1.75 0.60 -8.28
CA LYS B 82 1.85 2.07 -8.44
C LYS B 82 1.95 2.77 -7.09
N ALA B 83 0.89 2.58 -6.29
CA ALA B 83 0.80 3.17 -4.95
C ALA B 83 2.07 2.93 -4.12
N PHE B 84 2.55 1.69 -4.17
CA PHE B 84 3.76 1.13 -3.57
C PHE B 84 5.05 1.80 -4.07
N GLY B 85 5.22 2.08 -5.35
CA GLY B 85 6.44 2.74 -5.83
C GLY B 85 6.54 4.18 -5.34
N ILE B 86 5.39 4.83 -5.16
CA ILE B 86 5.35 6.22 -4.70
C ILE B 86 5.77 6.27 -3.23
N VAL B 87 4.97 5.72 -2.32
CA VAL B 87 5.41 5.66 -0.89
C VAL B 87 6.90 5.29 -0.73
N ILE B 88 7.38 4.14 -1.24
CA ILE B 88 8.84 3.82 -1.28
C ILE B 88 9.71 5.01 -1.61
N ASP B 89 9.29 5.76 -2.62
CA ASP B 89 10.05 6.92 -3.07
C ASP B 89 10.20 7.92 -1.92
N TYR B 90 9.07 8.30 -1.33
CA TYR B 90 9.06 9.13 -0.12
C TYR B 90 9.75 8.49 1.10
N LYS B 91 9.79 7.16 1.20
CA LYS B 91 10.52 6.45 2.26
C LYS B 91 12.03 6.64 2.07
N GLU B 92 12.44 6.51 0.82
CA GLU B 92 13.82 6.71 0.41
C GLU B 92 14.23 8.21 0.46
N ARG B 93 13.26 9.10 0.67
CA ARG B 93 13.51 10.53 0.89
C ARG B 93 13.37 10.93 2.37
N ASP B 94 12.62 10.13 3.14
CA ASP B 94 12.47 10.31 4.58
C ASP B 94 11.34 11.31 4.95
N LEU B 95 10.45 11.60 3.99
CA LEU B 95 9.34 12.57 4.19
C LEU B 95 8.15 11.98 4.97
N ILE B 96 8.25 10.68 5.25
CA ILE B 96 7.15 9.91 5.89
C ILE B 96 6.63 10.51 7.22
N ASP B 97 7.58 10.64 8.18
CA ASP B 97 7.31 10.98 9.60
C ASP B 97 7.50 9.72 10.47
N ARG B 98 7.91 9.92 11.74
CA ARG B 98 8.14 8.80 12.68
C ARG B 98 6.85 8.10 13.15
N SER B 99 5.69 8.67 12.84
CA SER B 99 4.39 8.07 13.18
C SER B 99 4.02 6.83 12.34
N ALA B 100 4.54 6.68 11.12
CA ALA B 100 4.21 5.55 10.25
C ALA B 100 4.87 4.24 10.71
N TYR B 101 6.13 4.39 11.09
CA TYR B 101 6.95 3.26 11.58
C TYR B 101 6.33 2.51 12.77
N MET B 21 -4.50 11.00 -9.31
CA MET B 21 -3.17 10.49 -8.83
C MET B 21 -3.11 10.53 -7.30
N PRO B 22 -2.73 9.42 -6.64
CA PRO B 22 -2.50 9.38 -5.18
C PRO B 22 -1.53 10.46 -4.69
N LYS B 23 -1.86 11.10 -3.55
CA LYS B 23 -1.09 12.21 -2.93
C LYS B 23 -1.01 12.17 -1.40
N SER B 24 -1.65 11.18 -0.77
CA SER B 24 -1.80 11.04 0.70
C SER B 24 -1.37 9.66 1.20
N LEU B 25 -0.77 8.81 0.35
CA LEU B 25 -0.31 7.47 0.73
C LEU B 25 0.87 7.53 1.72
N THR B 26 1.72 8.54 1.55
CA THR B 26 2.90 8.92 2.33
C THR B 26 2.57 9.47 3.73
N ASP B 27 1.43 9.07 4.31
CA ASP B 27 0.83 9.61 5.53
C ASP B 27 0.99 8.59 6.66
N PRO B 28 1.47 8.96 7.85
CA PRO B 28 1.86 7.97 8.86
C PRO B 28 0.67 7.26 9.50
N LYS B 29 -0.50 7.89 9.44
CA LYS B 29 -1.73 7.33 10.02
C LYS B 29 -2.25 6.22 9.12
N LEU B 30 -2.24 6.47 7.81
CA LEU B 30 -2.53 5.44 6.82
C LEU B 30 -1.45 4.34 6.87
N LEU B 31 -0.18 4.72 6.82
CA LEU B 31 0.91 3.77 6.82
C LEU B 31 0.95 2.90 8.08
N LYS B 32 0.61 3.46 9.25
CA LYS B 32 0.42 2.67 10.49
C LYS B 32 -0.70 1.63 10.34
N ASN B 33 -1.90 2.05 9.94
CA ASN B 33 -3.04 1.16 9.79
C ASN B 33 -3.44 0.94 8.32
N ILE B 34 -2.89 -0.17 7.78
CA ILE B 34 -3.09 -0.57 6.38
C ILE B 34 -4.54 -0.48 5.86
N PRO B 35 -5.60 -0.86 6.63
CA PRO B 35 -6.98 -0.66 6.19
C PRO B 35 -7.32 0.79 5.79
N MET B 36 -6.78 1.78 6.52
CA MET B 36 -7.00 3.18 6.19
C MET B 36 -6.13 3.63 5.01
N TRP B 37 -4.92 3.06 4.86
CA TRP B 37 -4.12 3.25 3.64
C TRP B 37 -4.87 2.81 2.36
N LEU B 38 -5.49 1.63 2.35
CA LEU B 38 -6.34 1.19 1.23
C LEU B 38 -7.60 2.05 1.03
N LYS B 39 -8.12 2.68 2.10
CA LYS B 39 -9.27 3.59 2.00
C LYS B 39 -9.07 4.68 0.96
N SER B 40 -7.91 5.33 1.00
CA SER B 40 -7.56 6.38 0.04
C SER B 40 -7.34 5.92 -1.42
N LEU B 41 -7.31 4.61 -1.68
CA LEU B 41 -7.15 4.01 -3.01
C LEU B 41 -8.46 3.43 -3.59
N ARG B 42 -9.53 3.40 -2.79
CA ARG B 42 -10.79 2.68 -3.15
C ARG B 42 -10.60 1.15 -3.30
N LEU B 43 -9.53 0.64 -2.67
CA LEU B 43 -9.23 -0.79 -2.65
C LEU B 43 -9.35 -1.37 -1.22
N HIS B 44 -10.06 -0.64 -0.37
CA HIS B 44 -10.37 -1.06 1.01
C HIS B 44 -11.32 -2.29 1.13
N LYS B 45 -11.35 -3.11 0.07
CA LYS B 45 -11.99 -4.44 0.14
C LYS B 45 -10.93 -5.49 0.43
N TYR B 46 -9.76 -5.31 -0.20
CA TYR B 46 -8.65 -6.22 -0.04
C TYR B 46 -7.75 -5.79 1.13
N SER B 47 -8.16 -4.78 1.90
CA SER B 47 -7.41 -4.31 3.06
C SER B 47 -7.04 -5.41 4.05
N ASP B 48 -7.89 -6.42 4.21
CA ASP B 48 -7.62 -7.56 5.10
C ASP B 48 -6.68 -8.57 4.47
N ALA B 49 -6.71 -8.66 3.14
CA ALA B 49 -5.76 -9.48 2.40
C ALA B 49 -4.34 -8.89 2.48
N LEU B 50 -4.28 -7.59 2.83
CA LEU B 50 -3.02 -6.83 2.83
C LEU B 50 -2.60 -6.42 4.26
N SER B 51 -3.53 -6.52 5.21
CA SER B 51 -3.25 -6.25 6.63
C SER B 51 -2.26 -7.24 7.27
N GLY B 52 -2.07 -8.42 6.68
CA GLY B 52 -1.03 -9.37 7.11
C GLY B 52 0.41 -8.94 6.81
N THR B 53 0.60 -7.79 6.16
CA THR B 53 1.94 -7.28 5.81
C THR B 53 2.03 -5.79 6.20
N PRO B 54 3.09 -5.33 6.92
CA PRO B 54 3.24 -3.92 7.26
C PRO B 54 3.59 -3.09 6.04
N TRP B 55 3.37 -1.79 6.13
CA TRP B 55 3.48 -0.90 4.97
C TRP B 55 4.90 -0.93 4.39
N ILE B 56 5.89 -0.64 5.25
CA ILE B 56 7.33 -0.77 4.93
C ILE B 56 7.73 -1.94 4.01
N GLU B 57 6.95 -3.02 4.03
CA GLU B 57 7.23 -4.21 3.21
C GLU B 57 6.18 -4.41 2.12
N LEU B 58 4.94 -4.01 2.41
CA LEU B 58 3.85 -4.11 1.44
C LEU B 58 4.27 -3.50 0.11
N ILE B 59 4.68 -2.24 0.17
CA ILE B 59 5.25 -1.58 -0.99
C ILE B 59 6.25 -2.45 -1.83
N TYR B 60 7.08 -3.29 -1.18
CA TYR B 60 8.07 -4.12 -1.88
C TYR B 60 7.51 -5.39 -2.54
N LEU B 61 6.20 -5.59 -2.46
CA LEU B 61 5.53 -6.74 -3.11
C LEU B 61 5.71 -6.76 -4.64
N ASP B 62 5.32 -7.88 -5.23
CA ASP B 62 5.39 -8.08 -6.68
C ASP B 62 4.04 -8.58 -7.22
N ASP B 63 3.91 -8.55 -8.54
CA ASP B 63 2.67 -8.91 -9.22
C ASP B 63 2.21 -10.35 -8.95
N GLU B 64 3.14 -11.30 -8.92
CA GLU B 64 2.84 -12.69 -8.55
C GLU B 64 2.40 -12.79 -7.09
N THR B 65 3.16 -12.19 -6.17
CA THR B 65 2.83 -12.22 -4.74
C THR B 65 1.47 -11.57 -4.47
N LEU B 66 1.11 -10.50 -5.19
CA LEU B 66 -0.24 -9.95 -5.14
C LEU B 66 -1.31 -11.02 -5.47
N GLU B 67 -1.15 -11.70 -6.61
CA GLU B 67 -2.05 -12.79 -6.99
C GLU B 67 -2.13 -13.89 -5.89
N LYS B 68 -1.02 -14.20 -5.19
CA LYS B 68 -1.02 -15.23 -4.13
C LYS B 68 -1.44 -14.72 -2.74
N LYS B 69 -1.56 -13.39 -2.60
CA LYS B 69 -1.93 -12.76 -1.32
C LYS B 69 -3.44 -12.44 -1.21
N GLY B 70 -4.16 -12.54 -2.33
CA GLY B 70 -5.60 -12.20 -2.38
C GLY B 70 -5.89 -11.00 -3.29
N VAL B 71 -4.91 -10.61 -4.11
CA VAL B 71 -5.06 -9.48 -5.04
C VAL B 71 -5.16 -10.04 -6.46
N LEU B 72 -6.24 -10.81 -6.67
CA LEU B 72 -6.39 -11.60 -7.88
C LEU B 72 -6.58 -10.73 -9.13
N ALA B 73 -7.35 -9.65 -9.01
CA ALA B 73 -7.67 -8.80 -10.14
C ALA B 73 -6.43 -8.04 -10.65
N LEU B 74 -6.32 -7.93 -11.97
CA LEU B 74 -5.28 -7.10 -12.60
C LEU B 74 -5.43 -5.63 -12.22
N GLY B 75 -6.67 -5.11 -12.24
CA GLY B 75 -6.92 -3.70 -11.96
C GLY B 75 -6.44 -3.34 -10.55
N ALA B 76 -7.09 -3.93 -9.56
CA ALA B 76 -6.57 -3.91 -8.17
C ALA B 76 -5.03 -3.93 -8.09
N ARG B 77 -4.42 -5.01 -8.61
CA ARG B 77 -2.96 -5.19 -8.58
C ARG B 77 -2.17 -4.00 -9.10
N ARG B 78 -2.40 -3.57 -10.34
CA ARG B 78 -1.68 -2.42 -10.93
C ARG B 78 -1.78 -1.16 -10.06
N LYS B 79 -2.96 -0.94 -9.46
CA LYS B 79 -3.17 0.22 -8.58
C LYS B 79 -2.39 0.11 -7.27
N LEU B 80 -2.19 -1.10 -6.73
CA LEU B 80 -1.27 -1.31 -5.60
C LEU B 80 0.18 -0.98 -6.01
N LEU B 81 0.67 -1.52 -7.13
CA LEU B 81 2.07 -1.32 -7.55
C LEU B 81 2.43 0.16 -7.76
N LYS B 82 1.45 0.90 -8.28
CA LYS B 82 1.52 2.38 -8.35
C LYS B 82 1.64 3.01 -6.96
N ALA B 83 0.64 2.75 -6.12
CA ALA B 83 0.61 3.26 -4.75
C ALA B 83 1.93 3.02 -4.01
N PHE B 84 2.43 1.79 -4.11
CA PHE B 84 3.72 1.28 -3.63
C PHE B 84 4.92 2.05 -4.16
N GLY B 85 5.03 2.32 -5.45
CA GLY B 85 6.20 3.00 -6.00
C GLY B 85 6.33 4.43 -5.47
N ILE B 86 5.17 5.04 -5.16
CA ILE B 86 5.14 6.38 -4.59
C ILE B 86 5.67 6.31 -3.16
N VAL B 87 4.92 5.74 -2.22
CA VAL B 87 5.45 5.62 -0.83
C VAL B 87 6.95 5.22 -0.76
N ILE B 88 7.35 4.09 -1.38
CA ILE B 88 8.80 3.74 -1.53
C ILE B 88 9.68 4.94 -1.84
N ASP B 89 9.23 5.75 -2.79
CA ASP B 89 9.98 6.95 -3.20
C ASP B 89 10.19 7.86 -2.00
N TYR B 90 9.10 8.24 -1.35
CA TYR B 90 9.16 9.01 -0.10
C TYR B 90 9.92 8.31 1.05
N LYS B 91 9.99 6.98 1.06
CA LYS B 91 10.78 6.23 2.04
C LYS B 91 12.26 6.42 1.77
N GLU B 92 12.65 6.33 0.50
CA GLU B 92 14.06 6.53 0.11
C GLU B 92 14.50 7.99 0.14
N ARG B 93 13.51 8.90 0.09
CA ARG B 93 13.75 10.34 0.30
C ARG B 93 13.70 10.70 1.79
N ASP B 94 13.02 9.87 2.60
CA ASP B 94 12.94 10.07 4.05
C ASP B 94 12.04 11.27 4.44
N LEU B 95 11.07 11.60 3.56
CA LEU B 95 10.11 12.70 3.81
C LEU B 95 8.98 12.29 4.78
N ILE B 96 8.91 10.99 5.03
CA ILE B 96 7.85 10.40 5.88
C ILE B 96 8.13 10.70 7.36
N ASP B 97 7.05 10.68 8.14
CA ASP B 97 7.12 10.93 9.57
C ASP B 97 7.51 9.66 10.33
N ARG B 98 8.15 9.88 11.48
CA ARG B 98 8.63 8.79 12.34
C ARG B 98 7.53 7.93 12.97
N SER B 99 6.30 8.42 12.91
CA SER B 99 5.12 7.69 13.41
C SER B 99 4.54 6.69 12.41
N ALA B 100 4.93 6.75 11.12
CA ALA B 100 4.50 5.75 10.14
C ALA B 100 5.15 4.39 10.41
N TYR B 101 6.42 4.42 10.81
CA TYR B 101 7.22 3.21 11.05
C TYR B 101 6.68 2.34 12.20
N MET B 21 -6.92 10.85 -9.46
CA MET B 21 -5.54 10.59 -8.99
C MET B 21 -5.50 10.39 -7.46
N PRO B 22 -4.62 9.52 -6.94
CA PRO B 22 -4.48 9.29 -5.50
C PRO B 22 -3.78 10.44 -4.75
N LYS B 23 -3.05 11.31 -5.45
CA LYS B 23 -2.30 12.54 -5.06
C LYS B 23 -1.34 12.50 -3.85
N SER B 24 -1.39 11.47 -3.02
CA SER B 24 -0.51 11.29 -1.84
C SER B 24 -0.07 9.84 -1.66
N LEU B 25 -0.88 8.98 -1.02
CA LEU B 25 -0.60 7.62 -0.52
C LEU B 25 0.46 7.57 0.57
N THR B 26 1.38 8.50 0.56
CA THR B 26 2.43 8.90 1.52
C THR B 26 1.85 9.50 2.83
N ASP B 27 0.56 9.33 3.07
CA ASP B 27 -0.23 9.99 4.11
C ASP B 27 -0.22 9.11 5.37
N PRO B 28 0.19 9.62 6.54
CA PRO B 28 0.44 8.77 7.70
C PRO B 28 -0.84 8.14 8.27
N LYS B 29 -1.96 8.82 8.09
CA LYS B 29 -3.26 8.34 8.58
C LYS B 29 -3.73 7.13 7.77
N LEU B 30 -3.61 7.24 6.44
CA LEU B 30 -3.85 6.10 5.54
C LEU B 30 -2.83 4.99 5.81
N LEU B 31 -1.54 5.34 5.82
CA LEU B 31 -0.47 4.38 6.03
C LEU B 31 -0.61 3.60 7.36
N LYS B 32 -1.06 4.27 8.44
CA LYS B 32 -1.40 3.60 9.70
C LYS B 32 -2.52 2.57 9.54
N ASN B 33 -3.65 2.95 8.92
CA ASN B 33 -4.77 2.05 8.69
C ASN B 33 -4.96 1.65 7.21
N ILE B 34 -4.36 0.49 6.87
CA ILE B 34 -4.36 -0.04 5.49
C ILE B 34 -5.72 -0.05 4.77
N PRO B 35 -6.87 -0.38 5.41
CA PRO B 35 -8.18 -0.23 4.78
C PRO B 35 -8.41 1.16 4.15
N MET B 36 -8.03 2.24 4.86
CA MET B 36 -8.25 3.60 4.36
C MET B 36 -7.20 4.01 3.33
N TRP B 37 -5.97 3.48 3.43
CA TRP B 37 -4.98 3.59 2.34
C TRP B 37 -5.53 3.00 1.03
N LEU B 38 -6.09 1.79 1.10
CA LEU B 38 -6.66 1.06 -0.02
C LEU B 38 -8.00 1.66 -0.51
N LYS B 39 -8.78 2.30 0.37
CA LYS B 39 -9.93 3.12 -0.03
C LYS B 39 -9.57 4.19 -1.05
N SER B 40 -8.43 4.87 -0.83
CA SER B 40 -7.91 5.87 -1.78
C SER B 40 -7.62 5.34 -3.21
N LEU B 41 -7.50 4.02 -3.38
CA LEU B 41 -7.27 3.33 -4.67
C LEU B 41 -8.52 2.61 -5.22
N ARG B 42 -9.63 2.61 -4.46
CA ARG B 42 -10.82 1.76 -4.77
C ARG B 42 -10.57 0.25 -4.75
N LEU B 43 -9.45 -0.16 -4.16
CA LEU B 43 -9.10 -1.58 -4.02
C LEU B 43 -9.52 -2.17 -2.66
N HIS B 44 -10.35 -1.41 -1.91
CA HIS B 44 -10.84 -1.82 -0.58
C HIS B 44 -11.68 -3.13 -0.50
N LYS B 45 -11.64 -3.96 -1.55
CA LYS B 45 -12.18 -5.32 -1.46
C LYS B 45 -11.17 -6.26 -0.80
N TYR B 46 -9.92 -6.00 -1.17
CA TYR B 46 -8.77 -6.71 -0.64
C TYR B 46 -8.26 -6.11 0.69
N SER B 47 -9.02 -5.21 1.33
CA SER B 47 -8.57 -4.56 2.57
C SER B 47 -8.21 -5.55 3.67
N ASP B 48 -8.95 -6.63 3.86
CA ASP B 48 -8.62 -7.65 4.87
C ASP B 48 -7.48 -8.57 4.41
N ALA B 49 -7.31 -8.71 3.09
CA ALA B 49 -6.26 -9.56 2.55
C ALA B 49 -4.88 -8.88 2.70
N LEU B 50 -4.92 -7.54 2.74
CA LEU B 50 -3.71 -6.73 2.81
C LEU B 50 -3.51 -6.10 4.20
N SER B 51 -4.57 -6.06 5.03
CA SER B 51 -4.45 -5.61 6.43
C SER B 51 -3.60 -6.55 7.32
N GLY B 52 -3.33 -7.78 6.87
CA GLY B 52 -2.36 -8.67 7.54
C GLY B 52 -0.89 -8.26 7.40
N THR B 53 -0.61 -7.17 6.67
CA THR B 53 0.77 -6.72 6.42
C THR B 53 0.87 -5.21 6.68
N PRO B 54 1.89 -4.69 7.41
CA PRO B 54 2.02 -3.26 7.64
C PRO B 54 2.46 -2.54 6.38
N TRP B 55 2.21 -1.23 6.33
CA TRP B 55 2.43 -0.45 5.10
C TRP B 55 3.90 -0.49 4.70
N ILE B 56 4.78 -0.09 5.63
CA ILE B 56 6.24 -0.24 5.51
C ILE B 56 6.77 -1.50 4.78
N GLU B 57 5.99 -2.60 4.76
CA GLU B 57 6.38 -3.82 4.06
C GLU B 57 5.45 -4.16 2.90
N LEU B 58 4.19 -3.76 3.01
CA LEU B 58 3.23 -3.93 1.93
C LEU B 58 3.81 -3.42 0.62
N ILE B 59 4.25 -2.18 0.64
CA ILE B 59 4.94 -1.61 -0.52
C ILE B 59 5.99 -2.55 -1.18
N TYR B 60 6.69 -3.38 -0.40
CA TYR B 60 7.72 -4.29 -0.93
C TYR B 60 7.18 -5.64 -1.46
N LEU B 61 5.86 -5.77 -1.53
CA LEU B 61 5.23 -6.93 -2.19
C LEU B 61 5.60 -7.06 -3.68
N ASP B 62 5.21 -8.18 -4.27
CA ASP B 62 5.45 -8.46 -5.69
C ASP B 62 4.17 -8.98 -6.35
N ASP B 63 4.20 -9.04 -7.68
CA ASP B 63 3.04 -9.49 -8.48
C ASP B 63 2.58 -10.91 -8.12
N GLU B 64 3.53 -11.84 -7.96
CA GLU B 64 3.21 -13.21 -7.53
C GLU B 64 2.69 -13.25 -6.09
N THR B 65 3.31 -12.53 -5.17
CA THR B 65 2.87 -12.48 -3.78
C THR B 65 1.47 -11.90 -3.67
N LEU B 66 1.14 -10.87 -4.45
CA LEU B 66 -0.21 -10.33 -4.51
C LEU B 66 -1.21 -11.39 -5.01
N GLU B 67 -0.89 -12.10 -6.09
CA GLU B 67 -1.73 -13.20 -6.57
C GLU B 67 -2.00 -14.26 -5.47
N LYS B 68 -0.99 -14.60 -4.67
CA LYS B 68 -1.12 -15.61 -3.61
C LYS B 68 -1.71 -15.07 -2.30
N LYS B 69 -1.72 -13.74 -2.13
CA LYS B 69 -2.26 -13.08 -0.92
C LYS B 69 -3.77 -12.83 -1.01
N GLY B 70 -4.34 -12.96 -2.21
CA GLY B 70 -5.77 -12.71 -2.44
C GLY B 70 -6.06 -11.58 -3.43
N VAL B 71 -5.04 -11.09 -4.13
CA VAL B 71 -5.18 -9.96 -5.06
C VAL B 71 -5.24 -10.53 -6.49
N LEU B 72 -6.34 -11.24 -6.77
CA LEU B 72 -6.43 -12.05 -8.00
C LEU B 72 -6.65 -11.26 -9.29
N ALA B 73 -7.24 -10.06 -9.24
CA ALA B 73 -7.37 -9.22 -10.43
C ALA B 73 -6.00 -8.66 -10.88
N LEU B 74 -5.79 -8.62 -12.20
CA LEU B 74 -4.65 -7.92 -12.79
C LEU B 74 -4.65 -6.43 -12.47
N GLY B 75 -5.82 -5.79 -12.61
CA GLY B 75 -5.93 -4.35 -12.44
C GLY B 75 -5.45 -3.93 -11.06
N ALA B 76 -6.19 -4.37 -10.05
CA ALA B 76 -5.72 -4.31 -8.66
C ALA B 76 -4.20 -4.46 -8.51
N ARG B 77 -3.67 -5.66 -8.81
CA ARG B 77 -2.23 -5.95 -8.67
C ARG B 77 -1.31 -4.88 -9.23
N ARG B 78 -1.43 -4.51 -10.50
CA ARG B 78 -0.59 -3.49 -11.12
C ARG B 78 -0.73 -2.12 -10.43
N LYS B 79 -1.93 -1.81 -9.93
CA LYS B 79 -2.17 -0.55 -9.20
C LYS B 79 -1.59 -0.55 -7.78
N LEU B 80 -1.46 -1.71 -7.12
CA LEU B 80 -0.68 -1.80 -5.89
C LEU B 80 0.78 -1.46 -6.18
N LEU B 81 1.39 -2.06 -7.22
CA LEU B 81 2.81 -1.82 -7.54
C LEU B 81 3.13 -0.34 -7.80
N LYS B 82 2.18 0.32 -8.47
CA LYS B 82 2.21 1.79 -8.63
C LYS B 82 2.16 2.52 -7.28
N ALA B 83 1.06 2.31 -6.57
CA ALA B 83 0.84 2.92 -5.25
C ALA B 83 2.07 2.78 -4.33
N PHE B 84 2.53 1.54 -4.20
CA PHE B 84 3.73 1.06 -3.53
C PHE B 84 5.00 1.79 -3.97
N GLY B 85 5.26 1.92 -5.27
CA GLY B 85 6.50 2.54 -5.75
C GLY B 85 6.60 4.01 -5.34
N ILE B 86 5.44 4.67 -5.22
CA ILE B 86 5.39 6.04 -4.77
C ILE B 86 5.74 6.10 -3.28
N VAL B 87 4.88 5.61 -2.40
CA VAL B 87 5.25 5.61 -0.95
C VAL B 87 6.72 5.20 -0.68
N ILE B 88 7.17 4.01 -1.15
CA ILE B 88 8.61 3.63 -1.12
C ILE B 88 9.54 4.78 -1.44
N ASP B 89 9.21 5.52 -2.49
CA ASP B 89 10.03 6.63 -2.94
C ASP B 89 10.14 7.66 -1.83
N TYR B 90 9.00 8.13 -1.31
CA TYR B 90 8.98 9.01 -0.15
C TYR B 90 9.65 8.42 1.11
N LYS B 91 9.64 7.09 1.26
CA LYS B 91 10.30 6.42 2.38
C LYS B 91 11.82 6.54 2.25
N GLU B 92 12.32 6.34 1.03
CA GLU B 92 13.76 6.51 0.74
C GLU B 92 14.22 7.98 0.63
N ARG B 93 13.25 8.88 0.44
CA ARG B 93 13.49 10.33 0.47
C ARG B 93 13.40 10.88 1.88
N ASP B 94 12.67 10.17 2.74
CA ASP B 94 12.60 10.47 4.19
C ASP B 94 11.48 11.49 4.52
N LEU B 95 10.55 11.68 3.57
CA LEU B 95 9.44 12.65 3.72
C LEU B 95 8.32 12.15 4.64
N ILE B 96 8.40 10.88 5.07
CA ILE B 96 7.41 10.30 5.99
C ILE B 96 7.35 11.10 7.31
N ASP B 97 6.12 11.31 7.78
CA ASP B 97 5.86 12.20 8.94
C ASP B 97 6.23 11.63 10.32
N ARG B 98 6.92 10.48 10.30
CA ARG B 98 7.15 9.65 11.49
C ARG B 98 5.95 9.31 12.39
N SER B 99 4.77 9.62 11.85
CA SER B 99 3.49 9.26 12.47
C SER B 99 2.76 8.17 11.68
N ALA B 100 3.24 7.84 10.48
CA ALA B 100 2.71 6.71 9.69
C ALA B 100 3.10 5.35 10.28
N TYR B 101 4.24 5.31 10.96
CA TYR B 101 4.82 4.07 11.48
C TYR B 101 3.98 3.45 12.63
N MET B 21 -6.39 12.10 -7.14
CA MET B 21 -5.05 11.50 -6.92
C MET B 21 -4.87 11.15 -5.43
N PRO B 22 -4.18 10.03 -5.10
CA PRO B 22 -3.97 9.56 -3.72
C PRO B 22 -3.51 10.63 -2.72
N LYS B 23 -2.30 11.20 -2.91
CA LYS B 23 -1.63 12.26 -2.11
C LYS B 23 -1.51 12.05 -0.58
N SER B 24 -2.03 10.93 -0.08
CA SER B 24 -2.20 10.57 1.34
C SER B 24 -1.65 9.17 1.66
N LEU B 25 -0.94 8.53 0.73
CA LEU B 25 -0.36 7.18 0.93
C LEU B 25 0.83 7.24 1.89
N THR B 26 1.64 8.29 1.77
CA THR B 26 2.79 8.71 2.60
C THR B 26 2.45 9.15 4.04
N ASP B 27 1.25 8.82 4.53
CA ASP B 27 0.66 9.33 5.79
C ASP B 27 0.86 8.30 6.91
N PRO B 28 1.32 8.67 8.12
CA PRO B 28 1.74 7.68 9.10
C PRO B 28 0.59 6.87 9.69
N LYS B 29 -0.60 7.47 9.71
CA LYS B 29 -1.80 6.83 10.27
C LYS B 29 -2.27 5.73 9.32
N LEU B 30 -2.21 5.99 8.02
CA LEU B 30 -2.47 4.98 6.98
C LEU B 30 -1.34 3.96 6.89
N LEU B 31 -0.08 4.40 6.86
CA LEU B 31 1.06 3.50 6.81
C LEU B 31 1.07 2.54 8.03
N LYS B 32 0.78 3.02 9.25
CA LYS B 32 0.56 2.14 10.41
C LYS B 32 -0.69 1.25 10.31
N ASN B 33 -1.74 1.71 9.62
CA ASN B 33 -3.02 1.00 9.54
C ASN B 33 -3.44 0.65 8.08
N ILE B 34 -2.93 -0.50 7.62
CA ILE B 34 -3.08 -0.95 6.21
C ILE B 34 -4.52 -0.89 5.64
N PRO B 35 -5.59 -1.27 6.37
CA PRO B 35 -6.98 -1.07 5.93
C PRO B 35 -7.29 0.37 5.45
N MET B 36 -6.85 1.41 6.17
CA MET B 36 -7.15 2.80 5.77
C MET B 36 -6.23 3.26 4.64
N TRP B 37 -5.00 2.74 4.59
CA TRP B 37 -4.09 3.01 3.46
C TRP B 37 -4.73 2.60 2.13
N LEU B 38 -5.47 1.48 2.16
CA LEU B 38 -6.18 0.89 1.04
C LEU B 38 -7.58 1.52 0.79
N LYS B 39 -8.27 1.98 1.85
CA LYS B 39 -9.47 2.80 1.71
C LYS B 39 -9.31 3.97 0.76
N SER B 40 -8.26 4.77 0.94
CA SER B 40 -8.01 5.95 0.09
C SER B 40 -7.69 5.64 -1.38
N LEU B 41 -7.33 4.40 -1.72
CA LEU B 41 -7.11 3.90 -3.08
C LEU B 41 -8.38 3.31 -3.74
N ARG B 42 -9.47 3.14 -2.96
CA ARG B 42 -10.67 2.39 -3.41
C ARG B 42 -10.39 0.91 -3.73
N LEU B 43 -9.33 0.39 -3.09
CA LEU B 43 -8.95 -1.03 -3.21
C LEU B 43 -9.30 -1.83 -1.94
N HIS B 44 -10.12 -1.24 -1.07
CA HIS B 44 -10.58 -1.88 0.17
C HIS B 44 -11.52 -3.11 -0.01
N LYS B 45 -11.39 -3.82 -1.14
CA LYS B 45 -11.98 -5.16 -1.25
C LYS B 45 -11.09 -6.10 -0.45
N TYR B 46 -9.79 -5.84 -0.62
CA TYR B 46 -8.79 -6.44 0.19
C TYR B 46 -8.62 -5.54 1.44
N SER B 47 -7.67 -5.89 2.30
CA SER B 47 -7.45 -5.20 3.60
C SER B 47 -6.80 -6.23 4.50
N ASP B 48 -7.55 -7.27 4.87
CA ASP B 48 -7.02 -8.36 5.71
C ASP B 48 -5.98 -9.19 4.95
N ALA B 49 -6.09 -9.21 3.61
CA ALA B 49 -5.16 -9.93 2.75
C ALA B 49 -3.76 -9.26 2.72
N LEU B 50 -3.79 -7.95 2.96
CA LEU B 50 -2.59 -7.11 2.95
C LEU B 50 -2.15 -6.75 4.39
N SER B 51 -3.06 -6.94 5.36
CA SER B 51 -2.76 -6.68 6.78
C SER B 51 -1.71 -7.62 7.40
N GLY B 52 -1.52 -8.80 6.82
CA GLY B 52 -0.44 -9.71 7.22
C GLY B 52 0.98 -9.23 6.85
N THR B 53 1.08 -8.03 6.25
CA THR B 53 2.37 -7.48 5.81
C THR B 53 2.44 -6.00 6.25
N PRO B 54 3.52 -5.55 6.94
CA PRO B 54 3.65 -4.15 7.33
C PRO B 54 3.94 -3.27 6.13
N TRP B 55 3.67 -1.98 6.25
CA TRP B 55 3.72 -1.06 5.11
C TRP B 55 5.13 -1.02 4.51
N ILE B 56 6.12 -0.69 5.35
CA ILE B 56 7.55 -0.80 5.01
C ILE B 56 7.99 -1.95 4.08
N GLU B 57 7.23 -3.06 4.05
CA GLU B 57 7.51 -4.18 3.15
C GLU B 57 6.40 -4.41 2.12
N LEU B 58 5.15 -4.06 2.45
CA LEU B 58 4.04 -4.15 1.52
C LEU B 58 4.42 -3.49 0.19
N ILE B 59 4.83 -2.24 0.27
CA ILE B 59 5.35 -1.55 -0.89
C ILE B 59 6.33 -2.39 -1.77
N TYR B 60 7.19 -3.22 -1.17
CA TYR B 60 8.15 -4.06 -1.91
C TYR B 60 7.55 -5.32 -2.58
N LEU B 61 6.23 -5.47 -2.50
CA LEU B 61 5.51 -6.55 -3.19
C LEU B 61 5.73 -6.55 -4.72
N ASP B 62 5.24 -7.64 -5.33
CA ASP B 62 5.28 -7.80 -6.79
C ASP B 62 3.91 -8.29 -7.29
N ASP B 63 3.77 -8.30 -8.61
CA ASP B 63 2.51 -8.71 -9.25
C ASP B 63 2.10 -10.15 -8.90
N GLU B 64 3.07 -11.08 -8.92
CA GLU B 64 2.83 -12.46 -8.51
C GLU B 64 2.50 -12.57 -7.02
N THR B 65 3.26 -11.90 -6.15
CA THR B 65 3.03 -11.98 -4.71
C THR B 65 1.67 -11.42 -4.33
N LEU B 66 1.21 -10.34 -4.99
CA LEU B 66 -0.16 -9.84 -4.79
C LEU B 66 -1.21 -10.88 -5.20
N GLU B 67 -1.05 -11.55 -6.35
CA GLU B 67 -1.91 -12.68 -6.71
C GLU B 67 -1.93 -13.76 -5.60
N LYS B 68 -0.80 -14.00 -4.93
CA LYS B 68 -0.72 -14.98 -3.83
C LYS B 68 -1.18 -14.45 -2.46
N LYS B 69 -1.25 -13.12 -2.30
CA LYS B 69 -1.83 -12.48 -1.12
C LYS B 69 -3.37 -12.62 -1.12
N GLY B 70 -3.95 -12.77 -2.31
CA GLY B 70 -5.41 -12.68 -2.49
C GLY B 70 -5.85 -11.52 -3.40
N VAL B 71 -4.90 -10.78 -3.97
CA VAL B 71 -5.19 -9.62 -4.85
C VAL B 71 -5.28 -10.14 -6.30
N LEU B 72 -6.32 -10.92 -6.60
CA LEU B 72 -6.37 -11.67 -7.86
C LEU B 72 -6.62 -10.77 -9.07
N ALA B 73 -7.39 -9.70 -8.92
CA ALA B 73 -7.73 -8.82 -10.04
C ALA B 73 -6.48 -8.07 -10.55
N LEU B 74 -6.34 -8.00 -11.88
CA LEU B 74 -5.25 -7.26 -12.52
C LEU B 74 -5.34 -5.76 -12.20
N GLY B 75 -6.54 -5.20 -12.28
CA GLY B 75 -6.76 -3.77 -12.02
C GLY B 75 -6.23 -3.38 -10.64
N ALA B 76 -6.89 -3.90 -9.61
CA ALA B 76 -6.33 -3.88 -8.24
C ALA B 76 -4.79 -4.00 -8.16
N ARG B 77 -4.26 -5.18 -8.55
CA ARG B 77 -2.81 -5.48 -8.50
C ARG B 77 -1.91 -4.36 -9.04
N ARG B 78 -2.10 -3.93 -10.29
CA ARG B 78 -1.30 -2.86 -10.89
C ARG B 78 -1.41 -1.53 -10.13
N LYS B 79 -2.58 -1.25 -9.53
CA LYS B 79 -2.78 -0.03 -8.74
C LYS B 79 -2.09 -0.10 -7.37
N LEU B 80 -1.89 -1.30 -6.80
CA LEU B 80 -1.02 -1.44 -5.63
C LEU B 80 0.42 -1.07 -6.03
N LEU B 81 0.93 -1.59 -7.16
CA LEU B 81 2.32 -1.34 -7.57
C LEU B 81 2.64 0.16 -7.73
N LYS B 82 1.66 0.90 -8.26
CA LYS B 82 1.72 2.37 -8.32
C LYS B 82 1.75 3.00 -6.92
N ALA B 83 0.74 2.70 -6.12
CA ALA B 83 0.63 3.21 -4.74
C ALA B 83 1.93 3.01 -3.94
N PHE B 84 2.41 1.77 -3.95
CA PHE B 84 3.69 1.26 -3.46
C PHE B 84 4.91 2.05 -3.99
N GLY B 85 4.98 2.34 -5.28
CA GLY B 85 6.15 3.05 -5.83
C GLY B 85 6.27 4.48 -5.29
N ILE B 86 5.12 5.09 -4.96
CA ILE B 86 5.10 6.42 -4.39
C ILE B 86 5.63 6.36 -2.96
N VAL B 87 4.90 5.76 -2.04
CA VAL B 87 5.45 5.62 -0.66
C VAL B 87 6.96 5.24 -0.61
N ILE B 88 7.38 4.11 -1.25
CA ILE B 88 8.83 3.80 -1.44
C ILE B 88 9.68 4.99 -1.74
N ASP B 89 9.20 5.82 -2.67
CA ASP B 89 9.92 7.02 -3.08
C ASP B 89 10.15 7.93 -1.88
N TYR B 90 9.06 8.29 -1.20
CA TYR B 90 9.16 9.03 0.07
C TYR B 90 9.95 8.33 1.19
N LYS B 91 10.03 7.00 1.17
CA LYS B 91 10.87 6.24 2.11
C LYS B 91 12.35 6.41 1.80
N GLU B 92 12.70 6.35 0.52
CA GLU B 92 14.10 6.52 0.10
C GLU B 92 14.56 7.99 0.14
N ARG B 93 13.58 8.89 0.14
CA ARG B 93 13.80 10.32 0.42
C ARG B 93 13.82 10.62 1.92
N ASP B 94 13.08 9.80 2.70
CA ASP B 94 13.03 9.95 4.17
C ASP B 94 12.15 11.15 4.64
N LEU B 95 11.16 11.49 3.80
CA LEU B 95 10.23 12.60 4.09
C LEU B 95 9.06 12.21 5.00
N ILE B 96 8.96 10.90 5.26
CA ILE B 96 7.86 10.33 6.05
C ILE B 96 8.03 10.62 7.55
N ASP B 97 6.92 10.56 8.27
CA ASP B 97 6.91 10.82 9.70
C ASP B 97 7.29 9.55 10.50
N ARG B 98 8.08 9.79 11.55
CA ARG B 98 8.55 8.72 12.45
C ARG B 98 7.43 7.91 13.13
N SER B 99 6.21 8.45 13.11
CA SER B 99 5.02 7.74 13.62
C SER B 99 4.48 6.65 12.67
N ALA B 100 4.88 6.66 11.39
CA ALA B 100 4.46 5.62 10.44
C ALA B 100 5.11 4.25 10.74
N TYR B 101 6.34 4.31 11.27
CA TYR B 101 7.15 3.13 11.53
C TYR B 101 6.63 2.29 12.72
N MET B 21 -6.69 9.44 -9.21
CA MET B 21 -5.38 9.74 -8.56
C MET B 21 -5.45 9.41 -7.05
N PRO B 22 -4.39 8.84 -6.46
CA PRO B 22 -4.28 8.64 -5.00
C PRO B 22 -4.48 9.91 -4.15
N LYS B 23 -4.66 9.72 -2.84
CA LYS B 23 -4.83 10.78 -1.82
C LYS B 23 -3.78 10.60 -0.72
N SER B 24 -2.66 11.33 -0.84
CA SER B 24 -1.50 11.36 0.06
C SER B 24 -1.16 9.98 0.67
N LEU B 25 -0.58 9.09 -0.14
CA LEU B 25 -0.20 7.74 0.29
C LEU B 25 0.92 7.77 1.34
N THR B 26 1.82 8.73 1.22
CA THR B 26 2.96 9.11 2.09
C THR B 26 2.57 9.68 3.47
N ASP B 27 1.38 9.37 3.96
CA ASP B 27 0.73 9.94 5.16
C ASP B 27 0.84 8.96 6.34
N PRO B 28 1.28 9.36 7.54
CA PRO B 28 1.61 8.41 8.60
C PRO B 28 0.38 7.72 9.20
N LYS B 29 -0.77 8.37 9.10
CA LYS B 29 -2.03 7.84 9.65
C LYS B 29 -2.52 6.70 8.76
N LEU B 30 -2.49 6.92 7.44
CA LEU B 30 -2.77 5.86 6.47
C LEU B 30 -1.71 4.76 6.58
N LEU B 31 -0.44 5.13 6.50
CA LEU B 31 0.65 4.16 6.56
C LEU B 31 0.61 3.30 7.84
N LYS B 32 0.32 3.89 9.00
CA LYS B 32 0.12 3.12 10.24
C LYS B 32 -1.02 2.09 10.15
N ASN B 33 -2.20 2.51 9.66
CA ASN B 33 -3.34 1.60 9.51
C ASN B 33 -3.70 1.31 8.05
N ILE B 34 -3.18 0.16 7.59
CA ILE B 34 -3.37 -0.32 6.20
C ILE B 34 -4.80 -0.24 5.63
N PRO B 35 -5.88 -0.56 6.38
CA PRO B 35 -7.24 -0.32 5.92
C PRO B 35 -7.47 1.11 5.41
N MET B 36 -6.98 2.13 6.11
CA MET B 36 -7.22 3.54 5.75
C MET B 36 -6.29 4.00 4.62
N TRP B 37 -5.07 3.44 4.53
CA TRP B 37 -4.22 3.59 3.34
C TRP B 37 -4.96 3.11 2.08
N LEU B 38 -5.56 1.92 2.13
CA LEU B 38 -6.29 1.31 1.03
C LEU B 38 -7.67 1.94 0.77
N LYS B 39 -8.30 2.54 1.80
CA LYS B 39 -9.47 3.41 1.63
C LYS B 39 -9.21 4.54 0.66
N SER B 40 -8.02 5.14 0.72
CA SER B 40 -7.59 6.17 -0.25
C SER B 40 -7.30 5.68 -1.70
N LEU B 41 -7.72 4.46 -2.08
CA LEU B 41 -7.52 3.81 -3.38
C LEU B 41 -8.78 3.07 -3.88
N ARG B 42 -9.79 2.88 -3.01
CA ARG B 42 -11.02 2.12 -3.37
C ARG B 42 -10.79 0.66 -3.72
N LEU B 43 -9.69 0.18 -3.17
CA LEU B 43 -9.37 -1.24 -3.13
C LEU B 43 -9.61 -1.78 -1.72
N HIS B 44 -10.32 -1.01 -0.88
CA HIS B 44 -10.56 -1.40 0.53
C HIS B 44 -11.38 -2.69 0.76
N LYS B 45 -11.69 -3.42 -0.33
CA LYS B 45 -12.28 -4.77 -0.18
C LYS B 45 -11.20 -5.77 0.20
N TYR B 46 -9.98 -5.47 -0.29
CA TYR B 46 -8.82 -6.31 -0.06
C TYR B 46 -8.09 -5.89 1.22
N SER B 47 -8.72 -5.05 2.05
CA SER B 47 -8.16 -4.61 3.33
C SER B 47 -7.59 -5.76 4.15
N ASP B 48 -8.38 -6.80 4.43
CA ASP B 48 -7.94 -7.93 5.26
C ASP B 48 -7.00 -8.90 4.54
N ALA B 49 -7.02 -8.79 3.22
CA ALA B 49 -6.10 -9.55 2.38
C ALA B 49 -4.68 -8.93 2.42
N LEU B 50 -4.62 -7.67 2.87
CA LEU B 50 -3.38 -6.89 2.87
C LEU B 50 -2.97 -6.43 4.28
N SER B 51 -3.91 -6.50 5.22
CA SER B 51 -3.67 -6.11 6.62
C SER B 51 -2.64 -6.99 7.36
N GLY B 52 -2.41 -8.21 6.87
CA GLY B 52 -1.37 -9.10 7.42
C GLY B 52 0.08 -8.67 7.12
N THR B 53 0.28 -7.57 6.38
CA THR B 53 1.62 -7.05 6.07
C THR B 53 1.68 -5.54 6.40
N PRO B 54 2.67 -5.05 7.18
CA PRO B 54 2.79 -3.63 7.49
C PRO B 54 3.23 -2.84 6.27
N TRP B 55 3.00 -1.53 6.31
CA TRP B 55 3.18 -0.68 5.12
C TRP B 55 4.61 -0.72 4.62
N ILE B 56 5.56 -0.41 5.53
CA ILE B 56 7.01 -0.55 5.29
C ILE B 56 7.45 -1.74 4.42
N GLU B 57 6.66 -2.82 4.42
CA GLU B 57 6.96 -4.03 3.66
C GLU B 57 5.96 -4.27 2.53
N LEU B 58 4.69 -3.87 2.75
CA LEU B 58 3.65 -3.99 1.74
C LEU B 58 4.14 -3.43 0.41
N ILE B 59 4.54 -2.17 0.45
CA ILE B 59 5.15 -1.54 -0.71
C ILE B 59 6.17 -2.45 -1.47
N TYR B 60 6.99 -3.26 -0.78
CA TYR B 60 8.01 -4.11 -1.41
C TYR B 60 7.45 -5.37 -2.13
N LEU B 61 6.14 -5.59 -2.05
CA LEU B 61 5.49 -6.74 -2.70
C LEU B 61 5.67 -6.76 -4.24
N ASP B 62 5.30 -7.89 -4.83
CA ASP B 62 5.35 -8.07 -6.29
C ASP B 62 4.02 -8.58 -6.85
N ASP B 63 3.90 -8.55 -8.17
CA ASP B 63 2.66 -8.90 -8.87
C ASP B 63 2.18 -10.33 -8.60
N GLU B 64 3.10 -11.28 -8.58
CA GLU B 64 2.79 -12.67 -8.19
C GLU B 64 2.34 -12.74 -6.73
N THR B 65 3.08 -12.10 -5.82
CA THR B 65 2.75 -12.13 -4.40
C THR B 65 1.38 -11.49 -4.13
N LEU B 66 0.99 -10.44 -4.84
CA LEU B 66 -0.38 -9.90 -4.76
C LEU B 66 -1.42 -10.95 -5.17
N GLU B 67 -1.21 -11.66 -6.28
CA GLU B 67 -2.05 -12.79 -6.66
C GLU B 67 -2.17 -13.84 -5.53
N LYS B 68 -1.11 -14.04 -4.74
CA LYS B 68 -1.13 -14.96 -3.59
C LYS B 68 -1.67 -14.35 -2.29
N LYS B 69 -1.70 -13.01 -2.19
CA LYS B 69 -2.29 -12.32 -1.04
C LYS B 69 -3.82 -12.34 -1.08
N GLY B 70 -4.39 -12.51 -2.28
CA GLY B 70 -5.84 -12.33 -2.50
C GLY B 70 -6.17 -11.15 -3.42
N VAL B 71 -5.18 -10.67 -4.18
CA VAL B 71 -5.34 -9.50 -5.07
C VAL B 71 -5.36 -10.03 -6.51
N LEU B 72 -6.38 -10.83 -6.80
CA LEU B 72 -6.43 -11.62 -8.04
C LEU B 72 -6.60 -10.77 -9.30
N ALA B 73 -7.31 -9.64 -9.22
CA ALA B 73 -7.56 -8.80 -10.39
C ALA B 73 -6.29 -8.03 -10.83
N LEU B 74 -6.11 -7.91 -12.14
CA LEU B 74 -5.01 -7.12 -12.71
C LEU B 74 -5.15 -5.63 -12.37
N GLY B 75 -6.35 -5.07 -12.49
CA GLY B 75 -6.57 -3.64 -12.29
C GLY B 75 -6.12 -3.22 -10.89
N ALA B 76 -6.85 -3.73 -9.90
CA ALA B 76 -6.39 -3.68 -8.49
C ALA B 76 -4.86 -3.79 -8.32
N ARG B 77 -4.29 -4.95 -8.73
CA ARG B 77 -2.85 -5.24 -8.59
C ARG B 77 -1.95 -4.11 -9.08
N ARG B 78 -2.08 -3.68 -10.34
CA ARG B 78 -1.23 -2.62 -10.89
C ARG B 78 -1.37 -1.30 -10.13
N LYS B 79 -2.56 -1.02 -9.59
CA LYS B 79 -2.79 0.19 -8.78
C LYS B 79 -2.10 0.11 -7.41
N LEU B 80 -2.01 -1.07 -6.78
CA LEU B 80 -1.16 -1.26 -5.60
C LEU B 80 0.30 -0.98 -5.94
N LEU B 81 0.85 -1.62 -6.99
CA LEU B 81 2.28 -1.50 -7.33
C LEU B 81 2.70 -0.05 -7.60
N LYS B 82 1.78 0.70 -8.21
CA LYS B 82 1.90 2.16 -8.34
C LYS B 82 1.96 2.87 -7.00
N ALA B 83 0.91 2.67 -6.20
CA ALA B 83 0.81 3.27 -4.87
C ALA B 83 2.09 3.03 -4.04
N PHE B 84 2.53 1.77 -4.03
CA PHE B 84 3.75 1.21 -3.45
C PHE B 84 5.03 1.87 -3.97
N GLY B 85 5.19 2.10 -5.26
CA GLY B 85 6.42 2.69 -5.79
C GLY B 85 6.58 4.14 -5.33
N ILE B 86 5.45 4.83 -5.12
CA ILE B 86 5.46 6.21 -4.65
C ILE B 86 5.95 6.22 -3.20
N VAL B 87 5.15 5.72 -2.27
CA VAL B 87 5.62 5.66 -0.85
C VAL B 87 7.11 5.21 -0.71
N ILE B 88 7.50 4.02 -1.22
CA ILE B 88 8.94 3.63 -1.30
C ILE B 88 9.85 4.77 -1.69
N ASP B 89 9.44 5.54 -2.70
CA ASP B 89 10.26 6.63 -3.19
C ASP B 89 10.52 7.64 -2.07
N TYR B 90 9.42 8.12 -1.47
CA TYR B 90 9.50 8.95 -0.27
C TYR B 90 10.23 8.32 0.91
N LYS B 91 10.21 7.00 1.04
CA LYS B 91 10.94 6.27 2.08
C LYS B 91 12.45 6.29 1.82
N GLU B 92 12.79 6.09 0.54
CA GLU B 92 14.18 6.20 0.08
C GLU B 92 14.69 7.66 0.10
N ARG B 93 13.77 8.63 0.29
CA ARG B 93 14.14 10.04 0.45
C ARG B 93 14.07 10.51 1.91
N ASP B 94 13.29 9.80 2.74
CA ASP B 94 13.10 10.17 4.15
C ASP B 94 12.21 11.42 4.35
N LEU B 95 11.32 11.68 3.39
CA LEU B 95 10.34 12.79 3.50
C LEU B 95 9.13 12.44 4.36
N ILE B 96 9.04 11.16 4.75
CA ILE B 96 7.91 10.64 5.50
C ILE B 96 8.06 11.03 6.98
N ASP B 97 6.92 11.10 7.65
CA ASP B 97 6.92 11.32 9.09
C ASP B 97 7.23 9.98 9.78
N ARG B 98 8.25 9.98 10.63
CA ARG B 98 8.63 8.77 11.40
C ARG B 98 7.53 8.25 12.34
N SER B 99 6.46 9.01 12.48
CA SER B 99 5.23 8.55 13.16
C SER B 99 4.43 7.49 12.35
N ALA B 100 4.73 7.34 11.06
CA ALA B 100 4.13 6.28 10.24
C ALA B 100 4.62 4.86 10.61
N TYR B 101 5.82 4.82 11.20
CA TYR B 101 6.55 3.56 11.43
C TYR B 101 5.99 2.78 12.65
N MET B 21 -6.65 10.85 -8.27
CA MET B 21 -5.28 10.37 -7.95
C MET B 21 -5.07 10.31 -6.44
N PRO B 22 -4.52 9.19 -5.90
CA PRO B 22 -4.13 9.07 -4.49
C PRO B 22 -3.20 10.20 -4.00
N LYS B 23 -3.30 10.55 -2.71
CA LYS B 23 -2.46 11.54 -2.03
C LYS B 23 -2.19 11.18 -0.56
N SER B 24 -3.24 10.83 0.18
CA SER B 24 -3.20 10.44 1.60
C SER B 24 -2.44 9.13 1.91
N LEU B 25 -1.86 8.46 0.92
CA LEU B 25 -1.15 7.19 1.10
C LEU B 25 0.07 7.31 2.03
N THR B 26 0.81 8.41 1.91
CA THR B 26 2.00 8.82 2.69
C THR B 26 1.70 9.19 4.17
N ASP B 27 0.55 8.78 4.72
CA ASP B 27 0.03 9.22 6.01
C ASP B 27 0.33 8.17 7.09
N PRO B 28 0.92 8.54 8.24
CA PRO B 28 1.39 7.57 9.23
C PRO B 28 0.31 6.70 9.83
N LYS B 29 -0.89 7.24 9.95
CA LYS B 29 -2.01 6.54 10.61
C LYS B 29 -2.64 5.51 9.67
N LEU B 30 -2.64 5.82 8.36
CA LEU B 30 -2.97 4.82 7.33
C LEU B 30 -1.83 3.80 7.19
N LEU B 31 -0.59 4.27 7.05
CA LEU B 31 0.56 3.38 6.94
C LEU B 31 0.69 2.42 8.14
N LYS B 32 0.39 2.87 9.35
CA LYS B 32 0.26 1.97 10.51
C LYS B 32 -0.97 1.06 10.42
N ASN B 33 -2.15 1.63 10.10
CA ASN B 33 -3.40 0.86 10.02
C ASN B 33 -3.74 0.46 8.57
N ILE B 34 -3.13 -0.66 8.14
CA ILE B 34 -3.23 -1.14 6.75
C ILE B 34 -4.65 -1.18 6.13
N PRO B 35 -5.75 -1.56 6.82
CA PRO B 35 -7.09 -1.47 6.23
C PRO B 35 -7.50 -0.02 5.90
N MET B 36 -7.11 0.96 6.72
CA MET B 36 -7.48 2.37 6.49
C MET B 36 -6.63 3.00 5.37
N TRP B 37 -5.41 2.50 5.16
CA TRP B 37 -4.64 2.85 3.96
C TRP B 37 -5.39 2.41 2.69
N LEU B 38 -5.84 1.15 2.65
CA LEU B 38 -6.56 0.56 1.53
C LEU B 38 -7.99 1.13 1.35
N LYS B 39 -8.61 1.60 2.44
CA LYS B 39 -9.84 2.40 2.38
C LYS B 39 -9.70 3.63 1.50
N SER B 40 -8.58 4.32 1.61
CA SER B 40 -8.26 5.48 0.74
C SER B 40 -8.02 5.18 -0.76
N LEU B 41 -8.40 3.99 -1.25
CA LEU B 41 -8.20 3.47 -2.62
C LEU B 41 -9.43 2.72 -3.16
N ARG B 42 -10.38 2.33 -2.28
CA ARG B 42 -11.53 1.48 -2.66
C ARG B 42 -11.14 0.10 -3.20
N LEU B 43 -9.96 -0.31 -2.73
CA LEU B 43 -9.48 -1.67 -2.88
C LEU B 43 -9.59 -2.38 -1.53
N HIS B 44 -10.34 -1.77 -0.58
CA HIS B 44 -10.47 -2.32 0.80
C HIS B 44 -11.18 -3.69 0.91
N LYS B 45 -11.38 -4.36 -0.23
CA LYS B 45 -11.88 -5.75 -0.20
C LYS B 45 -10.78 -6.67 0.31
N TYR B 46 -9.57 -6.32 -0.10
CA TYR B 46 -8.40 -7.15 0.10
C TYR B 46 -7.65 -6.77 1.38
N SER B 47 -8.30 -6.01 2.28
CA SER B 47 -7.69 -5.57 3.54
C SER B 47 -7.11 -6.73 4.37
N ASP B 48 -7.79 -7.88 4.41
CA ASP B 48 -7.30 -9.04 5.17
C ASP B 48 -6.20 -9.80 4.42
N ALA B 49 -6.20 -9.72 3.08
CA ALA B 49 -5.16 -10.35 2.28
C ALA B 49 -3.83 -9.59 2.40
N LEU B 50 -3.94 -8.29 2.69
CA LEU B 50 -2.77 -7.40 2.76
C LEU B 50 -2.43 -7.00 4.21
N SER B 51 -3.33 -7.26 5.17
CA SER B 51 -3.05 -7.07 6.60
C SER B 51 -1.90 -7.93 7.13
N GLY B 52 -1.62 -9.07 6.47
CA GLY B 52 -0.45 -9.89 6.80
C GLY B 52 0.92 -9.29 6.44
N THR B 53 0.97 -8.05 5.93
CA THR B 53 2.21 -7.42 5.48
C THR B 53 2.26 -5.95 5.94
N PRO B 54 3.33 -5.47 6.62
CA PRO B 54 3.43 -4.07 7.02
C PRO B 54 3.69 -3.17 5.83
N TRP B 55 3.37 -1.89 5.99
CA TRP B 55 3.41 -0.94 4.86
C TRP B 55 4.82 -0.84 4.27
N ILE B 56 5.78 -0.51 5.14
CA ILE B 56 7.23 -0.51 4.80
C ILE B 56 7.72 -1.59 3.82
N GLU B 57 7.02 -2.74 3.78
CA GLU B 57 7.40 -3.86 2.89
C GLU B 57 6.35 -4.11 1.82
N LEU B 58 5.07 -3.88 2.17
CA LEU B 58 3.96 -3.98 1.23
C LEU B 58 4.31 -3.26 -0.08
N ILE B 59 4.61 -1.99 0.03
CA ILE B 59 5.06 -1.23 -1.13
C ILE B 59 6.07 -1.97 -2.06
N TYR B 60 6.98 -2.80 -1.53
CA TYR B 60 7.97 -3.52 -2.34
C TYR B 60 7.47 -4.81 -3.00
N LEU B 61 6.17 -5.12 -2.85
CA LEU B 61 5.54 -6.27 -3.52
C LEU B 61 5.65 -6.22 -5.05
N ASP B 62 5.31 -7.36 -5.68
CA ASP B 62 5.26 -7.47 -7.14
C ASP B 62 3.90 -8.01 -7.59
N ASP B 63 3.64 -7.89 -8.90
CA ASP B 63 2.35 -8.30 -9.49
C ASP B 63 2.03 -9.79 -9.34
N GLU B 64 3.03 -10.65 -9.45
CA GLU B 64 2.87 -12.08 -9.19
C GLU B 64 2.55 -12.34 -7.72
N THR B 65 3.31 -11.74 -6.81
CA THR B 65 3.03 -11.86 -5.37
C THR B 65 1.63 -11.34 -5.02
N LEU B 66 1.18 -10.25 -5.64
CA LEU B 66 -0.20 -9.79 -5.51
C LEU B 66 -1.20 -10.89 -5.91
N GLU B 67 -1.02 -11.49 -7.08
CA GLU B 67 -1.87 -12.60 -7.52
C GLU B 67 -1.88 -13.77 -6.52
N LYS B 68 -0.72 -14.10 -5.93
CA LYS B 68 -0.62 -15.24 -4.98
C LYS B 68 -1.01 -14.88 -3.53
N LYS B 69 -1.16 -13.59 -3.24
CA LYS B 69 -1.52 -13.11 -1.89
C LYS B 69 -3.03 -12.92 -1.69
N GLY B 70 -3.79 -12.89 -2.80
CA GLY B 70 -5.25 -12.62 -2.75
C GLY B 70 -5.67 -11.38 -3.54
N VAL B 71 -4.78 -10.85 -4.38
CA VAL B 71 -5.06 -9.66 -5.21
C VAL B 71 -5.25 -10.14 -6.66
N LEU B 72 -6.31 -10.94 -6.85
CA LEU B 72 -6.49 -11.71 -8.08
C LEU B 72 -6.81 -10.86 -9.30
N ALA B 73 -7.45 -9.71 -9.15
CA ALA B 73 -7.75 -8.84 -10.28
C ALA B 73 -6.49 -8.12 -10.83
N LEU B 74 -6.42 -7.99 -12.16
CA LEU B 74 -5.43 -7.13 -12.80
C LEU B 74 -5.60 -5.67 -12.41
N GLY B 75 -6.86 -5.21 -12.35
CA GLY B 75 -7.16 -3.84 -11.97
C GLY B 75 -6.61 -3.50 -10.58
N ALA B 76 -7.20 -4.12 -9.55
CA ALA B 76 -6.62 -4.08 -8.19
C ALA B 76 -5.08 -4.05 -8.14
N ARG B 77 -4.40 -5.13 -8.61
CA ARG B 77 -2.95 -5.27 -8.41
C ARG B 77 -2.15 -4.11 -8.98
N ARG B 78 -2.45 -3.66 -10.20
CA ARG B 78 -1.76 -2.53 -10.82
C ARG B 78 -1.99 -1.23 -10.04
N LYS B 79 -3.18 -1.06 -9.45
CA LYS B 79 -3.47 0.09 -8.58
C LYS B 79 -2.68 0.03 -7.26
N LEU B 80 -2.39 -1.17 -6.72
CA LEU B 80 -1.47 -1.29 -5.60
C LEU B 80 -0.06 -0.83 -6.00
N LEU B 81 0.47 -1.29 -7.15
CA LEU B 81 1.84 -0.96 -7.57
C LEU B 81 2.09 0.56 -7.73
N LYS B 82 1.07 1.26 -8.22
CA LYS B 82 1.07 2.73 -8.26
C LYS B 82 1.07 3.34 -6.87
N ALA B 83 0.08 2.97 -6.07
CA ALA B 83 -0.03 3.45 -4.69
C ALA B 83 1.29 3.31 -3.92
N PHE B 84 1.87 2.10 -4.01
CA PHE B 84 3.19 1.69 -3.54
C PHE B 84 4.34 2.55 -4.06
N GLY B 85 4.41 2.85 -5.34
CA GLY B 85 5.52 3.64 -5.89
C GLY B 85 5.55 5.05 -5.31
N ILE B 86 4.37 5.57 -4.95
CA ILE B 86 4.26 6.88 -4.34
C ILE B 86 4.81 6.81 -2.92
N VAL B 87 4.13 6.13 -2.00
CA VAL B 87 4.72 6.00 -0.62
C VAL B 87 6.24 5.71 -0.63
N ILE B 88 6.71 4.64 -1.29
CA ILE B 88 8.18 4.41 -1.52
C ILE B 88 8.95 5.67 -1.83
N ASP B 89 8.38 6.50 -2.70
CA ASP B 89 9.02 7.74 -3.13
C ASP B 89 9.25 8.62 -1.90
N TYR B 90 8.20 8.89 -1.16
CA TYR B 90 8.32 9.59 0.13
C TYR B 90 9.25 8.91 1.14
N LYS B 91 9.37 7.57 1.09
CA LYS B 91 10.28 6.83 1.97
C LYS B 91 11.73 7.09 1.60
N GLU B 92 12.02 7.13 0.30
CA GLU B 92 13.37 7.46 -0.21
C GLU B 92 13.70 8.96 -0.16
N ARG B 93 12.65 9.79 -0.04
CA ARG B 93 12.81 11.23 0.22
C ARG B 93 12.95 11.52 1.70
N ASP B 94 12.44 10.59 2.53
CA ASP B 94 12.60 10.65 3.99
C ASP B 94 11.52 11.54 4.67
N LEU B 95 10.44 11.84 3.93
CA LEU B 95 9.35 12.69 4.43
C LEU B 95 8.44 11.98 5.42
N ILE B 96 8.66 10.66 5.61
CA ILE B 96 7.89 9.86 6.55
C ILE B 96 7.96 10.44 7.97
N ASP B 97 6.78 10.52 8.58
CA ASP B 97 6.60 11.21 9.88
C ASP B 97 7.22 10.49 11.11
N ARG B 98 8.01 9.43 10.88
CA ARG B 98 8.48 8.53 11.93
C ARG B 98 7.46 7.89 12.89
N SER B 99 6.21 8.32 12.72
CA SER B 99 5.06 7.72 13.40
C SER B 99 4.39 6.61 12.57
N ALA B 100 4.69 6.56 11.26
CA ALA B 100 4.14 5.54 10.38
C ALA B 100 4.73 4.14 10.65
N TYR B 101 5.96 4.13 11.16
CA TYR B 101 6.71 2.90 11.40
C TYR B 101 6.05 2.04 12.50
N MET B 21 -4.77 11.93 -8.00
CA MET B 21 -5.69 10.75 -8.01
C MET B 21 -5.87 10.13 -6.62
N PRO B 22 -4.87 9.44 -6.00
CA PRO B 22 -5.04 8.82 -4.67
C PRO B 22 -5.01 9.80 -3.47
N LYS B 23 -4.99 11.11 -3.74
CA LYS B 23 -4.75 12.24 -2.81
C LYS B 23 -3.41 12.15 -2.10
N SER B 24 -3.31 11.37 -1.02
CA SER B 24 -2.15 11.25 -0.15
C SER B 24 -2.04 9.83 0.40
N LEU B 25 -1.39 8.93 -0.35
CA LEU B 25 -1.03 7.59 0.12
C LEU B 25 0.01 7.63 1.23
N THR B 26 0.85 8.66 1.20
CA THR B 26 1.93 9.06 2.11
C THR B 26 1.45 9.56 3.49
N ASP B 27 0.20 9.28 3.85
CA ASP B 27 -0.53 9.82 5.00
C ASP B 27 -0.44 8.85 6.19
N PRO B 28 -0.10 9.29 7.41
CA PRO B 28 0.22 8.36 8.49
C PRO B 28 -0.99 7.60 9.03
N LYS B 29 -2.18 8.20 8.87
CA LYS B 29 -3.42 7.61 9.35
C LYS B 29 -3.83 6.43 8.46
N LEU B 30 -3.65 6.61 7.15
CA LEU B 30 -3.81 5.55 6.16
C LEU B 30 -2.68 4.52 6.30
N LEU B 31 -1.42 4.97 6.29
CA LEU B 31 -0.28 4.08 6.38
C LEU B 31 -0.31 3.20 7.64
N LYS B 32 -0.71 3.76 8.79
CA LYS B 32 -0.99 2.96 10.00
C LYS B 32 -2.18 1.98 9.85
N ASN B 33 -3.25 2.42 9.19
CA ASN B 33 -4.49 1.64 9.07
C ASN B 33 -4.72 1.15 7.61
N ILE B 34 -4.13 -0.02 7.30
CA ILE B 34 -4.14 -0.59 5.93
C ILE B 34 -5.50 -0.57 5.19
N PRO B 35 -6.65 -0.90 5.83
CA PRO B 35 -7.97 -0.76 5.20
C PRO B 35 -8.30 0.65 4.70
N MET B 36 -7.91 1.69 5.43
CA MET B 36 -8.22 3.07 5.07
C MET B 36 -7.23 3.60 4.02
N TRP B 37 -5.98 3.10 4.02
CA TRP B 37 -5.06 3.32 2.90
C TRP B 37 -5.66 2.79 1.59
N LEU B 38 -6.21 1.57 1.60
CA LEU B 38 -6.84 0.96 0.44
C LEU B 38 -8.14 1.67 0.00
N LYS B 39 -8.80 2.40 0.91
CA LYS B 39 -9.88 3.34 0.55
C LYS B 39 -9.45 4.37 -0.50
N SER B 40 -8.24 4.88 -0.34
CA SER B 40 -7.67 5.89 -1.27
C SER B 40 -7.37 5.37 -2.68
N LEU B 41 -7.34 4.04 -2.89
CA LEU B 41 -7.21 3.39 -4.20
C LEU B 41 -8.56 2.93 -4.77
N ARG B 42 -9.63 3.09 -3.99
CA ARG B 42 -10.98 2.68 -4.41
C ARG B 42 -11.10 1.19 -4.74
N LEU B 43 -10.40 0.44 -3.89
CA LEU B 43 -10.54 -1.01 -3.82
C LEU B 43 -11.26 -1.33 -2.49
N HIS B 44 -10.63 -0.91 -1.39
CA HIS B 44 -11.12 -1.19 0.00
C HIS B 44 -11.94 -2.48 0.30
N LYS B 45 -11.65 -3.55 -0.45
CA LYS B 45 -12.28 -4.86 -0.22
C LYS B 45 -11.21 -5.89 0.13
N TYR B 46 -10.08 -5.77 -0.55
CA TYR B 46 -8.95 -6.67 -0.37
C TYR B 46 -8.10 -6.24 0.85
N SER B 47 -8.65 -5.35 1.69
CA SER B 47 -8.00 -4.93 2.93
C SER B 47 -7.59 -6.10 3.84
N ASP B 48 -8.33 -7.21 3.84
CA ASP B 48 -7.97 -8.39 4.63
C ASP B 48 -6.93 -9.28 3.94
N ALA B 49 -6.90 -9.23 2.59
CA ALA B 49 -5.88 -9.94 1.83
C ALA B 49 -4.51 -9.23 1.95
N LEU B 50 -4.59 -7.90 2.10
CA LEU B 50 -3.41 -7.04 2.22
C LEU B 50 -3.04 -6.76 3.69
N SER B 51 -3.94 -7.10 4.61
CA SER B 51 -3.62 -7.13 6.05
C SER B 51 -2.63 -8.26 6.37
N GLY B 52 -2.18 -8.32 7.62
CA GLY B 52 -1.05 -9.17 8.01
C GLY B 52 0.29 -8.69 7.42
N THR B 53 0.27 -7.52 6.74
CA THR B 53 1.49 -6.94 6.15
C THR B 53 1.47 -5.44 6.43
N PRO B 54 2.44 -4.88 7.18
CA PRO B 54 2.50 -3.45 7.48
C PRO B 54 2.83 -2.67 6.23
N TRP B 55 2.53 -1.37 6.24
CA TRP B 55 2.65 -0.54 5.03
C TRP B 55 4.10 -0.52 4.54
N ILE B 56 5.02 -0.11 5.44
CA ILE B 56 6.48 -0.20 5.21
C ILE B 56 6.99 -1.40 4.39
N GLU B 57 6.25 -2.53 4.40
CA GLU B 57 6.62 -3.71 3.63
C GLU B 57 5.62 -4.03 2.52
N LEU B 58 4.36 -3.66 2.70
CA LEU B 58 3.33 -3.85 1.68
C LEU B 58 3.82 -3.27 0.36
N ILE B 59 4.20 -2.01 0.40
CA ILE B 59 4.83 -1.38 -0.76
C ILE B 59 5.90 -2.25 -1.48
N TYR B 60 6.68 -3.06 -0.75
CA TYR B 60 7.72 -3.91 -1.34
C TYR B 60 7.21 -5.24 -1.94
N LEU B 61 5.88 -5.43 -1.95
CA LEU B 61 5.27 -6.58 -2.64
C LEU B 61 5.58 -6.62 -4.15
N ASP B 62 5.26 -7.76 -4.73
CA ASP B 62 5.38 -7.97 -6.17
C ASP B 62 4.06 -8.48 -6.75
N ASP B 63 3.96 -8.47 -8.07
CA ASP B 63 2.75 -8.91 -8.77
C ASP B 63 2.34 -10.36 -8.43
N GLU B 64 3.31 -11.27 -8.41
CA GLU B 64 3.06 -12.65 -8.00
C GLU B 64 2.59 -12.74 -6.56
N THR B 65 3.23 -11.99 -5.66
CA THR B 65 2.84 -11.99 -4.25
C THR B 65 1.46 -11.37 -4.06
N LEU B 66 1.06 -10.34 -4.82
CA LEU B 66 -0.33 -9.84 -4.81
C LEU B 66 -1.31 -10.95 -5.25
N GLU B 67 -1.01 -11.68 -6.33
CA GLU B 67 -1.80 -12.85 -6.72
C GLU B 67 -1.92 -13.87 -5.55
N LYS B 68 -0.87 -14.03 -4.73
CA LYS B 68 -0.91 -14.94 -3.57
C LYS B 68 -1.49 -14.32 -2.28
N LYS B 69 -1.56 -12.98 -2.20
CA LYS B 69 -2.21 -12.29 -1.09
C LYS B 69 -3.74 -12.45 -1.16
N GLY B 70 -4.25 -12.47 -2.39
CA GLY B 70 -5.69 -12.39 -2.65
C GLY B 70 -6.08 -11.27 -3.63
N VAL B 71 -5.10 -10.81 -4.42
CA VAL B 71 -5.29 -9.67 -5.34
C VAL B 71 -5.28 -10.24 -6.77
N LEU B 72 -6.28 -11.09 -7.03
CA LEU B 72 -6.29 -11.92 -8.25
C LEU B 72 -6.53 -11.13 -9.55
N ALA B 73 -7.29 -10.05 -9.50
CA ALA B 73 -7.53 -9.23 -10.70
C ALA B 73 -6.25 -8.48 -11.10
N LEU B 74 -6.03 -8.36 -12.41
CA LEU B 74 -4.98 -7.50 -12.93
C LEU B 74 -5.13 -6.05 -12.49
N GLY B 75 -6.35 -5.52 -12.57
CA GLY B 75 -6.60 -4.11 -12.26
C GLY B 75 -6.23 -3.78 -10.83
N ALA B 76 -6.94 -4.40 -9.89
CA ALA B 76 -6.54 -4.40 -8.47
C ALA B 76 -5.01 -4.42 -8.28
N ARG B 77 -4.37 -5.50 -8.75
CA ARG B 77 -2.91 -5.69 -8.60
C ARG B 77 -2.09 -4.52 -9.13
N ARG B 78 -2.34 -4.06 -10.36
CA ARG B 78 -1.62 -2.92 -10.93
C ARG B 78 -1.80 -1.65 -10.10
N LYS B 79 -3.01 -1.44 -9.54
CA LYS B 79 -3.28 -0.27 -8.68
C LYS B 79 -2.47 -0.30 -7.40
N LEU B 80 -2.18 -1.49 -6.85
CA LEU B 80 -1.29 -1.63 -5.71
C LEU B 80 0.15 -1.24 -6.10
N LEU B 81 0.67 -1.76 -7.22
CA LEU B 81 2.06 -1.51 -7.62
C LEU B 81 2.37 -0.03 -7.83
N LYS B 82 1.39 0.69 -8.41
CA LYS B 82 1.45 2.16 -8.53
C LYS B 82 1.47 2.83 -7.16
N ALA B 83 0.45 2.51 -6.36
CA ALA B 83 0.32 3.07 -5.02
C ALA B 83 1.60 2.92 -4.19
N PHE B 84 2.13 1.70 -4.18
CA PHE B 84 3.39 1.25 -3.60
C PHE B 84 4.60 2.05 -4.09
N GLY B 85 4.74 2.29 -5.39
CA GLY B 85 5.91 3.02 -5.88
C GLY B 85 5.93 4.46 -5.42
N ILE B 86 4.74 5.05 -5.20
CA ILE B 86 4.62 6.40 -4.70
C ILE B 86 5.09 6.45 -3.25
N VAL B 87 4.31 5.87 -2.33
CA VAL B 87 4.77 5.84 -0.92
C VAL B 87 6.27 5.50 -0.75
N ILE B 88 6.77 4.35 -1.27
CA ILE B 88 8.24 4.08 -1.32
C ILE B 88 9.05 5.31 -1.69
N ASP B 89 8.59 6.03 -2.70
CA ASP B 89 9.32 7.21 -3.19
C ASP B 89 9.49 8.21 -2.04
N TYR B 90 8.37 8.59 -1.44
CA TYR B 90 8.38 9.42 -0.22
C TYR B 90 9.14 8.80 0.96
N LYS B 91 9.17 7.47 1.08
CA LYS B 91 9.92 6.78 2.14
C LYS B 91 11.43 6.95 1.92
N GLU B 92 11.82 6.81 0.66
CA GLU B 92 13.21 7.05 0.24
C GLU B 92 13.60 8.55 0.31
N ARG B 93 12.60 9.44 0.45
CA ARG B 93 12.84 10.87 0.68
C ARG B 93 12.74 11.25 2.16
N ASP B 94 12.06 10.40 2.95
CA ASP B 94 11.86 10.63 4.39
C ASP B 94 10.80 11.72 4.69
N LEU B 95 9.90 11.98 3.72
CA LEU B 95 8.78 12.91 3.90
C LEU B 95 7.62 12.30 4.72
N ILE B 96 7.76 11.02 5.04
CA ILE B 96 6.79 10.31 5.90
C ILE B 96 6.75 10.94 7.29
N ASP B 97 5.55 11.05 7.84
CA ASP B 97 5.36 11.50 9.20
C ASP B 97 5.74 10.38 10.19
N ARG B 98 6.23 10.82 11.34
CA ARG B 98 6.73 9.91 12.39
C ARG B 98 5.64 9.05 13.08
N SER B 99 4.38 9.32 12.74
CA SER B 99 3.24 8.55 13.24
C SER B 99 2.73 7.48 12.26
N ALA B 100 3.21 7.46 11.00
CA ALA B 100 2.85 6.42 10.04
C ALA B 100 3.49 5.06 10.41
N TYR B 101 4.72 5.14 10.93
CA TYR B 101 5.50 3.95 11.31
C TYR B 101 4.84 3.13 12.44
N MET B 21 -7.22 9.82 -7.78
CA MET B 21 -5.78 10.18 -7.79
C MET B 21 -5.22 10.09 -6.37
N PRO B 22 -4.21 9.24 -6.09
CA PRO B 22 -3.61 9.05 -4.76
C PRO B 22 -3.17 10.36 -4.07
N LYS B 23 -3.91 10.77 -3.03
CA LYS B 23 -3.75 12.09 -2.37
C LYS B 23 -2.39 12.31 -1.71
N SER B 24 -1.73 11.25 -1.24
CA SER B 24 -0.41 11.32 -0.59
C SER B 24 0.34 9.98 -0.62
N LEU B 25 -0.25 8.91 -0.07
CA LEU B 25 0.32 7.59 0.22
C LEU B 25 1.45 7.60 1.25
N THR B 26 2.43 8.48 1.07
CA THR B 26 3.56 8.87 1.94
C THR B 26 3.16 9.49 3.29
N ASP B 27 1.92 9.27 3.75
CA ASP B 27 1.27 9.90 4.90
C ASP B 27 1.36 8.97 6.11
N PRO B 28 1.83 9.40 7.28
CA PRO B 28 2.16 8.48 8.37
C PRO B 28 0.94 7.83 9.01
N LYS B 29 -0.21 8.50 8.89
CA LYS B 29 -1.48 8.01 9.42
C LYS B 29 -1.93 6.82 8.58
N LEU B 30 -1.94 7.02 7.26
CA LEU B 30 -2.24 5.94 6.31
C LEU B 30 -1.22 4.82 6.40
N LEU B 31 0.07 5.17 6.39
CA LEU B 31 1.13 4.18 6.47
C LEU B 31 1.01 3.32 7.75
N LYS B 32 0.66 3.93 8.90
CA LYS B 32 0.35 3.17 10.12
C LYS B 32 -0.80 2.17 9.95
N ASN B 33 -1.93 2.63 9.40
CA ASN B 33 -3.10 1.77 9.17
C ASN B 33 -3.45 1.60 7.67
N ILE B 34 -3.04 0.43 7.17
CA ILE B 34 -3.27 0.03 5.76
C ILE B 34 -4.72 0.22 5.25
N PRO B 35 -5.80 -0.01 6.03
CA PRO B 35 -7.16 0.31 5.60
C PRO B 35 -7.38 1.76 5.14
N MET B 36 -6.76 2.75 5.79
CA MET B 36 -6.85 4.15 5.32
C MET B 36 -5.94 4.37 4.10
N TRP B 37 -4.73 3.80 4.14
CA TRP B 37 -3.82 3.87 2.98
C TRP B 37 -4.48 3.40 1.68
N LEU B 38 -5.13 2.24 1.74
CA LEU B 38 -5.82 1.60 0.63
C LEU B 38 -7.13 2.31 0.23
N LYS B 39 -7.76 3.05 1.17
CA LYS B 39 -8.86 3.96 0.84
C LYS B 39 -8.56 4.89 -0.32
N SER B 40 -7.39 5.50 -0.23
CA SER B 40 -6.87 6.41 -1.27
C SER B 40 -6.72 5.79 -2.68
N LEU B 41 -6.72 4.46 -2.80
CA LEU B 41 -6.65 3.72 -4.07
C LEU B 41 -8.01 3.17 -4.55
N ARG B 42 -9.05 3.26 -3.71
CA ARG B 42 -10.35 2.59 -3.97
C ARG B 42 -10.30 1.06 -3.99
N LEU B 43 -9.19 0.52 -3.47
CA LEU B 43 -9.01 -0.93 -3.31
C LEU B 43 -9.28 -1.39 -1.87
N HIS B 44 -9.91 -0.51 -1.07
CA HIS B 44 -10.23 -0.79 0.34
C HIS B 44 -11.22 -1.95 0.60
N LYS B 45 -11.47 -2.78 -0.42
CA LYS B 45 -12.16 -4.06 -0.19
C LYS B 45 -11.16 -5.07 0.36
N TYR B 46 -9.92 -4.92 -0.12
CA TYR B 46 -8.85 -5.86 0.17
C TYR B 46 -8.06 -5.42 1.41
N SER B 47 -8.57 -4.43 2.16
CA SER B 47 -7.91 -3.96 3.38
C SER B 47 -7.57 -5.09 4.35
N ASP B 48 -8.38 -6.13 4.46
CA ASP B 48 -8.08 -7.26 5.36
C ASP B 48 -7.06 -8.22 4.77
N ALA B 49 -6.96 -8.28 3.43
CA ALA B 49 -5.99 -9.12 2.76
C ALA B 49 -4.59 -8.48 2.80
N LEU B 50 -4.58 -7.15 2.99
CA LEU B 50 -3.34 -6.37 2.96
C LEU B 50 -2.97 -5.83 4.37
N SER B 51 -3.91 -5.85 5.32
CA SER B 51 -3.63 -5.53 6.73
C SER B 51 -2.82 -6.62 7.46
N GLY B 52 -2.68 -7.81 6.87
CA GLY B 52 -1.77 -8.85 7.39
C GLY B 52 -0.27 -8.55 7.16
N THR B 53 0.04 -7.40 6.58
CA THR B 53 1.43 -7.00 6.28
C THR B 53 1.60 -5.50 6.60
N PRO B 54 2.67 -5.07 7.30
CA PRO B 54 2.91 -3.65 7.59
C PRO B 54 3.33 -2.90 6.33
N TRP B 55 3.21 -1.57 6.35
CA TRP B 55 3.43 -0.75 5.16
C TRP B 55 4.88 -0.90 4.67
N ILE B 56 5.82 -0.59 5.57
CA ILE B 56 7.27 -0.82 5.37
C ILE B 56 7.67 -2.07 4.55
N GLU B 57 6.82 -3.11 4.54
CA GLU B 57 7.08 -4.32 3.74
C GLU B 57 6.04 -4.53 2.64
N LEU B 58 4.81 -4.04 2.84
CA LEU B 58 3.77 -4.14 1.83
C LEU B 58 4.31 -3.65 0.49
N ILE B 59 4.82 -2.43 0.51
CA ILE B 59 5.50 -1.88 -0.66
C ILE B 59 6.47 -2.86 -1.38
N TYR B 60 7.18 -3.72 -0.65
CA TYR B 60 8.14 -4.68 -1.25
C TYR B 60 7.52 -5.94 -1.86
N LEU B 61 6.19 -6.04 -1.84
CA LEU B 61 5.47 -7.16 -2.49
C LEU B 61 5.74 -7.22 -4.00
N ASP B 62 5.28 -8.33 -4.58
CA ASP B 62 5.40 -8.57 -6.02
C ASP B 62 4.05 -9.01 -6.58
N ASP B 63 3.94 -9.00 -7.91
CA ASP B 63 2.71 -9.36 -8.60
C ASP B 63 2.21 -10.78 -8.26
N GLU B 64 3.11 -11.76 -8.21
CA GLU B 64 2.74 -13.13 -7.82
C GLU B 64 2.34 -13.21 -6.35
N THR B 65 3.11 -12.57 -5.46
CA THR B 65 2.81 -12.60 -4.03
C THR B 65 1.45 -11.94 -3.75
N LEU B 66 1.13 -10.83 -4.44
CA LEU B 66 -0.19 -10.20 -4.35
C LEU B 66 -1.29 -11.17 -4.83
N GLU B 67 -1.10 -11.83 -5.98
CA GLU B 67 -2.05 -12.83 -6.47
C GLU B 67 -2.35 -13.91 -5.42
N LYS B 68 -1.34 -14.37 -4.69
CA LYS B 68 -1.51 -15.41 -3.65
C LYS B 68 -1.98 -14.87 -2.30
N LYS B 69 -1.95 -13.54 -2.12
CA LYS B 69 -2.40 -12.89 -0.88
C LYS B 69 -3.90 -12.56 -0.86
N GLY B 70 -4.55 -12.65 -2.03
CA GLY B 70 -5.97 -12.29 -2.18
C GLY B 70 -6.19 -11.09 -3.13
N VAL B 71 -5.18 -10.76 -3.94
CA VAL B 71 -5.25 -9.62 -4.86
C VAL B 71 -5.34 -10.19 -6.29
N LEU B 72 -6.47 -10.88 -6.53
CA LEU B 72 -6.62 -11.70 -7.74
C LEU B 72 -6.84 -10.89 -9.03
N ALA B 73 -7.38 -9.67 -8.94
CA ALA B 73 -7.52 -8.81 -10.09
C ALA B 73 -6.17 -8.20 -10.51
N LEU B 74 -5.95 -8.11 -11.82
CA LEU B 74 -4.83 -7.35 -12.37
C LEU B 74 -4.92 -5.88 -11.98
N GLY B 75 -6.12 -5.30 -12.07
CA GLY B 75 -6.31 -3.87 -11.86
C GLY B 75 -5.82 -3.44 -10.48
N ALA B 76 -6.51 -3.95 -9.46
CA ALA B 76 -6.02 -3.89 -8.08
C ALA B 76 -4.48 -4.00 -7.98
N ARG B 77 -3.95 -5.19 -8.32
CA ARG B 77 -2.51 -5.49 -8.22
C ARG B 77 -1.60 -4.42 -8.80
N ARG B 78 -1.79 -4.02 -10.07
CA ARG B 78 -0.95 -2.99 -10.70
C ARG B 78 -0.99 -1.65 -9.97
N LYS B 79 -2.15 -1.27 -9.43
CA LYS B 79 -2.28 -0.03 -8.65
C LYS B 79 -1.56 -0.11 -7.29
N LEU B 80 -1.43 -1.31 -6.70
CA LEU B 80 -0.57 -1.48 -5.53
C LEU B 80 0.89 -1.22 -5.91
N LEU B 81 1.39 -1.84 -6.99
CA LEU B 81 2.81 -1.72 -7.38
C LEU B 81 3.24 -0.27 -7.64
N LYS B 82 2.33 0.50 -8.22
CA LYS B 82 2.50 1.95 -8.38
C LYS B 82 2.57 2.66 -7.03
N ALA B 83 1.51 2.50 -6.24
CA ALA B 83 1.41 3.09 -4.91
C ALA B 83 2.66 2.80 -4.06
N PHE B 84 3.10 1.54 -4.06
CA PHE B 84 4.28 0.95 -3.47
C PHE B 84 5.58 1.57 -3.97
N GLY B 85 5.78 1.73 -5.27
CA GLY B 85 7.05 2.29 -5.80
C GLY B 85 7.26 3.73 -5.35
N ILE B 86 6.16 4.44 -5.14
CA ILE B 86 6.20 5.81 -4.65
C ILE B 86 6.64 5.81 -3.19
N VAL B 87 5.78 5.35 -2.28
CA VAL B 87 6.21 5.30 -0.86
C VAL B 87 7.66 4.79 -0.67
N ILE B 88 8.03 3.60 -1.20
CA ILE B 88 9.45 3.14 -1.23
C ILE B 88 10.43 4.25 -1.54
N ASP B 89 10.11 5.03 -2.58
CA ASP B 89 10.97 6.12 -3.01
C ASP B 89 11.16 7.12 -1.87
N TYR B 90 10.05 7.62 -1.34
CA TYR B 90 10.07 8.46 -0.14
C TYR B 90 10.69 7.81 1.12
N LYS B 91 10.65 6.48 1.22
CA LYS B 91 11.29 5.74 2.31
C LYS B 91 12.81 5.81 2.17
N GLU B 92 13.30 5.59 0.96
CA GLU B 92 14.75 5.64 0.69
C GLU B 92 15.32 7.07 0.70
N ARG B 93 14.41 8.04 0.55
CA ARG B 93 14.74 9.46 0.70
C ARG B 93 14.58 9.94 2.15
N ASP B 94 13.72 9.26 2.92
CA ASP B 94 13.43 9.63 4.32
C ASP B 94 12.62 10.95 4.43
N LEU B 95 11.83 11.26 3.40
CA LEU B 95 10.92 12.43 3.41
C LEU B 95 9.64 12.19 4.22
N ILE B 96 9.48 10.94 4.65
CA ILE B 96 8.32 10.52 5.44
C ILE B 96 8.49 10.94 6.90
N ASP B 97 7.37 11.04 7.60
CA ASP B 97 7.38 11.33 9.02
C ASP B 97 7.74 10.05 9.80
N ARG B 98 8.57 10.24 10.82
CA ARG B 98 9.00 9.13 11.69
C ARG B 98 7.86 8.46 12.49
N SER B 99 6.70 9.10 12.51
CA SER B 99 5.47 8.51 13.08
C SER B 99 4.82 7.44 12.18
N ALA B 100 5.16 7.37 10.89
CA ALA B 100 4.65 6.31 10.01
C ALA B 100 5.16 4.91 10.42
N TYR B 101 6.39 4.89 10.93
CA TYR B 101 7.08 3.66 11.30
C TYR B 101 6.44 2.96 12.52
N MET B 21 -8.10 8.50 -8.57
CA MET B 21 -6.80 9.08 -8.14
C MET B 21 -6.70 9.05 -6.60
N PRO B 22 -5.73 8.29 -6.03
CA PRO B 22 -5.50 8.27 -4.58
C PRO B 22 -4.96 9.60 -4.03
N LYS B 23 -5.11 9.78 -2.71
CA LYS B 23 -4.54 10.85 -1.89
C LYS B 23 -4.13 10.30 -0.53
N SER B 24 -3.30 11.04 0.20
CA SER B 24 -2.88 10.74 1.57
C SER B 24 -2.33 9.31 1.76
N LEU B 25 -1.78 8.66 0.73
CA LEU B 25 -1.20 7.32 0.86
C LEU B 25 0.01 7.35 1.82
N THR B 26 0.79 8.42 1.75
CA THR B 26 1.96 8.80 2.56
C THR B 26 1.65 9.21 4.03
N ASP B 27 0.46 8.91 4.54
CA ASP B 27 -0.08 9.40 5.82
C ASP B 27 0.15 8.37 6.92
N PRO B 28 0.63 8.73 8.14
CA PRO B 28 1.08 7.74 9.12
C PRO B 28 -0.07 6.93 9.72
N LYS B 29 -1.27 7.50 9.72
CA LYS B 29 -2.45 6.86 10.30
C LYS B 29 -2.95 5.76 9.37
N LEU B 30 -2.92 6.04 8.06
CA LEU B 30 -3.17 5.03 7.03
C LEU B 30 -2.02 4.02 6.97
N LEU B 31 -0.78 4.48 6.89
CA LEU B 31 0.38 3.60 6.81
C LEU B 31 0.48 2.65 8.02
N LYS B 32 0.16 3.12 9.24
CA LYS B 32 0.05 2.25 10.43
C LYS B 32 -1.20 1.35 10.45
N ASN B 33 -2.29 1.79 9.80
CA ASN B 33 -3.54 1.02 9.74
C ASN B 33 -3.91 0.62 8.29
N ILE B 34 -3.30 -0.49 7.85
CA ILE B 34 -3.39 -0.93 6.43
C ILE B 34 -4.81 -0.97 5.81
N PRO B 35 -5.87 -1.44 6.51
CA PRO B 35 -7.25 -1.36 6.02
C PRO B 35 -7.69 0.07 5.63
N MET B 36 -7.24 1.09 6.39
CA MET B 36 -7.61 2.47 6.13
C MET B 36 -6.74 3.10 5.03
N TRP B 37 -5.48 2.65 4.87
CA TRP B 37 -4.68 3.00 3.68
C TRP B 37 -5.36 2.57 2.40
N LEU B 38 -5.81 1.31 2.35
CA LEU B 38 -6.55 0.74 1.25
C LEU B 38 -7.91 1.42 1.05
N LYS B 39 -8.50 1.99 2.12
CA LYS B 39 -9.68 2.87 2.03
C LYS B 39 -9.55 4.11 1.14
N SER B 40 -8.34 4.37 0.64
CA SER B 40 -8.09 5.43 -0.34
C SER B 40 -7.98 4.96 -1.81
N LEU B 41 -8.24 3.67 -2.11
CA LEU B 41 -8.07 3.05 -3.44
C LEU B 41 -9.32 2.34 -3.99
N ARG B 42 -10.32 2.09 -3.13
CA ARG B 42 -11.50 1.23 -3.51
C ARG B 42 -11.15 -0.23 -3.80
N LEU B 43 -10.10 -0.63 -3.08
CA LEU B 43 -9.63 -2.02 -3.05
C LEU B 43 -9.76 -2.61 -1.63
N HIS B 44 -10.48 -1.87 -0.76
CA HIS B 44 -10.68 -2.25 0.66
C HIS B 44 -11.57 -3.48 0.91
N LYS B 45 -11.71 -4.31 -0.14
CA LYS B 45 -12.30 -5.64 0.00
C LYS B 45 -11.18 -6.66 0.27
N TYR B 46 -9.98 -6.31 -0.22
CA TYR B 46 -8.79 -7.12 -0.02
C TYR B 46 -8.03 -6.74 1.27
N SER B 47 -8.62 -5.92 2.15
CA SER B 47 -7.97 -5.47 3.38
C SER B 47 -7.39 -6.60 4.23
N ASP B 48 -8.03 -7.77 4.28
CA ASP B 48 -7.50 -8.91 5.04
C ASP B 48 -6.36 -9.64 4.32
N ALA B 49 -6.36 -9.58 2.97
CA ALA B 49 -5.30 -10.20 2.19
C ALA B 49 -4.01 -9.37 2.30
N LEU B 50 -4.19 -8.06 2.55
CA LEU B 50 -3.07 -7.11 2.56
C LEU B 50 -2.68 -6.70 4.00
N SER B 51 -3.57 -6.95 4.98
CA SER B 51 -3.26 -6.72 6.41
C SER B 51 -2.16 -7.64 6.97
N GLY B 52 -1.90 -8.78 6.31
CA GLY B 52 -0.78 -9.68 6.70
C GLY B 52 0.64 -9.13 6.45
N THR B 53 0.76 -7.91 5.91
CA THR B 53 2.07 -7.31 5.59
C THR B 53 2.07 -5.83 6.03
N PRO B 54 3.11 -5.32 6.73
CA PRO B 54 3.18 -3.91 7.10
C PRO B 54 3.44 -3.04 5.88
N TRP B 55 3.13 -1.75 6.00
CA TRP B 55 3.17 -0.83 4.86
C TRP B 55 4.58 -0.76 4.27
N ILE B 56 5.54 -0.38 5.13
CA ILE B 56 6.98 -0.41 4.83
C ILE B 56 7.49 -1.55 3.92
N GLU B 57 6.79 -2.69 3.90
CA GLU B 57 7.16 -3.82 3.04
C GLU B 57 6.12 -4.11 1.96
N LEU B 58 4.84 -3.84 2.24
CA LEU B 58 3.77 -4.01 1.27
C LEU B 58 4.16 -3.36 -0.05
N ILE B 59 4.48 -2.09 0.03
CA ILE B 59 4.99 -1.36 -1.12
C ILE B 59 6.05 -2.11 -1.96
N TYR B 60 6.94 -2.91 -1.33
CA TYR B 60 8.01 -3.64 -2.04
C TYR B 60 7.57 -4.94 -2.75
N LEU B 61 6.28 -5.27 -2.65
CA LEU B 61 5.73 -6.46 -3.35
C LEU B 61 5.89 -6.41 -4.89
N ASP B 62 5.58 -7.55 -5.51
CA ASP B 62 5.57 -7.66 -6.97
C ASP B 62 4.24 -8.23 -7.46
N ASP B 63 4.00 -8.12 -8.77
CA ASP B 63 2.74 -8.55 -9.38
C ASP B 63 2.40 -10.03 -9.16
N GLU B 64 3.41 -10.91 -9.26
CA GLU B 64 3.24 -12.33 -8.98
C GLU B 64 2.99 -12.59 -7.50
N THR B 65 3.72 -11.89 -6.62
CA THR B 65 3.50 -12.00 -5.18
C THR B 65 2.09 -11.52 -4.80
N LEU B 66 1.59 -10.45 -5.44
CA LEU B 66 0.21 -10.00 -5.26
C LEU B 66 -0.81 -11.11 -5.55
N GLU B 67 -0.80 -11.77 -6.72
CA GLU B 67 -1.77 -12.79 -7.02
C GLU B 67 -1.67 -14.02 -6.10
N LYS B 68 -0.46 -14.32 -5.61
CA LYS B 68 -0.28 -15.37 -4.57
C LYS B 68 -0.75 -14.93 -3.17
N LYS B 69 -0.93 -13.62 -2.97
CA LYS B 69 -1.43 -13.07 -1.70
C LYS B 69 -2.97 -12.96 -1.63
N GLY B 70 -3.62 -13.11 -2.80
CA GLY B 70 -5.09 -12.94 -2.91
C GLY B 70 -5.51 -11.77 -3.79
N VAL B 71 -4.59 -11.22 -4.58
CA VAL B 71 -4.85 -10.03 -5.39
C VAL B 71 -4.94 -10.46 -6.86
N LEU B 72 -5.97 -11.26 -7.14
CA LEU B 72 -6.07 -11.96 -8.42
C LEU B 72 -6.36 -11.03 -9.60
N ALA B 73 -7.19 -10.01 -9.40
CA ALA B 73 -7.60 -9.13 -10.48
C ALA B 73 -6.41 -8.28 -10.95
N LEU B 74 -6.21 -8.17 -12.27
CA LEU B 74 -5.20 -7.28 -12.83
C LEU B 74 -5.43 -5.82 -12.44
N GLY B 75 -6.69 -5.37 -12.47
CA GLY B 75 -7.03 -3.98 -12.16
C GLY B 75 -6.55 -3.59 -10.77
N ALA B 76 -7.19 -4.21 -9.77
CA ALA B 76 -6.67 -4.16 -8.39
C ALA B 76 -5.12 -4.15 -8.31
N ARG B 77 -4.50 -5.23 -8.80
CA ARG B 77 -3.04 -5.44 -8.73
C ARG B 77 -2.22 -4.25 -9.21
N ARG B 78 -2.39 -3.81 -10.45
CA ARG B 78 -1.62 -2.70 -11.00
C ARG B 78 -1.84 -1.40 -10.20
N LYS B 79 -3.05 -1.21 -9.65
CA LYS B 79 -3.36 -0.03 -8.83
C LYS B 79 -2.65 -0.05 -7.47
N LEU B 80 -2.42 -1.23 -6.87
CA LEU B 80 -1.53 -1.34 -5.70
C LEU B 80 -0.12 -0.92 -6.07
N LEU B 81 0.45 -1.44 -7.17
CA LEU B 81 1.86 -1.18 -7.52
C LEU B 81 2.15 0.31 -7.76
N LYS B 82 1.15 1.00 -8.32
CA LYS B 82 1.15 2.48 -8.39
C LYS B 82 1.16 3.13 -7.01
N ALA B 83 0.14 2.81 -6.22
CA ALA B 83 0.02 3.32 -4.85
C ALA B 83 1.34 3.15 -4.05
N PHE B 84 1.93 1.97 -4.16
CA PHE B 84 3.21 1.51 -3.65
C PHE B 84 4.39 2.34 -4.15
N GLY B 85 4.49 2.65 -5.43
CA GLY B 85 5.63 3.43 -5.94
C GLY B 85 5.63 4.85 -5.39
N ILE B 86 4.45 5.37 -5.08
CA ILE B 86 4.32 6.69 -4.48
C ILE B 86 4.86 6.65 -3.05
N VAL B 87 4.14 5.99 -2.14
CA VAL B 87 4.68 5.88 -0.74
C VAL B 87 6.20 5.58 -0.68
N ILE B 88 6.69 4.48 -1.31
CA ILE B 88 8.16 4.26 -1.47
C ILE B 88 8.93 5.53 -1.78
N ASP B 89 8.42 6.31 -2.71
CA ASP B 89 9.09 7.54 -3.13
C ASP B 89 9.28 8.46 -1.93
N TYR B 90 8.18 8.76 -1.25
CA TYR B 90 8.22 9.53 0.00
C TYR B 90 9.04 8.89 1.13
N LYS B 91 9.15 7.56 1.16
CA LYS B 91 10.02 6.84 2.10
C LYS B 91 11.48 7.12 1.79
N GLU B 92 11.79 7.05 0.50
CA GLU B 92 13.14 7.31 0.00
C GLU B 92 13.52 8.81 0.08
N ARG B 93 12.53 9.66 0.37
CA ARG B 93 12.75 11.10 0.61
C ARG B 93 12.69 11.47 2.09
N ASP B 94 12.04 10.63 2.91
CA ASP B 94 11.85 10.89 4.35
C ASP B 94 10.83 12.03 4.62
N LEU B 95 9.90 12.25 3.68
CA LEU B 95 8.81 13.25 3.86
C LEU B 95 7.68 12.72 4.75
N ILE B 96 7.77 11.44 5.10
CA ILE B 96 6.76 10.77 5.92
C ILE B 96 6.99 11.12 7.40
N ASP B 97 5.92 11.00 8.17
CA ASP B 97 6.00 11.18 9.61
C ASP B 97 6.65 9.97 10.28
N ARG B 98 7.47 10.30 11.27
CA ARG B 98 8.05 9.33 12.17
C ARG B 98 7.00 8.37 12.81
N SER B 99 5.78 8.87 12.93
CA SER B 99 4.67 8.10 13.49
C SER B 99 4.11 7.00 12.57
N ALA B 100 4.44 6.98 11.27
CA ALA B 100 4.04 5.87 10.39
C ALA B 100 4.87 4.61 10.66
N TYR B 101 6.06 4.82 11.24
CA TYR B 101 7.03 3.75 11.45
C TYR B 101 6.66 2.82 12.63
N MET B 21 -6.24 9.65 -9.46
CA MET B 21 -4.82 9.71 -9.01
C MET B 21 -4.72 9.41 -7.51
N PRO B 22 -3.77 8.56 -7.06
CA PRO B 22 -3.53 8.27 -5.63
C PRO B 22 -3.24 9.47 -4.70
N LYS B 23 -2.93 10.65 -5.26
CA LYS B 23 -2.56 11.92 -4.61
C LYS B 23 -1.33 11.81 -3.71
N SER B 24 -1.51 11.31 -2.50
CA SER B 24 -0.49 11.23 -1.44
C SER B 24 -0.74 9.99 -0.57
N LEU B 25 -0.16 8.86 -0.97
CA LEU B 25 -0.09 7.63 -0.17
C LEU B 25 0.75 7.84 1.11
N THR B 26 1.64 8.83 1.06
CA THR B 26 2.68 9.28 1.98
C THR B 26 2.16 9.80 3.33
N ASP B 27 0.91 9.47 3.65
CA ASP B 27 0.15 9.98 4.78
C ASP B 27 0.29 9.02 5.97
N PRO B 28 0.80 9.46 7.13
CA PRO B 28 1.18 8.54 8.20
C PRO B 28 -0.02 7.86 8.86
N LYS B 29 -1.20 8.47 8.72
CA LYS B 29 -2.44 7.91 9.22
C LYS B 29 -2.85 6.71 8.37
N LEU B 30 -2.93 6.91 7.06
CA LEU B 30 -3.20 5.82 6.11
C LEU B 30 -2.12 4.74 6.20
N LEU B 31 -0.85 5.15 6.20
CA LEU B 31 0.26 4.23 6.30
C LEU B 31 0.22 3.40 7.60
N LYS B 32 -0.13 4.01 8.74
CA LYS B 32 -0.38 3.26 9.99
C LYS B 32 -1.53 2.25 9.84
N ASN B 33 -2.69 2.68 9.32
CA ASN B 33 -3.84 1.79 9.14
C ASN B 33 -4.20 1.53 7.67
N ILE B 34 -3.71 0.37 7.22
CA ILE B 34 -3.94 -0.14 5.86
C ILE B 34 -5.40 -0.03 5.37
N PRO B 35 -6.46 -0.27 6.18
CA PRO B 35 -7.84 -0.01 5.78
C PRO B 35 -8.10 1.37 5.16
N MET B 36 -7.55 2.45 5.73
CA MET B 36 -7.75 3.80 5.17
C MET B 36 -6.81 4.05 3.99
N TRP B 37 -5.61 3.46 4.01
CA TRP B 37 -4.71 3.48 2.84
C TRP B 37 -5.42 2.98 1.55
N LEU B 38 -6.11 1.82 1.58
CA LEU B 38 -6.93 1.35 0.45
C LEU B 38 -8.22 2.18 0.20
N LYS B 39 -8.82 2.81 1.23
CA LYS B 39 -9.96 3.72 1.05
C LYS B 39 -9.68 4.82 0.02
N SER B 40 -8.52 5.45 0.16
CA SER B 40 -8.06 6.47 -0.81
C SER B 40 -7.76 5.95 -2.24
N LEU B 41 -7.90 4.64 -2.50
CA LEU B 41 -7.61 3.98 -3.78
C LEU B 41 -8.82 3.25 -4.40
N ARG B 42 -9.97 3.24 -3.71
CA ARG B 42 -11.13 2.38 -4.10
C ARG B 42 -10.87 0.87 -4.06
N LEU B 43 -9.74 0.50 -3.44
CA LEU B 43 -9.37 -0.92 -3.26
C LEU B 43 -9.79 -1.46 -1.88
N HIS B 44 -10.60 -0.70 -1.15
CA HIS B 44 -10.96 -1.01 0.25
C HIS B 44 -11.81 -2.28 0.50
N LYS B 45 -11.92 -3.14 -0.51
CA LYS B 45 -12.55 -4.46 -0.33
C LYS B 45 -11.48 -5.47 0.10
N TYR B 46 -10.25 -5.19 -0.34
CA TYR B 46 -9.12 -6.09 -0.11
C TYR B 46 -8.26 -5.60 1.06
N SER B 47 -8.71 -4.56 1.78
CA SER B 47 -8.02 -4.06 2.97
C SER B 47 -7.68 -5.15 3.98
N ASP B 48 -8.54 -6.15 4.14
CA ASP B 48 -8.31 -7.24 5.09
C ASP B 48 -7.33 -8.28 4.56
N ALA B 49 -7.33 -8.45 3.24
CA ALA B 49 -6.36 -9.31 2.58
C ALA B 49 -4.95 -8.69 2.64
N LEU B 50 -4.90 -7.39 2.91
CA LEU B 50 -3.64 -6.62 2.93
C LEU B 50 -3.29 -6.15 4.36
N SER B 51 -4.25 -6.23 5.29
CA SER B 51 -4.04 -5.88 6.70
C SER B 51 -3.08 -6.82 7.44
N GLY B 52 -2.90 -8.05 6.92
CA GLY B 52 -1.86 -8.97 7.40
C GLY B 52 -0.41 -8.52 7.10
N THR B 53 -0.24 -7.38 6.44
CA THR B 53 1.09 -6.87 6.07
C THR B 53 1.18 -5.36 6.40
N PRO B 54 2.21 -4.89 7.12
CA PRO B 54 2.37 -3.46 7.40
C PRO B 54 2.79 -2.70 6.16
N TRP B 55 2.61 -1.38 6.17
CA TRP B 55 2.80 -0.56 4.96
C TRP B 55 4.26 -0.66 4.47
N ILE B 56 5.20 -0.32 5.36
CA ILE B 56 6.64 -0.52 5.13
C ILE B 56 7.06 -1.77 4.32
N GLU B 57 6.25 -2.83 4.38
CA GLU B 57 6.53 -4.06 3.63
C GLU B 57 5.57 -4.27 2.48
N LEU B 58 4.31 -3.85 2.66
CA LEU B 58 3.30 -3.93 1.62
C LEU B 58 3.84 -3.41 0.30
N ILE B 59 4.30 -2.18 0.32
CA ILE B 59 4.95 -1.60 -0.85
C ILE B 59 5.95 -2.53 -1.59
N TYR B 60 6.69 -3.39 -0.87
CA TYR B 60 7.68 -4.29 -1.49
C TYR B 60 7.10 -5.57 -2.10
N LEU B 61 5.78 -5.73 -2.04
CA LEU B 61 5.08 -6.87 -2.67
C LEU B 61 5.32 -6.96 -4.18
N ASP B 62 4.93 -8.11 -4.73
CA ASP B 62 5.01 -8.36 -6.17
C ASP B 62 3.65 -8.83 -6.70
N ASP B 63 3.49 -8.80 -8.02
CA ASP B 63 2.23 -9.17 -8.68
C ASP B 63 1.77 -10.61 -8.38
N GLU B 64 2.73 -11.54 -8.34
CA GLU B 64 2.45 -12.92 -7.95
C GLU B 64 2.06 -13.06 -6.48
N THR B 65 2.74 -12.36 -5.59
CA THR B 65 2.35 -12.32 -4.18
C THR B 65 0.97 -11.69 -4.03
N LEU B 66 0.65 -10.63 -4.79
CA LEU B 66 -0.68 -10.03 -4.80
C LEU B 66 -1.77 -11.07 -5.11
N GLU B 67 -1.72 -11.83 -6.20
CA GLU B 67 -2.73 -12.82 -6.49
C GLU B 67 -2.76 -13.98 -5.48
N LYS B 68 -1.63 -14.31 -4.85
CA LYS B 68 -1.60 -15.31 -3.76
C LYS B 68 -2.07 -14.76 -2.40
N LYS B 69 -2.21 -13.43 -2.31
CA LYS B 69 -2.66 -12.75 -1.07
C LYS B 69 -4.16 -12.42 -1.08
N GLY B 70 -4.80 -12.52 -2.25
CA GLY B 70 -6.22 -12.18 -2.42
C GLY B 70 -6.49 -11.05 -3.42
N VAL B 71 -5.46 -10.68 -4.20
CA VAL B 71 -5.55 -9.56 -5.15
C VAL B 71 -5.56 -10.13 -6.57
N LEU B 72 -6.62 -10.89 -6.84
CA LEU B 72 -6.68 -11.73 -8.06
C LEU B 72 -6.74 -10.94 -9.37
N ALA B 73 -7.38 -9.77 -9.37
CA ALA B 73 -7.49 -8.95 -10.56
C ALA B 73 -6.11 -8.41 -11.00
N LEU B 74 -5.88 -8.31 -12.31
CA LEU B 74 -4.70 -7.59 -12.82
C LEU B 74 -4.82 -6.08 -12.56
N GLY B 75 -6.04 -5.56 -12.64
CA GLY B 75 -6.28 -4.14 -12.43
C GLY B 75 -5.90 -3.75 -11.01
N ALA B 76 -6.61 -4.34 -10.06
CA ALA B 76 -6.21 -4.29 -8.64
C ALA B 76 -4.68 -4.30 -8.42
N ARG B 77 -4.02 -5.44 -8.74
CA ARG B 77 -2.59 -5.61 -8.41
C ARG B 77 -1.73 -4.51 -9.01
N ARG B 78 -1.93 -4.14 -10.27
CA ARG B 78 -1.17 -3.06 -10.92
C ARG B 78 -1.39 -1.71 -10.22
N LYS B 79 -2.61 -1.47 -9.72
CA LYS B 79 -2.90 -0.27 -8.92
C LYS B 79 -2.17 -0.28 -7.58
N LEU B 80 -2.00 -1.45 -6.95
CA LEU B 80 -1.17 -1.57 -5.75
C LEU B 80 0.29 -1.22 -6.08
N LEU B 81 0.88 -1.84 -7.12
CA LEU B 81 2.31 -1.65 -7.45
C LEU B 81 2.67 -0.18 -7.73
N LYS B 82 1.76 0.54 -8.37
CA LYS B 82 1.88 1.99 -8.56
C LYS B 82 1.85 2.76 -7.24
N ALA B 83 0.80 2.56 -6.46
CA ALA B 83 0.64 3.20 -5.15
C ALA B 83 1.88 2.96 -4.25
N PHE B 84 2.33 1.71 -4.23
CA PHE B 84 3.57 1.19 -3.65
C PHE B 84 4.81 1.92 -4.18
N GLY B 85 4.86 2.29 -5.44
CA GLY B 85 5.99 3.05 -5.97
C GLY B 85 6.04 4.47 -5.41
N ILE B 86 4.90 5.12 -5.11
CA ILE B 86 4.92 6.42 -4.46
C ILE B 86 5.57 6.30 -3.10
N VAL B 87 4.83 5.68 -2.18
CA VAL B 87 5.36 5.51 -0.80
C VAL B 87 6.86 5.12 -0.76
N ILE B 88 7.24 3.98 -1.35
CA ILE B 88 8.68 3.62 -1.51
C ILE B 88 9.55 4.80 -1.85
N ASP B 89 9.09 5.61 -2.81
CA ASP B 89 9.86 6.77 -3.27
C ASP B 89 10.09 7.73 -2.11
N TYR B 90 9.01 8.17 -1.47
CA TYR B 90 9.11 8.99 -0.27
C TYR B 90 9.87 8.34 0.90
N LYS B 91 9.85 7.01 0.97
CA LYS B 91 10.59 6.27 2.00
C LYS B 91 12.10 6.36 1.75
N GLU B 92 12.49 6.22 0.48
CA GLU B 92 13.90 6.37 0.08
C GLU B 92 14.39 7.83 0.06
N ARG B 93 13.43 8.76 -0.05
CA ARG B 93 13.71 10.20 0.09
C ARG B 93 13.72 10.64 1.55
N ASP B 94 13.05 9.85 2.41
CA ASP B 94 12.98 10.14 3.86
C ASP B 94 12.04 11.32 4.20
N LEU B 95 11.09 11.59 3.29
CA LEU B 95 10.05 12.63 3.52
C LEU B 95 8.92 12.13 4.45
N ILE B 96 8.99 10.85 4.84
CA ILE B 96 8.04 10.27 5.78
C ILE B 96 8.05 11.07 7.09
N ASP B 97 6.88 11.20 7.69
CA ASP B 97 6.73 11.89 8.99
C ASP B 97 7.34 11.14 10.19
N ARG B 98 8.00 10.00 9.92
CA ARG B 98 8.42 9.04 10.95
C ARG B 98 7.39 8.61 12.02
N SER B 99 6.17 9.06 11.79
CA SER B 99 5.00 8.69 12.59
C SER B 99 4.10 7.68 11.85
N ALA B 100 4.36 7.50 10.54
CA ALA B 100 3.70 6.47 9.74
C ALA B 100 4.12 5.04 10.16
N TYR B 101 5.34 4.94 10.70
CA TYR B 101 5.95 3.66 11.06
C TYR B 101 5.20 2.95 12.20
#